data_1IHX
#
_entry.id   1IHX
#
_cell.length_a   153.409
_cell.length_b   100.506
_cell.length_c   128.440
_cell.angle_alpha   90.00
_cell.angle_beta   110.49
_cell.angle_gamma   90.00
#
_symmetry.space_group_name_H-M   'C 1 2 1'
#
loop_
_entity.id
_entity.type
_entity.pdbx_description
1 polymer 'GLYCERALDEHYDE 3-PHOSPHATE DEHYDROGENASE'
2 non-polymer 'SULFATE ION'
3 non-polymer THIONICOTINAMIDE-ADENINE-DINUCLEOTIDE
4 water water
#
_entity_poly.entity_id   1
_entity_poly.type   'polypeptide(L)'
_entity_poly.pdbx_seq_one_letter_code
;SKIGINGFGRIGRLVLRTALEMGAQVVAVNDPFIALEYMVYMFKYDSTHGMFKGEVKVEDGALVVDGKKITVFNEMKPEN
IPWSKAGAEYIVESTGVFTTIEKASAHFKGGAKKVIISAPSADAPMFVCGVNLEKYSKDMKVVSNASCTTNCLAPVAKVL
HENFEIVEGLMTTVHAVTATQKTVDGPSAKDWRGGRGAAQNIIPSSTGAAKAVGKVIPELDGKLTGMAFRVPTPNVSVVD
LTVRLGKECSYDDIKAAMKTASEGPLQGVLGYTEDDVVSCDFTGDNRSSIFDAKAGIQLSKTFVKVVSWYDNEFGYSQRV
IDLIKHMQKVDSA
;
_entity_poly.pdbx_strand_id   A,B,C,D
#
# COMPACT_ATOMS: atom_id res chain seq x y z
N SER A 1 -22.42 4.29 -35.12
CA SER A 1 -21.17 3.83 -34.44
C SER A 1 -20.99 2.32 -34.52
N LYS A 2 -22.07 1.55 -34.33
CA LYS A 2 -22.01 0.09 -34.43
C LYS A 2 -20.70 -0.54 -33.97
N ILE A 3 -20.32 -0.28 -32.72
CA ILE A 3 -19.08 -0.80 -32.14
C ILE A 3 -19.26 -2.19 -31.49
N GLY A 4 -18.24 -3.03 -31.65
CA GLY A 4 -18.26 -4.36 -31.05
C GLY A 4 -16.98 -4.50 -30.24
N ILE A 5 -17.03 -5.21 -29.13
CA ILE A 5 -15.83 -5.40 -28.30
C ILE A 5 -15.49 -6.86 -28.10
N ASN A 6 -14.22 -7.19 -28.35
CA ASN A 6 -13.78 -8.57 -28.19
C ASN A 6 -12.84 -8.59 -26.98
N GLY A 7 -13.31 -9.23 -25.90
CA GLY A 7 -12.50 -9.28 -24.70
C GLY A 7 -12.99 -8.25 -23.69
N PHE A 8 -13.82 -8.71 -22.75
CA PHE A 8 -14.40 -7.84 -21.74
C PHE A 8 -13.46 -7.68 -20.52
N GLY A 9 -12.20 -7.34 -20.79
CA GLY A 9 -11.23 -7.15 -19.74
C GLY A 9 -11.24 -5.74 -19.15
N ARG A 10 -10.13 -5.34 -18.54
CA ARG A 10 -10.03 -4.02 -17.93
C ARG A 10 -10.24 -2.93 -19.00
N ILE A 11 -9.57 -3.06 -20.14
CA ILE A 11 -9.72 -2.10 -21.23
C ILE A 11 -11.11 -2.22 -21.85
N GLY A 12 -11.52 -3.46 -22.13
CA GLY A 12 -12.81 -3.70 -22.73
C GLY A 12 -13.99 -3.14 -21.96
N ARG A 13 -13.95 -3.27 -20.63
CA ARG A 13 -15.04 -2.75 -19.82
C ARG A 13 -14.98 -1.23 -19.71
N LEU A 14 -13.77 -0.69 -19.67
CA LEU A 14 -13.63 0.76 -19.59
C LEU A 14 -14.05 1.40 -20.90
N VAL A 15 -13.79 0.71 -22.01
CA VAL A 15 -14.19 1.22 -23.32
C VAL A 15 -15.71 1.28 -23.37
N LEU A 16 -16.38 0.29 -22.78
CA LEU A 16 -17.84 0.26 -22.75
C LEU A 16 -18.38 1.42 -21.92
N ARG A 17 -17.82 1.64 -20.74
CA ARG A 17 -18.27 2.75 -19.90
C ARG A 17 -18.09 4.06 -20.65
N THR A 18 -16.91 4.23 -21.23
CA THR A 18 -16.59 5.43 -21.96
C THR A 18 -17.57 5.66 -23.11
N ALA A 19 -17.88 4.59 -23.82
CA ALA A 19 -18.81 4.69 -24.94
C ALA A 19 -20.12 5.27 -24.45
N LEU A 20 -20.63 4.75 -23.34
CA LEU A 20 -21.89 5.23 -22.78
C LEU A 20 -21.78 6.71 -22.44
N GLU A 21 -20.63 7.15 -21.96
CA GLU A 21 -20.45 8.56 -21.65
C GLU A 21 -20.52 9.34 -22.93
N MET A 22 -19.52 9.15 -23.79
CA MET A 22 -19.42 9.85 -25.08
C MET A 22 -20.53 9.59 -26.08
N GLY A 23 -21.54 8.84 -25.67
CA GLY A 23 -22.65 8.56 -26.56
C GLY A 23 -22.40 7.63 -27.73
N ALA A 24 -21.30 6.88 -27.71
CA ALA A 24 -21.00 5.95 -28.78
C ALA A 24 -21.91 4.75 -28.61
N GLN A 25 -22.04 3.92 -29.64
CA GLN A 25 -22.91 2.76 -29.56
C GLN A 25 -22.22 1.39 -29.62
N VAL A 26 -22.30 0.62 -28.54
CA VAL A 26 -21.71 -0.71 -28.53
C VAL A 26 -22.87 -1.67 -28.66
N VAL A 27 -22.83 -2.54 -29.67
CA VAL A 27 -23.96 -3.45 -29.88
C VAL A 27 -23.71 -4.89 -29.50
N ALA A 28 -22.45 -5.29 -29.42
CA ALA A 28 -22.14 -6.67 -29.04
C ALA A 28 -20.79 -6.77 -28.36
N VAL A 29 -20.68 -7.78 -27.50
CA VAL A 29 -19.44 -8.06 -26.77
C VAL A 29 -19.13 -9.56 -26.83
N ASN A 30 -17.85 -9.90 -26.87
CA ASN A 30 -17.46 -11.28 -26.90
C ASN A 30 -16.37 -11.61 -25.90
N ASP A 31 -16.64 -12.60 -25.07
CA ASP A 31 -15.69 -13.08 -24.07
C ASP A 31 -16.13 -14.50 -23.67
N PRO A 32 -15.32 -15.50 -24.04
CA PRO A 32 -15.63 -16.90 -23.72
C PRO A 32 -15.29 -17.31 -22.28
N PHE A 33 -14.54 -16.50 -21.56
CA PHE A 33 -14.16 -16.84 -20.19
C PHE A 33 -14.96 -16.21 -19.08
N ILE A 34 -15.82 -15.25 -19.39
CA ILE A 34 -16.59 -14.58 -18.36
C ILE A 34 -18.06 -14.85 -18.53
N ALA A 35 -18.67 -15.47 -17.53
CA ALA A 35 -20.10 -15.77 -17.57
C ALA A 35 -20.90 -14.48 -17.62
N LEU A 36 -22.11 -14.57 -18.16
CA LEU A 36 -22.98 -13.43 -18.31
C LEU A 36 -23.27 -12.65 -17.03
N GLU A 37 -23.66 -13.32 -15.95
CA GLU A 37 -23.96 -12.62 -14.71
C GLU A 37 -22.68 -12.07 -14.05
N TYR A 38 -21.54 -12.65 -14.41
CA TYR A 38 -20.26 -12.19 -13.87
C TYR A 38 -19.85 -10.92 -14.62
N MET A 39 -20.29 -10.79 -15.87
CA MET A 39 -19.98 -9.60 -16.65
C MET A 39 -20.67 -8.41 -16.01
N VAL A 40 -21.89 -8.62 -15.54
CA VAL A 40 -22.66 -7.56 -14.90
C VAL A 40 -21.87 -7.03 -13.70
N TYR A 41 -21.39 -7.96 -12.88
CA TYR A 41 -20.64 -7.62 -11.69
C TYR A 41 -19.33 -6.88 -11.96
N MET A 42 -18.56 -7.36 -12.94
CA MET A 42 -17.29 -6.71 -13.24
C MET A 42 -17.48 -5.37 -13.90
N PHE A 43 -18.62 -5.18 -14.55
CA PHE A 43 -18.86 -3.90 -15.22
C PHE A 43 -19.38 -2.89 -14.21
N LYS A 44 -20.23 -3.35 -13.30
CA LYS A 44 -20.82 -2.50 -12.29
C LYS A 44 -19.83 -1.96 -11.26
N TYR A 45 -19.06 -2.85 -10.64
CA TYR A 45 -18.08 -2.49 -9.62
C TYR A 45 -16.66 -2.39 -10.12
N ASP A 46 -16.03 -1.25 -9.87
CA ASP A 46 -14.65 -1.02 -10.28
C ASP A 46 -13.92 -0.35 -9.10
N SER A 47 -12.92 -1.02 -8.56
CA SER A 47 -12.19 -0.49 -7.41
C SER A 47 -11.56 0.88 -7.61
N THR A 48 -11.19 1.21 -8.84
CA THR A 48 -10.55 2.49 -9.13
C THR A 48 -11.44 3.59 -9.69
N HIS A 49 -12.31 3.23 -10.64
CA HIS A 49 -13.16 4.22 -11.26
C HIS A 49 -14.56 4.19 -10.70
N GLY A 50 -14.69 3.47 -9.60
CA GLY A 50 -15.94 3.39 -8.89
C GLY A 50 -17.14 2.73 -9.52
N MET A 51 -18.20 2.76 -8.71
CA MET A 51 -19.51 2.22 -9.02
C MET A 51 -20.13 2.77 -10.27
N PHE A 52 -20.63 1.90 -11.13
CA PHE A 52 -21.25 2.39 -12.34
C PHE A 52 -22.66 2.89 -12.05
N LYS A 53 -22.84 4.20 -12.17
CA LYS A 53 -24.11 4.85 -11.91
C LYS A 53 -25.04 4.66 -13.10
N GLY A 54 -25.99 3.75 -12.96
CA GLY A 54 -26.91 3.47 -14.04
C GLY A 54 -27.38 2.05 -13.87
N GLU A 55 -28.34 1.62 -14.67
CA GLU A 55 -28.83 0.26 -14.54
C GLU A 55 -28.06 -0.72 -15.40
N VAL A 56 -27.76 -1.87 -14.82
CA VAL A 56 -27.04 -2.93 -15.50
C VAL A 56 -27.74 -4.24 -15.18
N LYS A 57 -28.13 -4.98 -16.20
CA LYS A 57 -28.78 -6.25 -15.93
C LYS A 57 -28.78 -7.22 -17.10
N VAL A 58 -28.88 -8.50 -16.75
CA VAL A 58 -28.92 -9.55 -17.73
C VAL A 58 -30.38 -9.69 -18.09
N GLU A 59 -30.65 -9.80 -19.39
CA GLU A 59 -32.03 -9.91 -19.84
C GLU A 59 -32.12 -10.62 -21.19
N ASP A 60 -32.54 -11.88 -21.14
CA ASP A 60 -32.69 -12.70 -22.34
C ASP A 60 -31.35 -13.02 -23.00
N GLY A 61 -30.38 -13.44 -22.18
CA GLY A 61 -29.07 -13.78 -22.70
C GLY A 61 -28.26 -12.58 -23.13
N ALA A 62 -28.82 -11.38 -22.95
CA ALA A 62 -28.12 -10.17 -23.32
C ALA A 62 -27.82 -9.31 -22.11
N LEU A 63 -26.93 -8.35 -22.29
CA LEU A 63 -26.54 -7.45 -21.24
C LEU A 63 -27.29 -6.14 -21.50
N VAL A 64 -28.00 -5.63 -20.51
CA VAL A 64 -28.72 -4.38 -20.72
C VAL A 64 -28.17 -3.28 -19.83
N VAL A 65 -27.64 -2.24 -20.46
CA VAL A 65 -27.06 -1.13 -19.71
C VAL A 65 -27.83 0.15 -20.04
N ASP A 66 -28.52 0.70 -19.04
CA ASP A 66 -29.28 1.92 -19.24
C ASP A 66 -30.27 1.73 -20.38
N GLY A 67 -30.92 0.58 -20.43
CA GLY A 67 -31.87 0.35 -21.49
C GLY A 67 -31.31 -0.13 -22.81
N LYS A 68 -30.02 0.10 -23.05
CA LYS A 68 -29.39 -0.35 -24.29
C LYS A 68 -29.07 -1.84 -24.25
N LYS A 69 -29.52 -2.57 -25.26
CA LYS A 69 -29.29 -4.02 -25.33
C LYS A 69 -27.96 -4.34 -26.00
N ILE A 70 -27.15 -5.15 -25.34
CA ILE A 70 -25.83 -5.53 -25.88
C ILE A 70 -25.74 -7.05 -26.02
N THR A 71 -25.64 -7.53 -27.26
CA THR A 71 -25.56 -8.96 -27.50
C THR A 71 -24.23 -9.50 -26.99
N VAL A 72 -24.28 -10.68 -26.39
CA VAL A 72 -23.10 -11.31 -25.81
C VAL A 72 -22.79 -12.66 -26.45
N PHE A 73 -21.55 -12.78 -26.94
CA PHE A 73 -21.08 -14.02 -27.57
C PHE A 73 -19.99 -14.62 -26.70
N ASN A 74 -19.77 -15.92 -26.83
CA ASN A 74 -18.74 -16.61 -26.04
C ASN A 74 -17.81 -17.42 -26.92
N GLU A 75 -17.43 -16.87 -28.08
CA GLU A 75 -16.56 -17.57 -29.01
C GLU A 75 -15.09 -17.47 -28.63
N MET A 76 -14.43 -18.60 -28.67
CA MET A 76 -13.01 -18.70 -28.37
C MET A 76 -12.19 -18.26 -29.59
N LYS A 77 -12.77 -18.44 -30.78
CA LYS A 77 -12.10 -18.08 -32.04
C LYS A 77 -12.79 -16.93 -32.77
N PRO A 78 -12.03 -15.85 -33.08
CA PRO A 78 -12.53 -14.66 -33.78
C PRO A 78 -13.36 -14.97 -35.02
N GLU A 79 -12.90 -15.92 -35.83
CA GLU A 79 -13.62 -16.28 -37.05
C GLU A 79 -15.05 -16.73 -36.80
N ASN A 80 -15.31 -17.25 -35.60
CA ASN A 80 -16.63 -17.75 -35.24
C ASN A 80 -17.59 -16.75 -34.61
N ILE A 81 -17.19 -15.50 -34.49
CA ILE A 81 -18.06 -14.51 -33.86
C ILE A 81 -19.00 -13.89 -34.90
N PRO A 82 -20.33 -14.02 -34.69
CA PRO A 82 -21.39 -13.52 -35.56
C PRO A 82 -21.53 -11.99 -35.57
N TRP A 83 -20.41 -11.28 -35.68
CA TRP A 83 -20.46 -9.83 -35.66
C TRP A 83 -21.62 -9.25 -36.45
N SER A 84 -21.74 -9.67 -37.71
CA SER A 84 -22.81 -9.18 -38.59
C SER A 84 -24.19 -9.44 -38.01
N LYS A 85 -24.35 -10.58 -37.33
CA LYS A 85 -25.61 -10.95 -36.69
C LYS A 85 -26.06 -9.82 -35.77
N ALA A 86 -25.15 -9.39 -34.91
CA ALA A 86 -25.41 -8.34 -33.93
C ALA A 86 -25.33 -6.94 -34.51
N GLY A 87 -24.85 -6.85 -35.75
CA GLY A 87 -24.76 -5.57 -36.41
C GLY A 87 -23.50 -4.82 -36.07
N ALA A 88 -22.51 -5.52 -35.53
CA ALA A 88 -21.24 -4.91 -35.16
C ALA A 88 -20.37 -4.69 -36.40
N GLU A 89 -19.85 -3.49 -36.58
CA GLU A 89 -19.00 -3.19 -37.73
C GLU A 89 -17.58 -2.81 -37.34
N TYR A 90 -17.45 -1.99 -36.31
CA TYR A 90 -16.12 -1.58 -35.85
C TYR A 90 -15.80 -2.35 -34.58
N ILE A 91 -14.83 -3.25 -34.71
CA ILE A 91 -14.43 -4.11 -33.61
C ILE A 91 -13.23 -3.63 -32.82
N VAL A 92 -13.44 -3.42 -31.52
CA VAL A 92 -12.36 -3.02 -30.62
C VAL A 92 -11.75 -4.35 -30.15
N GLU A 93 -10.54 -4.64 -30.59
CA GLU A 93 -9.86 -5.89 -30.24
C GLU A 93 -9.05 -5.64 -28.98
N SER A 94 -9.57 -6.10 -27.86
CA SER A 94 -8.90 -5.89 -26.57
C SER A 94 -8.70 -7.17 -25.75
N THR A 95 -8.30 -8.25 -26.41
CA THR A 95 -8.03 -9.50 -25.70
C THR A 95 -6.54 -9.54 -25.43
N GLY A 96 -5.76 -8.83 -26.25
CA GLY A 96 -4.32 -8.82 -26.09
C GLY A 96 -3.72 -10.06 -26.74
N VAL A 97 -4.54 -10.80 -27.48
CA VAL A 97 -4.10 -12.01 -28.16
C VAL A 97 -4.02 -11.92 -29.70
N PHE A 98 -4.94 -11.18 -30.30
CA PHE A 98 -4.98 -11.03 -31.75
C PHE A 98 -4.55 -9.63 -32.13
N THR A 99 -3.28 -9.33 -31.92
CA THR A 99 -2.75 -8.00 -32.19
C THR A 99 -2.02 -7.76 -33.51
N THR A 100 -1.90 -8.79 -34.35
CA THR A 100 -1.23 -8.61 -35.64
C THR A 100 -2.30 -8.56 -36.73
N ILE A 101 -1.97 -7.94 -37.85
CA ILE A 101 -2.93 -7.86 -38.95
C ILE A 101 -3.50 -9.23 -39.33
N GLU A 102 -2.60 -10.22 -39.40
CA GLU A 102 -3.02 -11.56 -39.77
C GLU A 102 -4.01 -12.14 -38.78
N LYS A 103 -3.67 -12.12 -37.49
CA LYS A 103 -4.57 -12.65 -36.47
C LYS A 103 -5.87 -11.87 -36.36
N ALA A 104 -5.76 -10.56 -36.42
CA ALA A 104 -6.91 -9.68 -36.34
C ALA A 104 -7.92 -9.83 -37.49
N SER A 105 -7.45 -10.23 -38.68
CA SER A 105 -8.33 -10.38 -39.83
C SER A 105 -9.42 -11.44 -39.70
N ALA A 106 -9.24 -12.35 -38.74
CA ALA A 106 -10.22 -13.41 -38.52
C ALA A 106 -11.59 -12.81 -38.22
N HIS A 107 -11.60 -11.56 -37.77
CA HIS A 107 -12.84 -10.87 -37.45
C HIS A 107 -13.68 -10.57 -38.68
N PHE A 108 -13.02 -10.42 -39.83
CA PHE A 108 -13.74 -10.13 -41.06
C PHE A 108 -14.58 -11.33 -41.45
N LYS A 109 -14.16 -12.50 -40.98
CA LYS A 109 -14.88 -13.73 -41.25
C LYS A 109 -16.33 -13.61 -40.79
N GLY A 110 -16.51 -13.01 -39.61
CA GLY A 110 -17.83 -12.86 -39.03
C GLY A 110 -18.66 -11.68 -39.49
N GLY A 111 -18.11 -10.87 -40.38
CA GLY A 111 -18.85 -9.73 -40.88
C GLY A 111 -18.31 -8.36 -40.49
N ALA A 112 -17.30 -8.31 -39.63
CA ALA A 112 -16.74 -7.03 -39.20
C ALA A 112 -16.19 -6.27 -40.41
N LYS A 113 -16.17 -4.93 -40.33
CA LYS A 113 -15.67 -4.10 -41.42
C LYS A 113 -14.30 -3.50 -41.09
N LYS A 114 -14.06 -3.23 -39.81
CA LYS A 114 -12.80 -2.66 -39.36
C LYS A 114 -12.41 -3.20 -38.00
N VAL A 115 -11.12 -3.26 -37.72
CA VAL A 115 -10.67 -3.76 -36.42
C VAL A 115 -9.68 -2.78 -35.82
N ILE A 116 -9.94 -2.36 -34.58
CA ILE A 116 -9.03 -1.46 -33.88
C ILE A 116 -8.37 -2.24 -32.76
N ILE A 117 -7.04 -2.41 -32.85
CA ILE A 117 -6.30 -3.13 -31.83
C ILE A 117 -6.01 -2.17 -30.67
N SER A 118 -6.55 -2.46 -29.51
CA SER A 118 -6.33 -1.60 -28.37
C SER A 118 -5.03 -1.98 -27.67
N ALA A 119 -3.96 -2.04 -28.44
CA ALA A 119 -2.63 -2.40 -27.95
C ALA A 119 -1.59 -2.21 -29.05
N PRO A 120 -0.30 -2.23 -28.70
CA PRO A 120 0.68 -2.05 -29.77
C PRO A 120 0.55 -3.24 -30.70
N SER A 121 0.96 -3.06 -31.95
CA SER A 121 0.87 -4.13 -32.93
C SER A 121 2.21 -4.17 -33.67
N ALA A 122 2.68 -5.37 -33.96
CA ALA A 122 3.93 -5.51 -34.67
C ALA A 122 3.82 -4.98 -36.09
N ASP A 123 2.63 -5.06 -36.70
CA ASP A 123 2.48 -4.59 -38.07
C ASP A 123 1.29 -3.70 -38.39
N ALA A 124 0.28 -3.66 -37.53
CA ALA A 124 -0.87 -2.81 -37.83
C ALA A 124 -0.45 -1.38 -37.67
N PRO A 125 -0.81 -0.49 -38.61
CA PRO A 125 -0.39 0.90 -38.42
C PRO A 125 -0.87 1.44 -37.07
N MET A 126 0.00 2.18 -36.38
CA MET A 126 -0.34 2.73 -35.07
C MET A 126 -0.70 4.21 -35.08
N PHE A 127 -1.73 4.56 -34.31
CA PHE A 127 -2.18 5.93 -34.24
C PHE A 127 -2.28 6.46 -32.82
N VAL A 128 -2.01 7.75 -32.66
CA VAL A 128 -2.12 8.43 -31.38
C VAL A 128 -2.92 9.67 -31.71
N CYS A 129 -4.17 9.72 -31.27
CA CYS A 129 -5.02 10.88 -31.54
C CYS A 129 -4.30 12.17 -31.26
N GLY A 130 -4.36 13.11 -32.19
CA GLY A 130 -3.72 14.39 -32.00
C GLY A 130 -2.31 14.45 -32.54
N VAL A 131 -1.71 13.29 -32.78
CA VAL A 131 -0.34 13.28 -33.29
C VAL A 131 -0.23 12.95 -34.78
N ASN A 132 -0.86 11.85 -35.22
CA ASN A 132 -0.77 11.44 -36.61
C ASN A 132 -2.03 10.91 -37.29
N LEU A 133 -3.21 11.42 -36.95
CA LEU A 133 -4.41 10.90 -37.60
C LEU A 133 -4.41 11.22 -39.09
N GLU A 134 -3.49 12.11 -39.51
CA GLU A 134 -3.34 12.52 -40.91
C GLU A 134 -2.97 11.34 -41.81
N LYS A 135 -2.32 10.36 -41.21
CA LYS A 135 -1.84 9.17 -41.88
C LYS A 135 -2.94 8.13 -42.13
N TYR A 136 -4.06 8.25 -41.43
CA TYR A 136 -5.14 7.28 -41.59
C TYR A 136 -5.86 7.35 -42.93
N SER A 137 -6.03 6.19 -43.57
CA SER A 137 -6.72 6.07 -44.84
C SER A 137 -7.92 5.14 -44.69
N LYS A 138 -8.99 5.40 -45.45
CA LYS A 138 -10.20 4.58 -45.33
C LYS A 138 -10.02 3.13 -45.70
N ASP A 139 -8.98 2.80 -46.46
CA ASP A 139 -8.81 1.40 -46.80
C ASP A 139 -7.91 0.61 -45.85
N MET A 140 -7.57 1.18 -44.70
CA MET A 140 -6.79 0.44 -43.73
C MET A 140 -7.86 -0.35 -42.99
N LYS A 141 -7.75 -1.68 -42.97
CA LYS A 141 -8.75 -2.52 -42.34
C LYS A 141 -8.45 -2.84 -40.89
N VAL A 142 -7.18 -2.83 -40.52
CA VAL A 142 -6.78 -3.10 -39.14
C VAL A 142 -5.82 -2.01 -38.65
N VAL A 143 -6.14 -1.38 -37.52
CA VAL A 143 -5.27 -0.34 -36.96
C VAL A 143 -5.02 -0.57 -35.47
N SER A 144 -3.98 0.08 -34.95
CA SER A 144 -3.61 -0.04 -33.55
C SER A 144 -3.64 1.35 -32.89
N ASN A 145 -4.08 1.39 -31.63
CA ASN A 145 -4.15 2.64 -30.88
C ASN A 145 -2.93 2.78 -29.96
N ALA A 146 -1.87 2.05 -30.31
CA ALA A 146 -0.64 2.09 -29.52
C ALA A 146 -0.95 1.67 -28.09
N SER A 147 -0.11 2.12 -27.16
CA SER A 147 -0.28 1.79 -25.75
C SER A 147 -0.66 3.02 -24.91
N CYS A 148 -1.03 2.76 -23.68
CA CYS A 148 -1.40 3.81 -22.74
C CYS A 148 -0.22 4.81 -22.67
N THR A 149 0.99 4.31 -22.45
CA THR A 149 2.17 5.18 -22.31
C THR A 149 2.56 5.96 -23.57
N THR A 150 2.36 5.36 -24.74
CA THR A 150 2.72 6.04 -25.98
C THR A 150 1.80 7.25 -26.19
N ASN A 151 0.53 7.08 -25.81
CA ASN A 151 -0.44 8.14 -25.93
C ASN A 151 -0.14 9.31 -25.00
N CYS A 152 0.66 9.04 -23.96
CA CYS A 152 1.08 10.10 -23.04
C CYS A 152 2.32 10.83 -23.58
N LEU A 153 3.32 10.06 -23.99
CA LEU A 153 4.57 10.59 -24.52
C LEU A 153 4.44 11.30 -25.86
N ALA A 154 3.80 10.64 -26.84
CA ALA A 154 3.65 11.20 -28.19
C ALA A 154 3.24 12.68 -28.26
N PRO A 155 2.15 13.06 -27.58
CA PRO A 155 1.69 14.45 -27.59
C PRO A 155 2.77 15.41 -27.11
N VAL A 156 3.39 15.07 -25.99
CA VAL A 156 4.46 15.88 -25.39
C VAL A 156 5.69 15.95 -26.29
N ALA A 157 6.07 14.81 -26.86
CA ALA A 157 7.23 14.76 -27.74
C ALA A 157 6.96 15.61 -28.99
N LYS A 158 5.73 15.51 -29.51
CA LYS A 158 5.35 16.28 -30.68
C LYS A 158 5.50 17.78 -30.46
N VAL A 159 4.98 18.28 -29.34
CA VAL A 159 5.06 19.70 -29.04
C VAL A 159 6.51 20.15 -28.86
N LEU A 160 7.29 19.36 -28.12
CA LEU A 160 8.70 19.69 -27.89
C LEU A 160 9.43 19.70 -29.21
N HIS A 161 9.28 18.62 -29.97
CA HIS A 161 9.96 18.47 -31.25
C HIS A 161 9.69 19.54 -32.29
N GLU A 162 8.42 19.85 -32.51
CA GLU A 162 8.04 20.86 -33.49
C GLU A 162 8.44 22.27 -33.12
N ASN A 163 8.88 22.47 -31.89
CA ASN A 163 9.25 23.80 -31.44
C ASN A 163 10.73 23.98 -31.14
N PHE A 164 11.38 22.95 -30.61
CA PHE A 164 12.78 23.08 -30.26
C PHE A 164 13.63 21.95 -30.83
N GLU A 165 12.95 20.97 -31.40
CA GLU A 165 13.60 19.82 -32.01
C GLU A 165 14.29 18.88 -31.04
N ILE A 166 13.79 17.66 -30.96
CA ILE A 166 14.38 16.68 -30.08
C ILE A 166 15.56 16.01 -30.78
N VAL A 167 16.75 16.22 -30.22
CA VAL A 167 17.97 15.64 -30.75
C VAL A 167 18.04 14.18 -30.27
N GLU A 168 17.74 13.98 -28.99
CA GLU A 168 17.75 12.64 -28.39
C GLU A 168 17.13 12.74 -27.00
N GLY A 169 16.55 11.64 -26.52
CA GLY A 169 15.93 11.65 -25.22
C GLY A 169 15.77 10.29 -24.58
N LEU A 170 15.83 10.27 -23.26
CA LEU A 170 15.68 9.04 -22.50
C LEU A 170 14.46 9.23 -21.62
N MET A 171 13.67 8.16 -21.50
CA MET A 171 12.45 8.23 -20.73
C MET A 171 12.28 7.21 -19.62
N THR A 172 11.62 7.63 -18.56
CA THR A 172 11.32 6.75 -17.45
C THR A 172 9.85 6.98 -17.14
N THR A 173 9.09 5.90 -17.06
CA THR A 173 7.70 6.03 -16.70
C THR A 173 7.56 5.38 -15.31
N VAL A 174 7.20 6.19 -14.32
CA VAL A 174 7.00 5.67 -12.97
C VAL A 174 5.54 5.20 -13.10
N HIS A 175 5.39 3.88 -13.15
CA HIS A 175 4.11 3.25 -13.44
C HIS A 175 3.38 2.55 -12.31
N ALA A 176 2.05 2.68 -12.31
CA ALA A 176 1.20 2.04 -11.30
C ALA A 176 1.20 0.52 -11.50
N VAL A 177 0.76 -0.21 -10.48
CA VAL A 177 0.72 -1.67 -10.55
C VAL A 177 -0.18 -2.15 -11.68
N THR A 178 0.24 -3.22 -12.36
CA THR A 178 -0.52 -3.79 -13.47
C THR A 178 -1.03 -5.19 -13.16
N ALA A 179 -1.97 -5.66 -13.98
CA ALA A 179 -2.57 -6.98 -13.81
C ALA A 179 -1.60 -8.13 -14.00
N THR A 180 -0.51 -7.89 -14.72
CA THR A 180 0.46 -8.94 -14.96
C THR A 180 1.43 -9.08 -13.80
N GLN A 181 1.20 -8.31 -12.73
CA GLN A 181 2.08 -8.38 -11.56
C GLN A 181 1.54 -9.34 -10.52
N LYS A 182 2.31 -9.57 -9.46
CA LYS A 182 1.90 -10.50 -8.41
C LYS A 182 1.81 -9.88 -7.02
N THR A 183 0.85 -10.35 -6.23
CA THR A 183 0.66 -9.85 -4.87
C THR A 183 1.83 -10.23 -3.96
N VAL A 184 2.39 -11.40 -4.18
CA VAL A 184 3.51 -11.87 -3.39
C VAL A 184 4.51 -12.55 -4.33
N ASP A 185 5.76 -12.67 -3.89
CA ASP A 185 6.80 -13.30 -4.69
C ASP A 185 6.30 -14.60 -5.32
N GLY A 186 6.22 -14.59 -6.65
CA GLY A 186 5.75 -15.76 -7.37
C GLY A 186 6.46 -15.93 -8.70
N PRO A 187 6.22 -17.04 -9.41
CA PRO A 187 6.85 -17.31 -10.71
C PRO A 187 6.41 -16.41 -11.86
N SER A 188 7.39 -15.90 -12.58
CA SER A 188 7.18 -15.06 -13.75
C SER A 188 8.42 -15.29 -14.62
N ALA A 189 8.50 -16.48 -15.23
CA ALA A 189 9.64 -16.89 -16.05
C ALA A 189 10.07 -15.90 -17.13
N LYS A 190 9.11 -15.17 -17.68
CA LYS A 190 9.42 -14.20 -18.72
C LYS A 190 9.93 -12.87 -18.16
N ASP A 191 9.79 -12.68 -16.85
CA ASP A 191 10.22 -11.45 -16.22
C ASP A 191 10.38 -11.71 -14.73
N TRP A 192 11.60 -12.05 -14.33
CA TRP A 192 11.89 -12.35 -12.94
C TRP A 192 11.54 -11.23 -11.97
N ARG A 193 11.85 -9.99 -12.33
CA ARG A 193 11.56 -8.88 -11.43
C ARG A 193 10.05 -8.72 -11.32
N GLY A 194 9.37 -8.90 -12.46
CA GLY A 194 7.93 -8.75 -12.51
C GLY A 194 7.16 -9.72 -11.65
N GLY A 195 7.83 -10.75 -11.14
CA GLY A 195 7.14 -11.71 -10.29
C GLY A 195 7.26 -11.41 -8.80
N ARG A 196 8.13 -10.46 -8.45
CA ARG A 196 8.35 -10.09 -7.05
C ARG A 196 7.13 -9.33 -6.51
N GLY A 197 6.81 -9.52 -5.22
CA GLY A 197 5.68 -8.87 -4.60
C GLY A 197 5.48 -7.41 -5.04
N ALA A 198 4.33 -7.15 -5.65
CA ALA A 198 4.03 -5.81 -6.16
C ALA A 198 3.78 -4.72 -5.12
N ALA A 199 3.20 -5.09 -3.98
CA ALA A 199 2.89 -4.11 -2.94
C ALA A 199 4.10 -3.70 -2.10
N GLN A 200 5.14 -4.53 -2.13
CA GLN A 200 6.35 -4.29 -1.35
C GLN A 200 7.50 -3.61 -2.10
N ASN A 201 7.48 -3.66 -3.43
CA ASN A 201 8.63 -3.18 -4.19
C ASN A 201 8.52 -2.12 -5.26
N ILE A 202 9.69 -1.57 -5.57
CA ILE A 202 9.84 -0.63 -6.67
C ILE A 202 10.45 -1.64 -7.65
N ILE A 203 9.79 -1.87 -8.78
CA ILE A 203 10.26 -2.86 -9.72
C ILE A 203 10.69 -2.34 -11.09
N PRO A 204 12.01 -2.36 -11.37
CA PRO A 204 12.51 -1.89 -12.66
C PRO A 204 11.81 -2.75 -13.69
N SER A 205 11.42 -2.15 -14.81
CA SER A 205 10.70 -2.88 -15.83
C SER A 205 10.93 -2.31 -17.21
N SER A 206 10.23 -2.83 -18.20
CA SER A 206 10.39 -2.35 -19.57
C SER A 206 9.19 -1.60 -20.13
N THR A 207 9.41 -0.95 -21.25
CA THR A 207 8.37 -0.22 -21.94
C THR A 207 8.82 -0.08 -23.37
N GLY A 208 7.86 -0.18 -24.30
CA GLY A 208 8.21 -0.04 -25.70
C GLY A 208 7.75 1.30 -26.21
N ALA A 209 7.17 2.09 -25.31
CA ALA A 209 6.64 3.41 -25.62
C ALA A 209 7.60 4.33 -26.35
N ALA A 210 8.86 4.36 -25.93
CA ALA A 210 9.84 5.21 -26.57
C ALA A 210 10.06 4.79 -28.03
N LYS A 211 10.23 3.48 -28.25
CA LYS A 211 10.42 2.99 -29.60
C LYS A 211 9.19 3.27 -30.44
N ALA A 212 8.02 3.01 -29.86
CA ALA A 212 6.74 3.24 -30.52
C ALA A 212 6.58 4.68 -30.98
N VAL A 213 7.09 5.62 -30.21
CA VAL A 213 6.97 7.01 -30.63
C VAL A 213 7.74 7.24 -31.93
N GLY A 214 8.72 6.37 -32.18
CA GLY A 214 9.50 6.49 -33.40
C GLY A 214 8.69 6.12 -34.61
N LYS A 215 7.63 5.35 -34.40
CA LYS A 215 6.75 4.94 -35.47
C LYS A 215 5.61 5.94 -35.69
N VAL A 216 5.18 6.60 -34.61
CA VAL A 216 4.11 7.58 -34.69
C VAL A 216 4.62 8.94 -35.18
N ILE A 217 5.87 9.25 -34.84
CA ILE A 217 6.52 10.48 -35.26
C ILE A 217 7.87 10.00 -35.83
N PRO A 218 7.87 9.62 -37.11
CA PRO A 218 9.06 9.12 -37.83
C PRO A 218 10.38 9.87 -37.62
N GLU A 219 10.35 11.19 -37.58
CA GLU A 219 11.60 11.92 -37.39
C GLU A 219 12.29 11.58 -36.08
N LEU A 220 11.51 11.13 -35.10
CA LEU A 220 12.08 10.81 -33.80
C LEU A 220 12.53 9.37 -33.72
N ASP A 221 12.21 8.59 -34.75
CA ASP A 221 12.58 7.19 -34.76
C ASP A 221 14.07 7.02 -34.49
N GLY A 222 14.39 6.19 -33.49
CA GLY A 222 15.79 5.95 -33.13
C GLY A 222 16.44 7.00 -32.26
N LYS A 223 15.68 8.00 -31.81
CA LYS A 223 16.24 9.06 -30.97
C LYS A 223 15.75 8.98 -29.53
N LEU A 224 14.83 8.07 -29.26
CA LEU A 224 14.29 7.95 -27.93
C LEU A 224 14.29 6.51 -27.48
N THR A 225 14.43 6.31 -26.18
CA THR A 225 14.38 4.97 -25.60
C THR A 225 14.06 5.19 -24.14
N GLY A 226 13.72 4.12 -23.43
CA GLY A 226 13.39 4.30 -22.03
C GLY A 226 13.12 3.05 -21.24
N MET A 227 12.73 3.24 -19.99
CA MET A 227 12.44 2.13 -19.09
C MET A 227 11.28 2.52 -18.17
N ALA A 228 10.92 1.64 -17.26
CA ALA A 228 9.84 1.89 -16.33
C ALA A 228 10.17 1.41 -14.92
N PHE A 229 9.42 1.91 -13.96
CA PHE A 229 9.55 1.49 -12.56
C PHE A 229 8.13 1.22 -12.14
N ARG A 230 7.85 0.01 -11.66
CA ARG A 230 6.50 -0.31 -11.20
C ARG A 230 6.47 0.01 -9.72
N VAL A 231 5.55 0.88 -9.30
CA VAL A 231 5.44 1.25 -7.89
C VAL A 231 4.11 0.80 -7.31
N PRO A 232 4.02 0.70 -5.97
CA PRO A 232 2.78 0.25 -5.34
C PRO A 232 1.55 1.16 -5.36
N THR A 233 1.24 1.81 -6.47
CA THR A 233 0.03 2.63 -6.51
C THR A 233 -0.94 1.91 -7.44
N PRO A 234 -2.25 1.98 -7.12
CA PRO A 234 -3.34 1.34 -7.86
C PRO A 234 -3.62 1.85 -9.27
N ASN A 235 -3.46 3.16 -9.48
CA ASN A 235 -3.72 3.73 -10.81
C ASN A 235 -3.01 5.07 -11.05
N VAL A 236 -2.85 5.42 -12.33
CA VAL A 236 -2.20 6.66 -12.75
C VAL A 236 -0.70 6.55 -12.73
N SER A 237 -0.10 6.84 -13.88
CA SER A 237 1.35 6.79 -14.02
C SER A 237 1.87 8.15 -14.43
N VAL A 238 3.19 8.30 -14.48
CA VAL A 238 3.78 9.58 -14.86
C VAL A 238 5.02 9.37 -15.75
N VAL A 239 5.12 10.16 -16.82
CA VAL A 239 6.26 10.09 -17.71
C VAL A 239 7.33 11.14 -17.37
N ASP A 240 8.54 10.65 -17.09
CA ASP A 240 9.69 11.48 -16.76
C ASP A 240 10.56 11.45 -18.02
N LEU A 241 10.51 12.52 -18.79
CA LEU A 241 11.24 12.58 -20.06
C LEU A 241 12.39 13.56 -20.00
N THR A 242 13.60 13.06 -20.29
CA THR A 242 14.80 13.89 -20.28
C THR A 242 15.24 13.99 -21.74
N VAL A 243 15.23 15.21 -22.29
CA VAL A 243 15.61 15.42 -23.68
C VAL A 243 16.69 16.48 -23.91
N ARG A 244 17.39 16.31 -25.03
CA ARG A 244 18.41 17.25 -25.44
C ARG A 244 17.76 17.92 -26.66
N LEU A 245 17.59 19.23 -26.59
CA LEU A 245 16.95 19.97 -27.66
C LEU A 245 17.94 20.59 -28.65
N GLY A 246 17.48 20.82 -29.87
CA GLY A 246 18.31 21.41 -30.89
C GLY A 246 18.34 22.93 -30.88
N LYS A 247 17.27 23.54 -30.39
CA LYS A 247 17.15 25.01 -30.30
C LYS A 247 17.26 25.43 -28.84
N GLU A 248 18.00 26.50 -28.56
CA GLU A 248 18.13 26.96 -27.17
C GLU A 248 16.79 27.53 -26.74
N CYS A 249 16.44 27.37 -25.48
CA CYS A 249 15.17 27.90 -25.01
C CYS A 249 15.12 27.93 -23.50
N SER A 250 14.13 28.64 -22.98
CA SER A 250 13.95 28.75 -21.55
C SER A 250 12.80 27.84 -21.18
N TYR A 251 12.74 27.43 -19.91
CA TYR A 251 11.67 26.54 -19.48
C TYR A 251 10.32 27.25 -19.66
N ASP A 252 10.34 28.57 -19.68
CA ASP A 252 9.12 29.34 -19.89
C ASP A 252 8.58 29.17 -21.31
N ASP A 253 9.48 29.09 -22.29
CA ASP A 253 9.07 28.89 -23.67
C ASP A 253 8.39 27.53 -23.80
N ILE A 254 8.88 26.57 -23.01
CA ILE A 254 8.35 25.22 -23.03
C ILE A 254 6.96 25.19 -22.40
N LYS A 255 6.79 25.86 -21.27
CA LYS A 255 5.48 25.89 -20.63
C LYS A 255 4.50 26.61 -21.53
N ALA A 256 4.96 27.67 -22.18
CA ALA A 256 4.14 28.44 -23.13
C ALA A 256 3.70 27.54 -24.27
N ALA A 257 4.64 26.79 -24.86
CA ALA A 257 4.30 25.91 -25.95
C ALA A 257 3.29 24.87 -25.53
N MET A 258 3.47 24.28 -24.36
CA MET A 258 2.54 23.26 -23.89
C MET A 258 1.16 23.86 -23.63
N LYS A 259 1.13 25.02 -23.00
CA LYS A 259 -0.13 25.67 -22.68
C LYS A 259 -0.90 26.02 -23.95
N THR A 260 -0.21 26.57 -24.94
CA THR A 260 -0.84 26.92 -26.21
C THR A 260 -1.44 25.68 -26.87
N ALA A 261 -0.65 24.60 -26.91
CA ALA A 261 -1.09 23.36 -27.52
C ALA A 261 -2.35 22.82 -26.84
N SER A 262 -2.36 22.87 -25.51
CA SER A 262 -3.47 22.33 -24.75
C SER A 262 -4.76 23.09 -24.95
N GLU A 263 -4.66 24.38 -25.27
CA GLU A 263 -5.87 25.18 -25.48
C GLU A 263 -6.29 25.09 -26.94
N GLY A 264 -5.33 24.83 -27.83
CA GLY A 264 -5.65 24.76 -29.24
C GLY A 264 -5.78 23.38 -29.85
N PRO A 265 -4.93 23.04 -30.82
CA PRO A 265 -4.94 21.75 -31.51
C PRO A 265 -4.92 20.49 -30.67
N LEU A 266 -4.26 20.50 -29.51
CA LEU A 266 -4.24 19.28 -28.72
C LEU A 266 -5.23 19.30 -27.56
N GLN A 267 -6.18 20.22 -27.60
CA GLN A 267 -7.19 20.31 -26.55
C GLN A 267 -7.98 19.02 -26.39
N GLY A 268 -8.05 18.51 -25.17
CA GLY A 268 -8.77 17.27 -24.95
C GLY A 268 -7.80 16.10 -24.98
N VAL A 269 -6.61 16.33 -25.53
CA VAL A 269 -5.61 15.30 -25.62
C VAL A 269 -4.48 15.61 -24.63
N LEU A 270 -3.89 16.80 -24.76
CA LEU A 270 -2.80 17.24 -23.87
C LEU A 270 -3.33 18.28 -22.90
N GLY A 271 -3.24 17.97 -21.61
CA GLY A 271 -3.69 18.90 -20.59
C GLY A 271 -2.48 19.68 -20.10
N TYR A 272 -2.73 20.76 -19.36
CA TYR A 272 -1.65 21.60 -18.82
C TYR A 272 -2.04 22.04 -17.40
N THR A 273 -1.07 21.99 -16.48
CA THR A 273 -1.34 22.38 -15.11
C THR A 273 -0.14 22.97 -14.40
N GLU A 274 -0.41 23.95 -13.52
CA GLU A 274 0.64 24.58 -12.73
C GLU A 274 0.32 24.38 -11.26
N ASP A 275 -0.66 23.54 -10.96
CA ASP A 275 -1.06 23.27 -9.59
C ASP A 275 -0.14 22.23 -8.97
N ASP A 276 -0.18 22.14 -7.64
CA ASP A 276 0.63 21.18 -6.90
C ASP A 276 -0.08 19.85 -6.82
N VAL A 277 -0.19 19.21 -7.98
CA VAL A 277 -0.89 17.94 -8.14
C VAL A 277 -0.10 16.68 -7.73
N VAL A 278 -0.83 15.61 -7.48
CA VAL A 278 -0.24 14.31 -7.14
C VAL A 278 -1.02 13.29 -7.96
N SER A 279 -0.47 12.08 -8.11
CA SER A 279 -1.12 11.08 -8.94
C SER A 279 -2.65 10.91 -8.78
N CYS A 280 -3.18 10.87 -7.56
CA CYS A 280 -4.62 10.70 -7.40
C CYS A 280 -5.50 11.78 -8.02
N ASP A 281 -4.95 12.98 -8.23
CA ASP A 281 -5.72 14.07 -8.81
C ASP A 281 -6.06 13.82 -10.26
N PHE A 282 -5.57 12.72 -10.82
CA PHE A 282 -5.82 12.41 -12.22
C PHE A 282 -6.64 11.18 -12.49
N THR A 283 -7.13 10.54 -11.43
CA THR A 283 -7.98 9.37 -11.63
C THR A 283 -9.23 9.84 -12.33
N GLY A 284 -9.55 9.19 -13.44
CA GLY A 284 -10.73 9.56 -14.17
C GLY A 284 -10.50 10.74 -15.09
N ASP A 285 -9.25 11.08 -15.38
CA ASP A 285 -9.01 12.19 -16.28
C ASP A 285 -9.08 11.73 -17.73
N ASN A 286 -9.80 12.49 -18.56
CA ASN A 286 -9.99 12.20 -19.98
C ASN A 286 -8.74 12.34 -20.85
N ARG A 287 -7.89 13.31 -20.55
CA ARG A 287 -6.73 13.53 -21.40
C ARG A 287 -5.72 12.41 -21.40
N SER A 288 -5.00 12.29 -22.52
CA SER A 288 -4.00 11.25 -22.71
C SER A 288 -2.71 11.58 -21.96
N SER A 289 -2.48 12.87 -21.76
CA SER A 289 -1.26 13.32 -21.13
C SER A 289 -1.44 14.72 -20.51
N ILE A 290 -1.09 14.87 -19.23
CA ILE A 290 -1.21 16.18 -18.60
C ILE A 290 0.17 16.68 -18.18
N PHE A 291 0.59 17.79 -18.79
CA PHE A 291 1.89 18.41 -18.51
C PHE A 291 1.91 19.07 -17.14
N ASP A 292 2.82 18.63 -16.28
CA ASP A 292 2.96 19.17 -14.93
C ASP A 292 4.04 20.24 -15.01
N ALA A 293 3.60 21.49 -15.07
CA ALA A 293 4.52 22.62 -15.20
C ALA A 293 5.57 22.75 -14.08
N LYS A 294 5.11 22.72 -12.84
CA LYS A 294 6.00 22.87 -11.71
C LYS A 294 6.99 21.74 -11.48
N ALA A 295 6.63 20.53 -11.87
CA ALA A 295 7.51 19.38 -11.66
C ALA A 295 8.76 19.30 -12.54
N GLY A 296 8.77 19.98 -13.68
CA GLY A 296 9.92 19.91 -14.57
C GLY A 296 11.12 20.77 -14.21
N ILE A 297 12.30 20.37 -14.67
CA ILE A 297 13.54 21.09 -14.39
C ILE A 297 14.39 21.24 -15.63
N GLN A 298 15.05 22.39 -15.75
CA GLN A 298 15.92 22.65 -16.89
C GLN A 298 17.34 22.89 -16.38
N LEU A 299 18.30 22.17 -16.95
CA LEU A 299 19.70 22.30 -16.55
C LEU A 299 20.42 23.35 -17.40
N SER A 300 20.14 23.35 -18.69
CA SER A 300 20.75 24.31 -19.61
C SER A 300 19.72 24.65 -20.69
N LYS A 301 20.08 25.58 -21.58
CA LYS A 301 19.15 26.00 -22.63
C LYS A 301 18.75 24.91 -23.60
N THR A 302 19.40 23.75 -23.52
CA THR A 302 19.09 22.64 -24.40
C THR A 302 18.96 21.29 -23.72
N PHE A 303 19.01 21.27 -22.38
CA PHE A 303 18.90 20.02 -21.62
C PHE A 303 17.82 20.21 -20.54
N VAL A 304 16.71 19.48 -20.69
CA VAL A 304 15.60 19.60 -19.75
C VAL A 304 14.86 18.29 -19.43
N LYS A 305 14.25 18.24 -18.24
CA LYS A 305 13.48 17.10 -17.79
C LYS A 305 12.03 17.59 -17.70
N VAL A 306 11.15 16.93 -18.43
CA VAL A 306 9.75 17.31 -18.49
C VAL A 306 8.90 16.18 -17.90
N VAL A 307 7.82 16.52 -17.22
CA VAL A 307 6.97 15.51 -16.56
C VAL A 307 5.51 15.55 -17.03
N SER A 308 4.95 14.38 -17.29
CA SER A 308 3.58 14.33 -17.76
C SER A 308 2.77 13.16 -17.18
N TRP A 309 1.60 13.47 -16.64
CA TRP A 309 0.73 12.46 -16.04
C TRP A 309 -0.23 11.87 -17.05
N TYR A 310 -0.79 10.71 -16.71
CA TYR A 310 -1.78 10.04 -17.53
C TYR A 310 -2.45 8.95 -16.68
N ASP A 311 -3.76 8.84 -16.79
CA ASP A 311 -4.47 7.81 -16.03
C ASP A 311 -4.38 6.62 -16.99
N ASN A 312 -3.78 5.57 -16.50
CA ASN A 312 -3.51 4.38 -17.29
C ASN A 312 -4.43 3.97 -18.40
N GLU A 313 -5.46 3.25 -18.04
CA GLU A 313 -6.40 2.74 -19.01
C GLU A 313 -7.56 3.67 -19.29
N PHE A 314 -7.82 4.62 -18.38
CA PHE A 314 -8.95 5.51 -18.55
C PHE A 314 -8.83 6.56 -19.68
N GLY A 315 -7.69 7.24 -19.75
CA GLY A 315 -7.51 8.18 -20.82
C GLY A 315 -7.40 7.41 -22.12
N TYR A 316 -6.75 6.25 -22.07
CA TYR A 316 -6.58 5.40 -23.24
C TYR A 316 -7.93 4.98 -23.83
N SER A 317 -8.86 4.62 -22.97
CA SER A 317 -10.20 4.21 -23.38
C SER A 317 -10.94 5.33 -24.08
N GLN A 318 -10.78 6.56 -23.59
CA GLN A 318 -11.45 7.67 -24.25
C GLN A 318 -10.84 7.78 -25.67
N ARG A 319 -9.54 7.58 -25.79
CA ARG A 319 -8.89 7.68 -27.08
C ARG A 319 -9.34 6.60 -28.06
N VAL A 320 -9.67 5.41 -27.57
CA VAL A 320 -10.13 4.36 -28.46
C VAL A 320 -11.41 4.82 -29.18
N ILE A 321 -12.37 5.32 -28.42
CA ILE A 321 -13.62 5.80 -29.01
C ILE A 321 -13.30 6.97 -29.95
N ASP A 322 -12.44 7.88 -29.51
CA ASP A 322 -12.08 9.02 -30.34
C ASP A 322 -11.55 8.56 -31.68
N LEU A 323 -10.70 7.53 -31.66
CA LEU A 323 -10.11 7.00 -32.89
C LEU A 323 -11.20 6.39 -33.78
N ILE A 324 -12.12 5.65 -33.19
CA ILE A 324 -13.19 5.05 -33.97
C ILE A 324 -14.07 6.14 -34.60
N LYS A 325 -14.22 7.26 -33.90
CA LYS A 325 -15.03 8.35 -34.43
C LYS A 325 -14.39 8.98 -35.62
N HIS A 326 -13.10 9.26 -35.52
CA HIS A 326 -12.37 9.85 -36.63
C HIS A 326 -12.43 8.93 -37.85
N MET A 327 -12.25 7.62 -37.60
CA MET A 327 -12.27 6.61 -38.63
C MET A 327 -13.59 6.58 -39.38
N GLN A 328 -14.69 6.46 -38.63
CA GLN A 328 -16.01 6.41 -39.27
C GLN A 328 -16.29 7.68 -40.08
N LYS A 329 -15.72 8.79 -39.63
CA LYS A 329 -15.91 10.05 -40.33
C LYS A 329 -15.21 9.95 -41.69
N VAL A 330 -13.95 9.56 -41.67
CA VAL A 330 -13.16 9.40 -42.88
C VAL A 330 -13.66 8.25 -43.74
N ASP A 331 -14.19 7.21 -43.10
CA ASP A 331 -14.69 6.04 -43.81
C ASP A 331 -15.99 6.26 -44.58
N SER A 332 -16.83 7.16 -44.11
CA SER A 332 -18.09 7.40 -44.79
C SER A 332 -18.07 8.67 -45.65
N ALA A 333 -16.86 9.17 -45.91
CA ALA A 333 -16.69 10.37 -46.73
C ALA A 333 -16.17 9.94 -48.11
N SER B 1 -30.57 27.99 6.11
CA SER B 1 -29.55 27.06 6.68
C SER B 1 -28.47 27.80 7.48
N LYS B 2 -28.02 28.95 6.99
CA LYS B 2 -27.01 29.74 7.68
C LYS B 2 -26.00 28.96 8.50
N ILE B 3 -25.28 28.04 7.84
CA ILE B 3 -24.29 27.21 8.50
C ILE B 3 -22.89 27.84 8.51
N GLY B 4 -22.19 27.66 9.62
CA GLY B 4 -20.83 28.16 9.75
C GLY B 4 -19.95 26.98 10.15
N ILE B 5 -18.69 26.97 9.69
CA ILE B 5 -17.79 25.88 10.03
C ILE B 5 -16.53 26.37 10.74
N ASN B 6 -16.19 25.72 11.85
CA ASN B 6 -15.00 26.10 12.58
C ASN B 6 -14.00 24.94 12.45
N GLY B 7 -12.93 25.20 11.70
CA GLY B 7 -11.92 24.16 11.48
C GLY B 7 -12.09 23.55 10.10
N PHE B 8 -11.31 24.03 9.15
CA PHE B 8 -11.38 23.56 7.77
C PHE B 8 -10.53 22.31 7.55
N GLY B 9 -10.71 21.31 8.40
CA GLY B 9 -9.97 20.08 8.29
C GLY B 9 -10.61 19.07 7.36
N ARG B 10 -10.29 17.79 7.54
CA ARG B 10 -10.83 16.74 6.69
C ARG B 10 -12.34 16.72 6.79
N ILE B 11 -12.87 16.75 8.01
CA ILE B 11 -14.32 16.77 8.22
C ILE B 11 -14.91 18.11 7.74
N GLY B 12 -14.27 19.21 8.14
CA GLY B 12 -14.72 20.53 7.78
C GLY B 12 -14.87 20.74 6.30
N ARG B 13 -13.90 20.26 5.53
CA ARG B 13 -13.95 20.42 4.08
C ARG B 13 -14.97 19.48 3.43
N LEU B 14 -15.12 18.28 3.99
CA LEU B 14 -16.10 17.35 3.45
C LEU B 14 -17.51 17.82 3.75
N VAL B 15 -17.68 18.46 4.90
CA VAL B 15 -18.98 18.99 5.27
C VAL B 15 -19.34 20.09 4.27
N LEU B 16 -18.36 20.89 3.87
CA LEU B 16 -18.62 21.96 2.90
C LEU B 16 -19.04 21.37 1.54
N ARG B 17 -18.30 20.36 1.06
CA ARG B 17 -18.63 19.73 -0.20
C ARG B 17 -20.04 19.18 -0.12
N THR B 18 -20.31 18.43 0.94
CA THR B 18 -21.63 17.84 1.14
C THR B 18 -22.73 18.88 1.14
N ALA B 19 -22.49 20.00 1.81
CA ALA B 19 -23.48 21.07 1.88
C ALA B 19 -23.83 21.53 0.47
N LEU B 20 -22.83 21.71 -0.38
CA LEU B 20 -23.05 22.15 -1.75
C LEU B 20 -23.87 21.12 -2.49
N GLU B 21 -23.65 19.84 -2.23
CA GLU B 21 -24.43 18.80 -2.87
C GLU B 21 -25.87 18.92 -2.39
N MET B 22 -26.09 18.64 -1.11
CA MET B 22 -27.43 18.68 -0.51
C MET B 22 -28.14 20.05 -0.51
N GLY B 23 -27.52 21.05 -1.14
CA GLY B 23 -28.12 22.36 -1.19
C GLY B 23 -28.14 23.17 0.11
N ALA B 24 -27.37 22.75 1.11
CA ALA B 24 -27.32 23.49 2.37
C ALA B 24 -26.52 24.77 2.14
N GLN B 25 -26.62 25.73 3.05
CA GLN B 25 -25.91 26.99 2.87
C GLN B 25 -24.82 27.26 3.92
N VAL B 26 -23.57 27.32 3.48
CA VAL B 26 -22.48 27.62 4.40
C VAL B 26 -22.08 29.06 4.10
N VAL B 27 -22.14 29.92 5.12
CA VAL B 27 -21.83 31.33 4.89
C VAL B 27 -20.49 31.80 5.39
N ALA B 28 -19.90 31.07 6.34
CA ALA B 28 -18.60 31.46 6.85
C ALA B 28 -17.80 30.27 7.36
N VAL B 29 -16.48 30.41 7.30
CA VAL B 29 -15.54 29.38 7.75
C VAL B 29 -14.43 30.01 8.60
N ASN B 30 -13.97 29.29 9.61
CA ASN B 30 -12.90 29.79 10.43
C ASN B 30 -11.78 28.78 10.64
N ASP B 31 -10.57 29.19 10.32
CA ASP B 31 -9.38 28.37 10.51
C ASP B 31 -8.18 29.31 10.54
N PRO B 32 -7.54 29.43 11.70
CA PRO B 32 -6.37 30.29 11.86
C PRO B 32 -5.08 29.70 11.32
N PHE B 33 -5.04 28.40 11.03
CA PHE B 33 -3.81 27.78 10.54
C PHE B 33 -3.69 27.56 9.04
N ILE B 34 -4.76 27.79 8.30
CA ILE B 34 -4.71 27.58 6.88
C ILE B 34 -4.91 28.87 6.12
N ALA B 35 -3.91 29.26 5.34
CA ALA B 35 -4.00 30.48 4.55
C ALA B 35 -5.12 30.36 3.51
N LEU B 36 -5.66 31.51 3.12
CA LEU B 36 -6.77 31.56 2.18
C LEU B 36 -6.54 30.82 0.87
N GLU B 37 -5.40 31.05 0.20
CA GLU B 37 -5.16 30.37 -1.07
C GLU B 37 -4.87 28.88 -0.89
N TYR B 38 -4.46 28.51 0.32
CA TYR B 38 -4.20 27.11 0.62
C TYR B 38 -5.55 26.42 0.86
N MET B 39 -6.56 27.17 1.32
CA MET B 39 -7.87 26.59 1.55
C MET B 39 -8.45 26.18 0.21
N VAL B 40 -8.21 27.00 -0.81
CA VAL B 40 -8.72 26.71 -2.13
C VAL B 40 -8.18 25.36 -2.59
N TYR B 41 -6.88 25.20 -2.45
CA TYR B 41 -6.19 23.99 -2.84
C TYR B 41 -6.64 22.74 -2.09
N MET B 42 -6.77 22.82 -0.77
CA MET B 42 -7.19 21.64 -0.01
C MET B 42 -8.66 21.29 -0.23
N PHE B 43 -9.45 22.27 -0.65
CA PHE B 43 -10.87 22.01 -0.90
C PHE B 43 -11.03 21.41 -2.30
N LYS B 44 -10.26 21.94 -3.26
CA LYS B 44 -10.33 21.49 -4.63
C LYS B 44 -9.84 20.07 -4.84
N TYR B 45 -8.63 19.77 -4.36
CA TYR B 45 -8.04 18.45 -4.52
C TYR B 45 -8.15 17.53 -3.32
N ASP B 46 -8.71 16.34 -3.53
CA ASP B 46 -8.86 15.38 -2.45
C ASP B 46 -8.42 14.01 -3.01
N SER B 47 -7.40 13.42 -2.41
CA SER B 47 -6.89 12.13 -2.88
C SER B 47 -7.91 11.00 -2.91
N THR B 48 -8.87 11.03 -1.99
CA THR B 48 -9.87 9.98 -1.90
C THR B 48 -11.22 10.26 -2.57
N HIS B 49 -11.75 11.45 -2.38
CA HIS B 49 -13.03 11.77 -2.94
C HIS B 49 -12.92 12.58 -4.21
N GLY B 50 -11.69 12.64 -4.71
CA GLY B 50 -11.40 13.32 -5.95
C GLY B 50 -11.55 14.81 -6.09
N MET B 51 -11.27 15.25 -7.30
CA MET B 51 -11.34 16.62 -7.76
C MET B 51 -12.69 17.24 -7.59
N PHE B 52 -12.74 18.44 -7.01
CA PHE B 52 -14.01 19.12 -6.84
C PHE B 52 -14.44 19.72 -8.16
N LYS B 53 -15.52 19.20 -8.71
CA LYS B 53 -16.06 19.65 -9.98
C LYS B 53 -16.89 20.90 -9.75
N GLY B 54 -16.32 22.05 -10.09
CA GLY B 54 -16.99 23.31 -9.90
C GLY B 54 -15.94 24.37 -9.75
N GLU B 55 -16.35 25.63 -9.72
CA GLU B 55 -15.37 26.69 -9.58
C GLU B 55 -15.07 27.01 -8.12
N VAL B 56 -13.79 27.21 -7.83
CA VAL B 56 -13.33 27.54 -6.50
C VAL B 56 -12.30 28.65 -6.63
N LYS B 57 -12.50 29.76 -5.95
CA LYS B 57 -11.53 30.84 -6.04
C LYS B 57 -11.60 31.82 -4.89
N VAL B 58 -10.46 32.48 -4.67
CA VAL B 58 -10.35 33.49 -3.64
C VAL B 58 -10.78 34.79 -4.30
N GLU B 59 -11.62 35.56 -3.63
CA GLU B 59 -12.10 36.80 -4.19
C GLU B 59 -12.50 37.80 -3.12
N ASP B 60 -11.63 38.79 -2.91
CA ASP B 60 -11.85 39.83 -1.91
C ASP B 60 -11.78 39.30 -0.48
N GLY B 61 -10.76 38.49 -0.22
CA GLY B 61 -10.58 37.94 1.12
C GLY B 61 -11.58 36.85 1.45
N ALA B 62 -12.44 36.53 0.49
CA ALA B 62 -13.44 35.48 0.69
C ALA B 62 -13.19 34.29 -0.23
N LEU B 63 -13.85 33.19 0.08
CA LEU B 63 -13.72 31.98 -0.70
C LEU B 63 -15.00 31.91 -1.53
N VAL B 64 -14.86 31.75 -2.85
CA VAL B 64 -16.05 31.65 -3.69
C VAL B 64 -16.14 30.27 -4.33
N VAL B 65 -17.21 29.55 -4.01
CA VAL B 65 -17.42 28.22 -4.55
C VAL B 65 -18.72 28.19 -5.35
N ASP B 66 -18.59 28.01 -6.66
CA ASP B 66 -19.77 27.97 -7.53
C ASP B 66 -20.57 29.24 -7.36
N GLY B 67 -19.88 30.38 -7.29
CA GLY B 67 -20.59 31.64 -7.16
C GLY B 67 -21.00 32.01 -5.75
N LYS B 68 -21.09 31.04 -4.85
CA LYS B 68 -21.46 31.32 -3.46
C LYS B 68 -20.28 31.90 -2.68
N LYS B 69 -20.50 33.05 -2.04
CA LYS B 69 -19.46 33.71 -1.28
C LYS B 69 -19.39 33.18 0.16
N ILE B 70 -18.20 32.80 0.60
CA ILE B 70 -18.03 32.27 1.95
C ILE B 70 -17.02 33.11 2.71
N THR B 71 -17.46 33.78 3.76
CA THR B 71 -16.57 34.62 4.55
C THR B 71 -15.59 33.75 5.30
N VAL B 72 -14.33 34.21 5.35
CA VAL B 72 -13.26 33.47 6.02
C VAL B 72 -12.63 34.25 7.19
N PHE B 73 -12.64 33.62 8.36
CA PHE B 73 -12.08 34.22 9.58
C PHE B 73 -10.85 33.41 9.99
N ASN B 74 -9.93 34.02 10.72
CA ASN B 74 -8.72 33.34 11.17
C ASN B 74 -8.53 33.47 12.67
N GLU B 75 -9.61 33.33 13.44
CA GLU B 75 -9.56 33.45 14.89
C GLU B 75 -9.11 32.19 15.57
N MET B 76 -8.18 32.36 16.51
CA MET B 76 -7.63 31.27 17.28
C MET B 76 -8.58 30.90 18.42
N LYS B 77 -9.36 31.89 18.87
CA LYS B 77 -10.32 31.72 19.96
C LYS B 77 -11.76 31.87 19.51
N PRO B 78 -12.60 30.84 19.78
CA PRO B 78 -14.02 30.82 19.42
C PRO B 78 -14.77 32.09 19.77
N GLU B 79 -14.55 32.60 20.99
CA GLU B 79 -15.22 33.83 21.43
C GLU B 79 -14.98 35.03 20.53
N ASN B 80 -13.87 35.04 19.80
CA ASN B 80 -13.55 36.13 18.91
C ASN B 80 -14.05 36.00 17.48
N ILE B 81 -14.81 34.95 17.17
CA ILE B 81 -15.29 34.79 15.81
C ILE B 81 -16.61 35.56 15.59
N PRO B 82 -16.61 36.50 14.62
CA PRO B 82 -17.75 37.35 14.28
C PRO B 82 -18.87 36.58 13.58
N TRP B 83 -19.27 35.44 14.12
CA TRP B 83 -20.32 34.65 13.47
C TRP B 83 -21.51 35.46 12.99
N SER B 84 -22.05 36.29 13.87
CA SER B 84 -23.20 37.14 13.53
C SER B 84 -22.93 38.07 12.35
N LYS B 85 -21.72 38.62 12.25
CA LYS B 85 -21.39 39.51 11.14
C LYS B 85 -21.52 38.79 9.80
N ALA B 86 -21.12 37.52 9.74
CA ALA B 86 -21.21 36.74 8.51
C ALA B 86 -22.59 36.14 8.37
N GLY B 87 -23.38 36.21 9.43
CA GLY B 87 -24.74 35.69 9.38
C GLY B 87 -24.82 34.21 9.67
N ALA B 88 -23.76 33.66 10.29
CA ALA B 88 -23.71 32.25 10.64
C ALA B 88 -24.49 32.00 11.92
N GLU B 89 -25.40 31.02 11.89
CA GLU B 89 -26.21 30.69 13.05
C GLU B 89 -25.95 29.30 13.57
N TYR B 90 -25.86 28.33 12.67
CA TYR B 90 -25.59 26.96 13.08
C TYR B 90 -24.12 26.64 12.83
N ILE B 91 -23.36 26.48 13.91
CA ILE B 91 -21.94 26.24 13.82
C ILE B 91 -21.52 24.78 13.92
N VAL B 92 -20.86 24.31 12.87
CA VAL B 92 -20.35 22.94 12.84
C VAL B 92 -18.96 23.05 13.46
N GLU B 93 -18.81 22.51 14.67
CA GLU B 93 -17.54 22.56 15.38
C GLU B 93 -16.72 21.33 15.02
N SER B 94 -15.74 21.52 14.15
CA SER B 94 -14.91 20.41 13.69
C SER B 94 -13.42 20.63 13.80
N THR B 95 -13.00 21.20 14.92
CA THR B 95 -11.57 21.43 15.16
C THR B 95 -11.07 20.26 16.00
N GLY B 96 -11.98 19.63 16.73
CA GLY B 96 -11.62 18.53 17.58
C GLY B 96 -11.07 19.03 18.89
N VAL B 97 -11.13 20.34 19.08
CA VAL B 97 -10.61 20.96 20.29
C VAL B 97 -11.65 21.47 21.30
N PHE B 98 -12.80 21.95 20.80
CA PHE B 98 -13.85 22.49 21.64
C PHE B 98 -15.04 21.56 21.63
N THR B 99 -14.84 20.36 22.18
CA THR B 99 -15.89 19.35 22.17
C THR B 99 -16.80 19.23 23.37
N THR B 100 -16.57 20.03 24.41
CA THR B 100 -17.43 19.98 25.59
C THR B 100 -18.40 21.16 25.57
N ILE B 101 -19.54 21.02 26.25
CA ILE B 101 -20.50 22.10 26.28
C ILE B 101 -19.88 23.43 26.72
N GLU B 102 -19.02 23.35 27.74
CA GLU B 102 -18.36 24.54 28.26
C GLU B 102 -17.49 25.20 27.20
N LYS B 103 -16.59 24.43 26.59
CA LYS B 103 -15.70 24.96 25.56
C LYS B 103 -16.46 25.43 24.34
N ALA B 104 -17.46 24.65 23.94
CA ALA B 104 -18.26 24.96 22.76
C ALA B 104 -19.09 26.23 22.87
N SER B 105 -19.45 26.61 24.10
CA SER B 105 -20.29 27.79 24.33
C SER B 105 -19.64 29.13 23.97
N ALA B 106 -18.32 29.13 23.84
CA ALA B 106 -17.61 30.34 23.48
C ALA B 106 -18.12 30.88 22.13
N HIS B 107 -18.73 30.00 21.34
CA HIS B 107 -19.24 30.39 20.04
C HIS B 107 -20.42 31.33 20.17
N PHE B 108 -21.15 31.22 21.26
CA PHE B 108 -22.31 32.07 21.46
C PHE B 108 -21.86 33.54 21.64
N LYS B 109 -20.64 33.73 22.10
CA LYS B 109 -20.08 35.05 22.30
C LYS B 109 -19.95 35.82 20.99
N GLY B 110 -19.87 35.08 19.87
CA GLY B 110 -19.76 35.72 18.57
C GLY B 110 -21.10 35.87 17.84
N GLY B 111 -22.16 35.37 18.45
CA GLY B 111 -23.46 35.48 17.82
C GLY B 111 -24.10 34.19 17.37
N ALA B 112 -23.38 33.07 17.47
CA ALA B 112 -23.93 31.78 17.04
C ALA B 112 -25.18 31.43 17.85
N LYS B 113 -26.09 30.64 17.27
CA LYS B 113 -27.32 30.24 17.96
C LYS B 113 -27.27 28.79 18.41
N LYS B 114 -26.58 27.95 17.65
CA LYS B 114 -26.47 26.53 17.96
C LYS B 114 -25.10 26.00 17.56
N VAL B 115 -24.61 24.99 18.28
CA VAL B 115 -23.32 24.42 17.95
C VAL B 115 -23.43 22.91 17.83
N ILE B 116 -22.95 22.38 16.71
CA ILE B 116 -22.98 20.94 16.47
C ILE B 116 -21.54 20.43 16.50
N ILE B 117 -21.20 19.61 17.50
CA ILE B 117 -19.87 19.06 17.63
C ILE B 117 -19.75 17.87 16.70
N SER B 118 -18.86 17.96 15.71
CA SER B 118 -18.71 16.86 14.79
C SER B 118 -17.73 15.86 15.35
N ALA B 119 -18.01 15.41 16.58
CA ALA B 119 -17.16 14.42 17.27
C ALA B 119 -17.83 14.01 18.57
N PRO B 120 -17.34 12.93 19.19
CA PRO B 120 -17.99 12.55 20.44
C PRO B 120 -17.78 13.70 21.44
N SER B 121 -18.64 13.78 22.44
CA SER B 121 -18.54 14.83 23.45
C SER B 121 -18.75 14.22 24.82
N ALA B 122 -17.94 14.65 25.78
CA ALA B 122 -18.05 14.11 27.12
C ALA B 122 -19.41 14.45 27.75
N ASP B 123 -19.98 15.59 27.37
CA ASP B 123 -21.25 15.99 27.96
C ASP B 123 -22.33 16.52 27.04
N ALA B 124 -21.99 16.90 25.82
CA ALA B 124 -23.05 17.37 24.92
C ALA B 124 -23.89 16.16 24.50
N PRO B 125 -25.22 16.30 24.50
CA PRO B 125 -26.04 15.16 24.09
C PRO B 125 -25.64 14.67 22.68
N MET B 126 -25.57 13.34 22.51
CA MET B 126 -25.15 12.76 21.23
C MET B 126 -26.30 12.24 20.41
N PHE B 127 -26.23 12.48 19.11
CA PHE B 127 -27.27 12.01 18.22
C PHE B 127 -26.74 11.21 17.03
N VAL B 128 -27.51 10.23 16.60
CA VAL B 128 -27.17 9.40 15.46
C VAL B 128 -28.45 9.42 14.63
N CYS B 129 -28.44 10.13 13.51
CA CYS B 129 -29.63 10.19 12.66
C CYS B 129 -30.26 8.82 12.44
N GLY B 130 -31.57 8.74 12.60
CA GLY B 130 -32.26 7.49 12.39
C GLY B 130 -32.36 6.63 13.63
N VAL B 131 -31.57 6.96 14.65
CA VAL B 131 -31.61 6.17 15.89
C VAL B 131 -32.33 6.88 17.04
N ASN B 132 -31.95 8.11 17.34
CA ASN B 132 -32.56 8.81 18.46
C ASN B 132 -32.85 10.31 18.27
N LEU B 133 -33.22 10.74 17.08
CA LEU B 133 -33.51 12.16 16.91
C LEU B 133 -34.75 12.61 17.66
N GLU B 134 -35.61 11.67 18.04
CA GLU B 134 -36.83 11.99 18.75
C GLU B 134 -36.48 12.79 19.99
N LYS B 135 -35.39 12.39 20.64
CA LYS B 135 -34.98 13.03 21.87
C LYS B 135 -34.49 14.47 21.75
N TYR B 136 -34.15 14.93 20.56
CA TYR B 136 -33.68 16.30 20.40
C TYR B 136 -34.73 17.34 20.74
N SER B 137 -34.34 18.35 21.52
CA SER B 137 -35.24 19.43 21.92
C SER B 137 -34.70 20.76 21.42
N LYS B 138 -35.59 21.70 21.11
CA LYS B 138 -35.15 22.99 20.57
C LYS B 138 -34.29 23.82 21.51
N ASP B 139 -34.35 23.55 22.82
CA ASP B 139 -33.53 24.35 23.71
C ASP B 139 -32.17 23.76 24.00
N MET B 140 -31.77 22.73 23.26
CA MET B 140 -30.43 22.18 23.45
C MET B 140 -29.57 23.11 22.59
N LYS B 141 -28.59 23.77 23.19
CA LYS B 141 -27.75 24.70 22.45
C LYS B 141 -26.50 24.10 21.84
N VAL B 142 -26.01 23.03 22.46
CA VAL B 142 -24.82 22.32 21.98
C VAL B 142 -25.11 20.82 21.84
N VAL B 143 -24.89 20.25 20.65
CA VAL B 143 -25.11 18.81 20.44
C VAL B 143 -23.92 18.16 19.76
N SER B 144 -23.85 16.84 19.84
CA SER B 144 -22.76 16.07 19.24
C SER B 144 -23.33 15.06 18.24
N ASN B 145 -22.61 14.86 17.15
CA ASN B 145 -23.05 13.91 16.12
C ASN B 145 -22.33 12.58 16.29
N ALA B 146 -21.79 12.35 17.48
CA ALA B 146 -21.06 11.13 17.78
C ALA B 146 -19.86 10.99 16.85
N SER B 147 -19.42 9.76 16.62
CA SER B 147 -18.29 9.51 15.73
C SER B 147 -18.70 8.77 14.46
N CYS B 148 -17.76 8.70 13.52
CA CYS B 148 -17.98 8.01 12.27
C CYS B 148 -18.44 6.55 12.58
N THR B 149 -17.69 5.85 13.43
CA THR B 149 -18.00 4.45 13.77
C THR B 149 -19.31 4.24 14.53
N THR B 150 -19.69 5.20 15.38
CA THR B 150 -20.94 5.06 16.14
C THR B 150 -22.14 5.14 15.18
N ASN B 151 -21.99 5.99 14.17
CA ASN B 151 -23.05 6.16 13.19
C ASN B 151 -23.23 4.91 12.34
N CYS B 152 -22.21 4.05 12.31
CA CYS B 152 -22.28 2.81 11.56
C CYS B 152 -22.91 1.73 12.42
N LEU B 153 -22.44 1.60 13.65
CA LEU B 153 -22.90 0.59 14.59
C LEU B 153 -24.34 0.83 15.10
N ALA B 154 -24.63 2.04 15.54
CA ALA B 154 -25.95 2.39 16.09
C ALA B 154 -27.15 1.88 15.28
N PRO B 155 -27.19 2.20 13.97
CA PRO B 155 -28.30 1.75 13.14
C PRO B 155 -28.47 0.24 13.17
N VAL B 156 -27.37 -0.48 12.98
CA VAL B 156 -27.36 -1.94 12.95
C VAL B 156 -27.76 -2.53 14.29
N ALA B 157 -27.22 -1.95 15.37
CA ALA B 157 -27.54 -2.42 16.73
C ALA B 157 -29.04 -2.19 17.01
N LYS B 158 -29.54 -1.03 16.59
CA LYS B 158 -30.95 -0.72 16.78
C LYS B 158 -31.87 -1.77 16.12
N VAL B 159 -31.59 -2.09 14.86
CA VAL B 159 -32.41 -3.06 14.14
C VAL B 159 -32.33 -4.42 14.80
N LEU B 160 -31.12 -4.84 15.16
CA LEU B 160 -30.92 -6.14 15.82
C LEU B 160 -31.65 -6.18 17.16
N HIS B 161 -31.40 -5.16 17.98
CA HIS B 161 -31.99 -5.09 19.29
C HIS B 161 -33.52 -5.05 19.34
N GLU B 162 -34.13 -4.21 18.51
CA GLU B 162 -35.59 -4.10 18.50
C GLU B 162 -36.29 -5.34 17.95
N ASN B 163 -35.54 -6.24 17.34
CA ASN B 163 -36.13 -7.44 16.77
C ASN B 163 -35.80 -8.74 17.48
N PHE B 164 -34.59 -8.85 18.01
CA PHE B 164 -34.19 -10.10 18.64
C PHE B 164 -33.57 -9.86 20.01
N GLU B 165 -33.37 -8.59 20.33
CA GLU B 165 -32.80 -8.16 21.61
C GLU B 165 -31.34 -8.54 21.82
N ILE B 166 -30.49 -7.51 21.92
CA ILE B 166 -29.07 -7.76 22.13
C ILE B 166 -28.80 -7.95 23.62
N VAL B 167 -28.35 -9.17 23.95
CA VAL B 167 -28.03 -9.53 25.31
C VAL B 167 -26.65 -8.98 25.65
N GLU B 168 -25.72 -9.16 24.71
CA GLU B 168 -24.37 -8.65 24.88
C GLU B 168 -23.62 -8.82 23.56
N GLY B 169 -22.63 -7.97 23.31
CA GLY B 169 -21.90 -8.06 22.06
C GLY B 169 -20.52 -7.45 22.10
N LEU B 170 -19.63 -8.00 21.29
CA LEU B 170 -18.27 -7.51 21.19
C LEU B 170 -18.07 -7.06 19.76
N MET B 171 -17.38 -5.94 19.58
CA MET B 171 -17.17 -5.39 18.25
C MET B 171 -15.73 -5.15 17.85
N THR B 172 -15.47 -5.31 16.56
CA THR B 172 -14.15 -5.03 16.03
C THR B 172 -14.39 -4.21 14.79
N THR B 173 -13.70 -3.08 14.68
CA THR B 173 -13.83 -2.28 13.47
C THR B 173 -12.48 -2.36 12.76
N VAL B 174 -12.49 -2.94 11.56
CA VAL B 174 -11.27 -3.04 10.76
C VAL B 174 -11.30 -1.68 10.06
N HIS B 175 -10.41 -0.81 10.53
CA HIS B 175 -10.38 0.59 10.12
C HIS B 175 -9.27 1.07 9.22
N ALA B 176 -9.61 1.97 8.30
CA ALA B 176 -8.65 2.53 7.35
C ALA B 176 -7.68 3.45 8.10
N VAL B 177 -6.57 3.77 7.46
CA VAL B 177 -5.57 4.65 8.06
C VAL B 177 -6.14 6.03 8.40
N THR B 178 -5.71 6.58 9.54
CA THR B 178 -6.18 7.89 9.97
C THR B 178 -5.06 8.92 9.99
N ALA B 179 -5.44 10.20 10.11
CA ALA B 179 -4.47 11.28 10.11
C ALA B 179 -3.57 11.29 11.34
N THR B 180 -4.02 10.67 12.42
CA THR B 180 -3.22 10.64 13.63
C THR B 180 -2.17 9.55 13.56
N GLN B 181 -2.07 8.88 12.43
CA GLN B 181 -1.08 7.81 12.28
C GLN B 181 0.19 8.33 11.65
N LYS B 182 1.20 7.46 11.58
CA LYS B 182 2.49 7.84 11.01
C LYS B 182 2.94 7.02 9.81
N THR B 183 3.62 7.66 8.87
CA THR B 183 4.11 6.99 7.67
C THR B 183 5.20 6.00 8.00
N VAL B 184 6.02 6.34 8.99
CA VAL B 184 7.10 5.46 9.40
C VAL B 184 7.17 5.48 10.92
N ASP B 185 7.82 4.47 11.50
CA ASP B 185 7.95 4.37 12.96
C ASP B 185 8.37 5.71 13.53
N GLY B 186 7.50 6.27 14.37
CA GLY B 186 7.76 7.56 14.99
C GLY B 186 7.14 7.67 16.36
N PRO B 187 7.43 8.76 17.09
CA PRO B 187 6.90 8.95 18.45
C PRO B 187 5.39 9.22 18.53
N SER B 188 4.75 8.51 19.44
CA SER B 188 3.33 8.66 19.72
C SER B 188 3.17 8.23 21.17
N ALA B 189 3.66 9.07 22.09
CA ALA B 189 3.63 8.81 23.53
C ALA B 189 2.28 8.37 24.10
N LYS B 190 1.19 8.89 23.53
CA LYS B 190 -0.14 8.54 24.00
C LYS B 190 -0.63 7.20 23.46
N ASP B 191 0.07 6.69 22.45
CA ASP B 191 -0.33 5.43 21.83
C ASP B 191 0.88 4.86 21.08
N TRP B 192 1.64 4.01 21.78
CA TRP B 192 2.83 3.41 21.20
C TRP B 192 2.58 2.64 19.89
N ARG B 193 1.51 1.87 19.83
CA ARG B 193 1.22 1.11 18.60
C ARG B 193 0.86 2.08 17.46
N GLY B 194 0.12 3.12 17.82
CA GLY B 194 -0.30 4.09 16.83
C GLY B 194 0.82 4.85 16.17
N GLY B 195 2.03 4.73 16.70
CA GLY B 195 3.15 5.45 16.10
C GLY B 195 3.94 4.61 15.12
N ARG B 196 3.66 3.31 15.09
CA ARG B 196 4.36 2.39 14.19
C ARG B 196 3.92 2.62 12.76
N GLY B 197 4.84 2.45 11.81
CA GLY B 197 4.56 2.67 10.39
C GLY B 197 3.20 2.18 9.93
N ALA B 198 2.36 3.11 9.49
CA ALA B 198 1.00 2.79 9.07
C ALA B 198 0.83 1.96 7.80
N ALA B 199 1.73 2.12 6.84
CA ALA B 199 1.63 1.38 5.59
C ALA B 199 2.15 -0.05 5.67
N GLN B 200 2.93 -0.34 6.70
CA GLN B 200 3.50 -1.67 6.91
C GLN B 200 2.73 -2.57 7.87
N ASN B 201 1.88 -2.01 8.72
CA ASN B 201 1.26 -2.81 9.77
C ASN B 201 -0.24 -2.90 9.96
N ILE B 202 -0.61 -3.93 10.71
CA ILE B 202 -1.98 -4.13 11.14
C ILE B 202 -1.77 -3.63 12.57
N ILE B 203 -2.48 -2.57 12.95
CA ILE B 203 -2.28 -1.98 14.27
C ILE B 203 -3.48 -2.04 15.21
N PRO B 204 -3.40 -2.88 16.25
CA PRO B 204 -4.50 -2.99 17.22
C PRO B 204 -4.69 -1.60 17.75
N SER B 205 -5.94 -1.20 17.95
CA SER B 205 -6.22 0.14 18.43
C SER B 205 -7.50 0.19 19.24
N SER B 206 -7.91 1.39 19.63
CA SER B 206 -9.11 1.57 20.43
C SER B 206 -10.25 2.25 19.70
N THR B 207 -11.43 2.17 20.30
CA THR B 207 -12.62 2.82 19.76
C THR B 207 -13.58 2.98 20.91
N GLY B 208 -14.29 4.10 20.93
CA GLY B 208 -15.26 4.33 21.99
C GLY B 208 -16.67 4.12 21.47
N ALA B 209 -16.75 3.75 20.19
CA ALA B 209 -18.01 3.53 19.53
C ALA B 209 -18.98 2.59 20.25
N ALA B 210 -18.47 1.50 20.82
CA ALA B 210 -19.34 0.56 21.52
C ALA B 210 -19.94 1.22 22.75
N LYS B 211 -19.11 1.92 23.53
CA LYS B 211 -19.59 2.60 24.73
C LYS B 211 -20.59 3.68 24.35
N ALA B 212 -20.25 4.44 23.31
CA ALA B 212 -21.11 5.51 22.81
C ALA B 212 -22.50 5.02 22.42
N VAL B 213 -22.58 3.81 21.87
CA VAL B 213 -23.89 3.29 21.50
C VAL B 213 -24.74 3.12 22.75
N GLY B 214 -24.08 2.98 23.90
CA GLY B 214 -24.79 2.82 25.16
C GLY B 214 -25.50 4.11 25.56
N LYS B 215 -25.02 5.23 25.03
CA LYS B 215 -25.60 6.54 25.29
C LYS B 215 -26.69 6.90 24.27
N VAL B 216 -26.55 6.42 23.05
CA VAL B 216 -27.54 6.68 22.00
C VAL B 216 -28.74 5.73 22.10
N ILE B 217 -28.48 4.51 22.59
CA ILE B 217 -29.52 3.51 22.78
C ILE B 217 -29.28 3.03 24.19
N PRO B 218 -29.83 3.74 25.18
CA PRO B 218 -29.72 3.45 26.62
C PRO B 218 -29.86 1.98 27.04
N GLU B 219 -30.81 1.24 26.47
CA GLU B 219 -30.97 -0.14 26.88
C GLU B 219 -29.73 -0.99 26.64
N LEU B 220 -28.89 -0.58 25.70
CA LEU B 220 -27.70 -1.33 25.35
C LEU B 220 -26.51 -0.89 26.17
N ASP B 221 -26.68 0.18 26.92
CA ASP B 221 -25.61 0.71 27.75
C ASP B 221 -25.00 -0.40 28.62
N GLY B 222 -23.68 -0.56 28.52
CA GLY B 222 -22.99 -1.58 29.30
C GLY B 222 -23.06 -2.98 28.74
N LYS B 223 -23.65 -3.16 27.57
CA LYS B 223 -23.75 -4.49 26.98
C LYS B 223 -22.86 -4.66 25.76
N LEU B 224 -22.21 -3.59 25.35
CA LEU B 224 -21.33 -3.68 24.19
C LEU B 224 -19.99 -3.05 24.49
N THR B 225 -18.96 -3.59 23.84
CA THR B 225 -17.63 -3.02 23.98
C THR B 225 -16.87 -3.50 22.75
N GLY B 226 -15.70 -2.93 22.49
CA GLY B 226 -14.98 -3.35 21.31
C GLY B 226 -13.60 -2.76 21.13
N MET B 227 -12.99 -3.07 20.00
CA MET B 227 -11.65 -2.59 19.68
C MET B 227 -11.58 -2.34 18.19
N ALA B 228 -10.39 -1.98 17.71
CA ALA B 228 -10.18 -1.70 16.30
C ALA B 228 -8.84 -2.22 15.82
N PHE B 229 -8.71 -2.34 14.51
CA PHE B 229 -7.46 -2.75 13.87
C PHE B 229 -7.27 -1.71 12.78
N ARG B 230 -6.13 -1.02 12.78
CA ARG B 230 -5.84 -0.05 11.73
C ARG B 230 -5.12 -0.81 10.61
N VAL B 231 -5.66 -0.79 9.40
CA VAL B 231 -5.03 -1.48 8.27
C VAL B 231 -4.57 -0.48 7.22
N PRO B 232 -3.64 -0.90 6.34
CA PRO B 232 -3.14 0.01 5.30
C PRO B 232 -4.05 0.39 4.14
N THR B 233 -5.31 0.72 4.40
CA THR B 233 -6.18 1.16 3.30
C THR B 233 -6.47 2.63 3.54
N PRO B 234 -6.54 3.41 2.46
CA PRO B 234 -6.79 4.86 2.47
C PRO B 234 -8.13 5.34 2.97
N ASN B 235 -9.20 4.58 2.71
CA ASN B 235 -10.53 4.97 3.14
C ASN B 235 -11.53 3.82 3.23
N VAL B 236 -12.60 4.04 3.99
CA VAL B 236 -13.65 3.03 4.19
C VAL B 236 -13.25 1.97 5.21
N SER B 237 -14.09 1.82 6.24
CA SER B 237 -13.86 0.85 7.29
C SER B 237 -15.03 -0.13 7.35
N VAL B 238 -14.90 -1.16 8.19
CA VAL B 238 -15.97 -2.15 8.31
C VAL B 238 -16.17 -2.59 9.76
N VAL B 239 -17.42 -2.69 10.19
CA VAL B 239 -17.74 -3.11 11.55
C VAL B 239 -18.07 -4.60 11.59
N ASP B 240 -17.33 -5.31 12.43
CA ASP B 240 -17.48 -6.75 12.62
C ASP B 240 -18.09 -6.86 14.00
N LEU B 241 -19.39 -7.09 14.03
CA LEU B 241 -20.13 -7.18 15.29
C LEU B 241 -20.56 -8.60 15.63
N THR B 242 -20.15 -9.09 16.79
CA THR B 242 -20.52 -10.42 17.25
C THR B 242 -21.47 -10.21 18.43
N VAL B 243 -22.70 -10.69 18.31
CA VAL B 243 -23.71 -10.51 19.37
C VAL B 243 -24.42 -11.77 19.80
N ARG B 244 -24.91 -11.74 21.03
CA ARG B 244 -25.66 -12.84 21.58
C ARG B 244 -27.06 -12.25 21.65
N LEU B 245 -28.00 -12.92 20.99
CA LEU B 245 -29.37 -12.43 20.95
C LEU B 245 -30.27 -13.10 21.99
N GLY B 246 -31.34 -12.40 22.38
CA GLY B 246 -32.28 -12.93 23.34
C GLY B 246 -33.38 -13.79 22.72
N LYS B 247 -33.69 -13.55 21.46
CA LYS B 247 -34.72 -14.32 20.75
C LYS B 247 -34.04 -15.23 19.73
N GLU B 248 -34.50 -16.47 19.59
CA GLU B 248 -33.90 -17.37 18.61
C GLU B 248 -34.31 -16.90 17.22
N CYS B 249 -33.41 -17.03 16.26
CA CYS B 249 -33.74 -16.61 14.91
C CYS B 249 -32.80 -17.21 13.89
N SER B 250 -33.16 -17.08 12.62
CA SER B 250 -32.35 -17.58 11.54
C SER B 250 -31.65 -16.36 10.94
N TYR B 251 -30.54 -16.59 10.24
CA TYR B 251 -29.82 -15.50 9.62
C TYR B 251 -30.72 -14.82 8.57
N ASP B 252 -31.70 -15.56 8.08
CA ASP B 252 -32.63 -15.03 7.09
C ASP B 252 -33.55 -13.98 7.72
N ASP B 253 -33.93 -14.22 8.98
CA ASP B 253 -34.78 -13.25 9.68
C ASP B 253 -34.01 -11.94 9.86
N ILE B 254 -32.69 -12.07 10.06
CA ILE B 254 -31.82 -10.93 10.25
C ILE B 254 -31.69 -10.14 8.96
N LYS B 255 -31.45 -10.84 7.85
CA LYS B 255 -31.30 -10.16 6.57
C LYS B 255 -32.63 -9.48 6.22
N ALA B 256 -33.72 -10.16 6.54
CA ALA B 256 -35.06 -9.64 6.29
C ALA B 256 -35.25 -8.35 7.08
N ALA B 257 -34.92 -8.38 8.37
CA ALA B 257 -35.07 -7.20 9.20
C ALA B 257 -34.21 -6.04 8.68
N MET B 258 -32.97 -6.32 8.29
CA MET B 258 -32.11 -5.27 7.78
C MET B 258 -32.66 -4.70 6.47
N LYS B 259 -33.10 -5.58 5.59
CA LYS B 259 -33.63 -5.14 4.29
C LYS B 259 -34.85 -4.25 4.46
N THR B 260 -35.75 -4.66 5.35
CA THR B 260 -36.96 -3.90 5.61
C THR B 260 -36.63 -2.50 6.14
N ALA B 261 -35.72 -2.46 7.10
CA ALA B 261 -35.30 -1.21 7.69
C ALA B 261 -34.69 -0.29 6.64
N SER B 262 -33.85 -0.83 5.76
CA SER B 262 -33.19 -0.01 4.75
C SER B 262 -34.13 0.58 3.72
N GLU B 263 -35.26 -0.08 3.49
CA GLU B 263 -36.21 0.43 2.52
C GLU B 263 -37.20 1.37 3.20
N GLY B 264 -37.41 1.16 4.49
CA GLY B 264 -38.34 2.00 5.22
C GLY B 264 -37.77 3.11 6.07
N PRO B 265 -37.98 3.04 7.39
CA PRO B 265 -37.50 4.04 8.34
C PRO B 265 -36.02 4.41 8.35
N LEU B 266 -35.14 3.48 8.01
CA LEU B 266 -33.73 3.84 8.00
C LEU B 266 -33.18 4.09 6.61
N GLN B 267 -34.08 4.29 5.65
CA GLN B 267 -33.66 4.55 4.29
C GLN B 267 -32.75 5.77 4.19
N GLY B 268 -31.59 5.61 3.56
CA GLY B 268 -30.69 6.73 3.43
C GLY B 268 -29.68 6.71 4.55
N VAL B 269 -29.98 5.93 5.59
CA VAL B 269 -29.09 5.80 6.73
C VAL B 269 -28.43 4.42 6.71
N LEU B 270 -29.26 3.39 6.71
CA LEU B 270 -28.79 2.00 6.67
C LEU B 270 -29.01 1.40 5.29
N GLY B 271 -27.92 1.01 4.63
CA GLY B 271 -28.03 0.39 3.33
C GLY B 271 -28.05 -1.12 3.51
N TYR B 272 -28.37 -1.83 2.43
CA TYR B 272 -28.43 -3.30 2.45
C TYR B 272 -27.88 -3.82 1.11
N THR B 273 -27.03 -4.85 1.16
CA THR B 273 -26.47 -5.42 -0.04
C THR B 273 -26.19 -6.92 0.04
N GLU B 274 -26.38 -7.60 -1.09
CA GLU B 274 -26.12 -9.03 -1.18
C GLU B 274 -25.08 -9.28 -2.24
N ASP B 275 -24.46 -8.20 -2.73
CA ASP B 275 -23.43 -8.31 -3.74
C ASP B 275 -22.09 -8.66 -3.13
N ASP B 276 -21.14 -9.09 -3.97
CA ASP B 276 -19.80 -9.45 -3.51
C ASP B 276 -18.92 -8.22 -3.50
N VAL B 277 -19.26 -7.32 -2.58
CA VAL B 277 -18.57 -6.05 -2.41
C VAL B 277 -17.25 -6.08 -1.66
N VAL B 278 -16.42 -5.07 -1.88
CA VAL B 278 -15.14 -4.91 -1.19
C VAL B 278 -15.09 -3.44 -0.75
N SER B 279 -14.20 -3.12 0.19
CA SER B 279 -14.15 -1.76 0.70
C SER B 279 -14.23 -0.61 -0.34
N CYS B 280 -13.51 -0.70 -1.46
CA CYS B 280 -13.56 0.39 -2.45
C CYS B 280 -14.92 0.67 -3.06
N ASP B 281 -15.80 -0.32 -3.04
CA ASP B 281 -17.14 -0.12 -3.62
C ASP B 281 -17.98 0.87 -2.81
N PHE B 282 -17.45 1.32 -1.68
CA PHE B 282 -18.20 2.24 -0.83
C PHE B 282 -17.65 3.64 -0.70
N THR B 283 -16.57 3.92 -1.43
CA THR B 283 -16.02 5.27 -1.40
C THR B 283 -17.08 6.19 -1.95
N GLY B 284 -17.37 7.24 -1.21
CA GLY B 284 -18.37 8.19 -1.65
C GLY B 284 -19.79 7.74 -1.38
N ASP B 285 -19.98 6.75 -0.53
CA ASP B 285 -21.34 6.31 -0.24
C ASP B 285 -21.97 7.19 0.84
N ASN B 286 -23.20 7.64 0.58
CA ASN B 286 -23.97 8.50 1.48
C ASN B 286 -24.42 7.86 2.79
N ARG B 287 -24.73 6.56 2.78
CA ARG B 287 -25.23 5.93 3.99
C ARG B 287 -24.22 5.82 5.11
N SER B 288 -24.73 5.82 6.34
CA SER B 288 -23.91 5.74 7.54
C SER B 288 -23.40 4.34 7.77
N SER B 289 -24.17 3.36 7.28
CA SER B 289 -23.84 1.98 7.50
C SER B 289 -24.49 1.07 6.45
N ILE B 290 -23.68 0.24 5.77
CA ILE B 290 -24.23 -0.68 4.76
C ILE B 290 -24.04 -2.13 5.21
N PHE B 291 -25.16 -2.83 5.41
CA PHE B 291 -25.18 -4.23 5.85
C PHE B 291 -24.75 -5.17 4.72
N ASP B 292 -23.68 -5.91 4.94
CA ASP B 292 -23.15 -6.85 3.96
C ASP B 292 -23.76 -8.22 4.28
N ALA B 293 -24.81 -8.56 3.55
CA ALA B 293 -25.54 -9.80 3.78
C ALA B 293 -24.72 -11.07 3.71
N LYS B 294 -23.97 -11.23 2.62
CA LYS B 294 -23.14 -12.41 2.42
C LYS B 294 -21.98 -12.60 3.36
N ALA B 295 -21.41 -11.50 3.87
CA ALA B 295 -20.26 -11.59 4.77
C ALA B 295 -20.54 -12.12 6.17
N GLY B 296 -21.79 -12.04 6.63
CA GLY B 296 -22.11 -12.49 7.98
C GLY B 296 -22.24 -13.98 8.18
N ILE B 297 -22.02 -14.45 9.41
CA ILE B 297 -22.12 -15.86 9.76
C ILE B 297 -22.89 -16.06 11.06
N GLN B 298 -23.68 -17.13 11.10
CA GLN B 298 -24.43 -17.45 12.30
C GLN B 298 -24.00 -18.82 12.82
N LEU B 299 -23.64 -18.89 14.10
CA LEU B 299 -23.21 -20.15 14.71
C LEU B 299 -24.40 -20.91 15.28
N SER B 300 -25.31 -20.20 15.95
CA SER B 300 -26.49 -20.81 16.56
C SER B 300 -27.67 -19.84 16.45
N LYS B 301 -28.85 -20.26 16.88
CA LYS B 301 -30.02 -19.41 16.78
C LYS B 301 -29.93 -18.10 17.56
N THR B 302 -28.91 -17.98 18.39
CA THR B 302 -28.74 -16.77 19.20
C THR B 302 -27.32 -16.19 19.23
N PHE B 303 -26.45 -16.75 18.40
CA PHE B 303 -25.06 -16.28 18.34
C PHE B 303 -24.70 -16.02 16.86
N VAL B 304 -24.47 -14.75 16.52
CA VAL B 304 -24.19 -14.39 15.14
C VAL B 304 -23.17 -13.26 14.97
N LYS B 305 -22.48 -13.26 13.83
CA LYS B 305 -21.50 -12.23 13.51
C LYS B 305 -22.07 -11.47 12.31
N VAL B 306 -22.23 -10.17 12.47
CA VAL B 306 -22.82 -9.34 11.43
C VAL B 306 -21.77 -8.34 10.96
N VAL B 307 -21.79 -8.01 9.66
CA VAL B 307 -20.81 -7.10 9.07
C VAL B 307 -21.43 -5.87 8.40
N SER B 308 -20.87 -4.70 8.68
CA SER B 308 -21.40 -3.47 8.09
C SER B 308 -20.33 -2.47 7.68
N TRP B 309 -20.43 -2.01 6.43
CA TRP B 309 -19.46 -1.05 5.89
C TRP B 309 -19.88 0.38 6.15
N TYR B 310 -18.91 1.30 6.01
CA TYR B 310 -19.15 2.73 6.16
C TYR B 310 -17.95 3.49 5.64
N ASP B 311 -18.20 4.55 4.88
CA ASP B 311 -17.10 5.34 4.35
C ASP B 311 -16.84 6.29 5.53
N ASN B 312 -15.61 6.35 5.96
CA ASN B 312 -15.24 7.07 7.13
C ASN B 312 -15.83 8.40 7.43
N GLU B 313 -15.30 9.40 6.78
CA GLU B 313 -15.74 10.75 7.00
C GLU B 313 -16.82 11.18 6.06
N PHE B 314 -16.97 10.48 4.94
CA PHE B 314 -17.95 10.86 3.93
C PHE B 314 -19.42 10.65 4.32
N GLY B 315 -19.74 9.49 4.85
CA GLY B 315 -21.10 9.26 5.27
C GLY B 315 -21.38 10.14 6.48
N TYR B 316 -20.38 10.28 7.35
CA TYR B 316 -20.51 11.10 8.54
C TYR B 316 -20.85 12.54 8.18
N SER B 317 -20.19 13.06 7.15
CA SER B 317 -20.41 14.43 6.71
C SER B 317 -21.84 14.63 6.24
N GLN B 318 -22.39 13.64 5.54
CA GLN B 318 -23.76 13.76 5.08
C GLN B 318 -24.66 13.82 6.34
N ARG B 319 -24.32 13.02 7.35
CA ARG B 319 -25.12 13.02 8.57
C ARG B 319 -25.08 14.35 9.33
N VAL B 320 -23.96 15.06 9.26
CA VAL B 320 -23.87 16.34 9.96
C VAL B 320 -24.93 17.28 9.38
N ILE B 321 -24.96 17.41 8.06
CA ILE B 321 -25.95 18.27 7.43
C ILE B 321 -27.35 17.77 7.78
N ASP B 322 -27.56 16.46 7.68
CA ASP B 322 -28.88 15.89 8.02
C ASP B 322 -29.33 16.30 9.41
N LEU B 323 -28.39 16.25 10.36
CA LEU B 323 -28.69 16.61 11.74
C LEU B 323 -29.04 18.09 11.83
N ILE B 324 -28.29 18.94 11.14
CA ILE B 324 -28.58 20.37 11.18
C ILE B 324 -29.95 20.66 10.59
N LYS B 325 -30.35 19.89 9.57
CA LYS B 325 -31.65 20.09 8.94
C LYS B 325 -32.78 19.72 9.88
N HIS B 326 -32.63 18.60 10.57
CA HIS B 326 -33.65 18.17 11.51
C HIS B 326 -33.81 19.22 12.61
N MET B 327 -32.66 19.70 13.09
CA MET B 327 -32.59 20.70 14.14
C MET B 327 -33.32 21.98 13.75
N GLN B 328 -32.97 22.53 12.60
CA GLN B 328 -33.62 23.77 12.17
C GLN B 328 -35.13 23.58 12.01
N LYS B 329 -35.54 22.39 11.63
CA LYS B 329 -36.94 22.10 11.45
C LYS B 329 -37.62 22.19 12.81
N VAL B 330 -37.07 21.48 13.78
CA VAL B 330 -37.62 21.48 15.14
C VAL B 330 -37.46 22.83 15.80
N ASP B 331 -36.37 23.54 15.48
CA ASP B 331 -36.09 24.84 16.05
C ASP B 331 -37.00 25.99 15.60
N SER B 332 -37.53 25.88 14.40
CA SER B 332 -38.40 26.94 13.91
C SER B 332 -39.88 26.56 13.99
N ALA B 333 -40.18 25.50 14.73
CA ALA B 333 -41.55 25.05 14.90
C ALA B 333 -42.03 25.44 16.30
N SER C 1 16.84 -37.39 7.85
CA SER C 1 15.46 -36.93 7.50
C SER C 1 15.00 -37.35 6.10
N LYS C 2 15.89 -37.23 5.11
CA LYS C 2 15.58 -37.59 3.73
C LYS C 2 14.27 -37.00 3.27
N ILE C 3 14.17 -35.67 3.31
CA ILE C 3 12.96 -34.98 2.91
C ILE C 3 12.96 -34.56 1.46
N GLY C 4 11.78 -34.64 0.84
CA GLY C 4 11.61 -34.23 -0.54
C GLY C 4 10.48 -33.24 -0.54
N ILE C 5 10.52 -32.27 -1.46
CA ILE C 5 9.48 -31.27 -1.53
C ILE C 5 8.89 -31.21 -2.94
N ASN C 6 7.57 -31.16 -3.02
CA ASN C 6 6.92 -31.04 -4.30
C ASN C 6 6.20 -29.69 -4.31
N GLY C 7 6.73 -28.73 -5.06
CA GLY C 7 6.12 -27.41 -5.11
C GLY C 7 7.00 -26.39 -4.43
N PHE C 8 7.91 -25.80 -5.20
CA PHE C 8 8.86 -24.82 -4.70
C PHE C 8 8.27 -23.40 -4.60
N GLY C 9 7.05 -23.29 -4.06
CA GLY C 9 6.42 -21.99 -3.92
C GLY C 9 6.77 -21.28 -2.64
N ARG C 10 5.88 -20.44 -2.11
CA ARG C 10 6.16 -19.71 -0.87
C ARG C 10 6.50 -20.70 0.26
N ILE C 11 5.65 -21.71 0.43
CA ILE C 11 5.87 -22.71 1.48
C ILE C 11 7.02 -23.64 1.13
N GLY C 12 6.97 -24.22 -0.06
CA GLY C 12 8.03 -25.10 -0.50
C GLY C 12 9.36 -24.46 -0.22
N ARG C 13 9.56 -23.24 -0.72
CA ARG C 13 10.81 -22.53 -0.52
C ARG C 13 11.16 -22.23 0.94
N LEU C 14 10.16 -21.87 1.75
CA LEU C 14 10.44 -21.57 3.16
C LEU C 14 10.69 -22.81 3.98
N VAL C 15 10.09 -23.93 3.55
CA VAL C 15 10.31 -25.18 4.27
C VAL C 15 11.79 -25.55 4.08
N LEU C 16 12.32 -25.26 2.89
CA LEU C 16 13.71 -25.56 2.62
C LEU C 16 14.61 -24.68 3.49
N ARG C 17 14.28 -23.39 3.58
CA ARG C 17 15.04 -22.45 4.40
C ARG C 17 15.02 -22.87 5.86
N THR C 18 13.84 -23.22 6.35
CA THR C 18 13.67 -23.66 7.72
C THR C 18 14.44 -24.95 7.96
N ALA C 19 14.38 -25.86 7.00
CA ALA C 19 15.09 -27.12 7.11
C ALA C 19 16.58 -26.88 7.29
N LEU C 20 17.13 -25.95 6.52
CA LEU C 20 18.54 -25.62 6.60
C LEU C 20 18.93 -25.07 7.97
N GLU C 21 17.97 -24.63 8.76
CA GLU C 21 18.29 -24.11 10.08
C GLU C 21 18.02 -25.12 11.18
N MET C 22 16.87 -25.77 11.13
CA MET C 22 16.57 -26.76 12.15
C MET C 22 17.40 -28.01 11.89
N GLY C 23 18.35 -27.89 10.96
CA GLY C 23 19.21 -29.01 10.62
C GLY C 23 18.58 -30.18 9.88
N ALA C 24 17.35 -30.04 9.42
CA ALA C 24 16.69 -31.11 8.69
C ALA C 24 17.43 -31.35 7.37
N GLN C 25 17.07 -32.41 6.67
CA GLN C 25 17.73 -32.74 5.40
C GLN C 25 16.80 -32.83 4.21
N VAL C 26 16.96 -31.92 3.26
CA VAL C 26 16.15 -31.95 2.06
C VAL C 26 17.08 -32.50 0.98
N VAL C 27 16.61 -33.51 0.25
CA VAL C 27 17.45 -34.11 -0.78
C VAL C 27 16.86 -34.02 -2.18
N ALA C 28 15.67 -33.45 -2.31
CA ALA C 28 15.06 -33.33 -3.62
C ALA C 28 13.90 -32.35 -3.67
N VAL C 29 13.79 -31.66 -4.80
CA VAL C 29 12.72 -30.70 -5.01
C VAL C 29 12.13 -31.02 -6.38
N ASN C 30 10.90 -30.60 -6.60
CA ASN C 30 10.23 -30.86 -7.87
C ASN C 30 9.23 -29.76 -8.21
N ASP C 31 9.48 -29.04 -9.30
CA ASP C 31 8.56 -27.98 -9.73
C ASP C 31 8.71 -27.76 -11.23
N PRO C 32 7.63 -27.99 -12.01
CA PRO C 32 7.67 -27.82 -13.46
C PRO C 32 7.68 -26.36 -13.95
N PHE C 33 6.98 -25.49 -13.23
CA PHE C 33 6.91 -24.08 -13.61
C PHE C 33 8.13 -23.26 -13.22
N ILE C 34 9.17 -23.92 -12.72
CA ILE C 34 10.38 -23.22 -12.31
C ILE C 34 11.65 -23.93 -12.78
N ALA C 35 12.40 -23.28 -13.65
CA ALA C 35 13.64 -23.83 -14.18
C ALA C 35 14.73 -23.84 -13.10
N LEU C 36 15.77 -24.64 -13.31
CA LEU C 36 16.84 -24.75 -12.34
C LEU C 36 17.55 -23.45 -11.97
N GLU C 37 17.90 -22.63 -12.96
CA GLU C 37 18.59 -21.38 -12.64
C GLU C 37 17.62 -20.39 -12.01
N TYR C 38 16.33 -20.60 -12.26
CA TYR C 38 15.30 -19.72 -11.71
C TYR C 38 15.03 -20.05 -10.22
N MET C 39 15.25 -21.30 -9.82
CA MET C 39 15.09 -21.72 -8.44
C MET C 39 16.15 -21.03 -7.59
N VAL C 40 17.37 -20.93 -8.14
CA VAL C 40 18.44 -20.29 -7.42
C VAL C 40 18.00 -18.88 -7.03
N TYR C 41 17.36 -18.21 -7.98
CA TYR C 41 16.89 -16.86 -7.78
C TYR C 41 15.75 -16.72 -6.81
N MET C 42 14.71 -17.52 -6.98
CA MET C 42 13.55 -17.45 -6.09
C MET C 42 13.84 -17.87 -4.67
N PHE C 43 14.90 -18.62 -4.47
CA PHE C 43 15.27 -19.07 -3.14
C PHE C 43 16.19 -18.06 -2.47
N LYS C 44 17.11 -17.51 -3.25
CA LYS C 44 18.07 -16.54 -2.73
C LYS C 44 17.38 -15.24 -2.29
N TYR C 45 16.63 -14.63 -3.20
CA TYR C 45 15.93 -13.39 -2.91
C TYR C 45 14.50 -13.62 -2.46
N ASP C 46 14.08 -12.90 -1.41
CA ASP C 46 12.72 -13.01 -0.88
C ASP C 46 12.34 -11.63 -0.40
N SER C 47 11.26 -11.08 -0.95
CA SER C 47 10.82 -9.73 -0.58
C SER C 47 10.49 -9.58 0.90
N THR C 48 9.82 -10.58 1.46
CA THR C 48 9.41 -10.58 2.85
C THR C 48 10.45 -11.02 3.88
N HIS C 49 11.09 -12.16 3.64
CA HIS C 49 12.03 -12.70 4.59
C HIS C 49 13.51 -12.46 4.37
N GLY C 50 13.83 -11.51 3.50
CA GLY C 50 15.21 -11.18 3.25
C GLY C 50 15.99 -12.07 2.30
N MET C 51 17.15 -11.57 1.92
CA MET C 51 18.06 -12.27 1.02
C MET C 51 18.71 -13.40 1.81
N PHE C 52 18.76 -14.59 1.23
CA PHE C 52 19.35 -15.75 1.89
C PHE C 52 20.86 -15.58 2.11
N LYS C 53 21.30 -15.68 3.36
CA LYS C 53 22.72 -15.54 3.65
C LYS C 53 23.36 -16.93 3.64
N GLY C 54 24.03 -17.24 2.54
CA GLY C 54 24.66 -18.53 2.40
C GLY C 54 24.90 -18.71 0.92
N GLU C 55 25.53 -19.81 0.54
CA GLU C 55 25.80 -20.03 -0.87
C GLU C 55 24.73 -20.87 -1.54
N VAL C 56 24.20 -20.35 -2.64
CA VAL C 56 23.18 -21.04 -3.41
C VAL C 56 23.66 -21.02 -4.85
N LYS C 57 23.82 -22.18 -5.46
CA LYS C 57 24.27 -22.20 -6.84
C LYS C 57 23.89 -23.48 -7.54
N VAL C 58 23.82 -23.42 -8.86
CA VAL C 58 23.50 -24.59 -9.64
C VAL C 58 24.80 -25.34 -9.90
N GLU C 59 24.74 -26.67 -9.94
CA GLU C 59 25.94 -27.46 -10.16
C GLU C 59 25.59 -28.90 -10.51
N ASP C 60 25.86 -29.28 -11.76
CA ASP C 60 25.58 -30.62 -12.23
C ASP C 60 24.07 -30.83 -12.26
N GLY C 61 23.35 -29.90 -12.88
CA GLY C 61 21.89 -30.03 -12.94
C GLY C 61 21.29 -30.22 -11.56
N ALA C 62 22.03 -29.79 -10.54
CA ALA C 62 21.57 -29.91 -9.16
C ALA C 62 21.69 -28.57 -8.46
N LEU C 63 20.87 -28.40 -7.43
CA LEU C 63 20.87 -27.19 -6.63
C LEU C 63 21.80 -27.44 -5.45
N VAL C 64 22.74 -26.52 -5.22
CA VAL C 64 23.69 -26.68 -4.12
C VAL C 64 23.57 -25.51 -3.15
N VAL C 65 23.06 -25.78 -1.96
CA VAL C 65 22.88 -24.74 -0.93
C VAL C 65 23.81 -25.00 0.25
N ASP C 66 24.88 -24.20 0.36
CA ASP C 66 25.84 -24.37 1.46
C ASP C 66 26.37 -25.78 1.45
N GLY C 67 26.82 -26.24 0.28
CA GLY C 67 27.33 -27.59 0.19
C GLY C 67 26.23 -28.61 -0.10
N LYS C 68 25.11 -28.55 0.61
CA LYS C 68 24.02 -29.49 0.37
C LYS C 68 23.67 -29.61 -1.11
N LYS C 69 23.69 -30.84 -1.61
CA LYS C 69 23.34 -31.10 -3.01
C LYS C 69 21.87 -31.49 -3.00
N ILE C 70 21.07 -30.82 -3.79
CA ILE C 70 19.64 -31.12 -3.84
C ILE C 70 19.20 -31.48 -5.26
N THR C 71 18.79 -32.72 -5.45
CA THR C 71 18.34 -33.20 -6.76
C THR C 71 17.07 -32.49 -7.18
N VAL C 72 17.03 -32.04 -8.43
CA VAL C 72 15.87 -31.31 -8.95
C VAL C 72 15.16 -32.06 -10.08
N PHE C 73 13.83 -32.13 -9.99
CA PHE C 73 12.99 -32.76 -11.00
C PHE C 73 12.01 -31.69 -11.45
N ASN C 74 11.41 -31.85 -12.64
CA ASN C 74 10.46 -30.86 -13.11
C ASN C 74 9.13 -31.42 -13.57
N GLU C 75 8.86 -32.68 -13.22
CA GLU C 75 7.62 -33.36 -13.59
C GLU C 75 6.37 -32.48 -13.39
N MET C 76 5.34 -32.80 -14.17
CA MET C 76 4.08 -32.04 -14.10
C MET C 76 3.03 -32.86 -13.36
N LYS C 77 3.30 -34.16 -13.19
CA LYS C 77 2.37 -35.04 -12.50
C LYS C 77 3.10 -35.92 -11.47
N PRO C 78 2.57 -35.93 -10.21
CA PRO C 78 3.07 -36.67 -9.05
C PRO C 78 3.66 -38.08 -9.22
N GLU C 79 2.86 -39.04 -9.66
CA GLU C 79 3.34 -40.42 -9.82
C GLU C 79 4.61 -40.58 -10.63
N ASN C 80 5.01 -39.50 -11.33
CA ASN C 80 6.21 -39.50 -12.17
C ASN C 80 7.50 -39.33 -11.37
N ILE C 81 7.52 -38.30 -10.51
CA ILE C 81 8.69 -37.97 -9.69
C ILE C 81 9.41 -39.19 -9.10
N PRO C 82 10.64 -39.42 -9.54
CA PRO C 82 11.52 -40.52 -9.11
C PRO C 82 12.11 -40.31 -7.73
N TRP C 83 11.27 -39.98 -6.75
CA TRP C 83 11.74 -39.75 -5.38
C TRP C 83 12.79 -40.75 -4.94
N SER C 84 12.53 -42.02 -5.18
CA SER C 84 13.45 -43.09 -4.82
C SER C 84 14.89 -42.85 -5.31
N LYS C 85 15.00 -42.27 -6.51
CA LYS C 85 16.31 -41.98 -7.12
C LYS C 85 17.12 -41.08 -6.19
N ALA C 86 16.50 -39.98 -5.76
CA ALA C 86 17.16 -39.02 -4.89
C ALA C 86 17.30 -39.52 -3.46
N GLY C 87 16.44 -40.45 -3.05
CA GLY C 87 16.51 -41.00 -1.70
C GLY C 87 15.53 -40.29 -0.78
N ALA C 88 14.50 -39.70 -1.40
CA ALA C 88 13.47 -38.96 -0.68
C ALA C 88 12.37 -39.88 -0.16
N GLU C 89 12.32 -40.03 1.16
CA GLU C 89 11.30 -40.87 1.78
C GLU C 89 10.09 -40.06 2.25
N TYR C 90 10.32 -38.97 2.97
CA TYR C 90 9.22 -38.11 3.43
C TYR C 90 9.01 -36.92 2.51
N ILE C 91 7.83 -36.86 1.89
CA ILE C 91 7.53 -35.80 0.96
C ILE C 91 6.62 -34.69 1.47
N VAL C 92 7.04 -33.45 1.26
CA VAL C 92 6.26 -32.30 1.66
C VAL C 92 5.46 -31.91 0.42
N GLU C 93 4.16 -32.20 0.43
CA GLU C 93 3.31 -31.86 -0.69
C GLU C 93 2.83 -30.42 -0.54
N SER C 94 3.55 -29.50 -1.18
CA SER C 94 3.21 -28.10 -1.07
C SER C 94 2.90 -27.41 -2.41
N THR C 95 2.06 -28.04 -3.22
CA THR C 95 1.66 -27.47 -4.50
C THR C 95 0.24 -26.94 -4.29
N GLY C 96 -0.47 -27.59 -3.37
CA GLY C 96 -1.83 -27.17 -3.07
C GLY C 96 -2.82 -27.72 -4.07
N VAL C 97 -2.38 -28.73 -4.82
CA VAL C 97 -3.23 -29.32 -5.84
C VAL C 97 -3.54 -30.79 -5.59
N PHE C 98 -2.73 -31.46 -4.76
CA PHE C 98 -2.96 -32.86 -4.46
C PHE C 98 -3.12 -33.03 -2.96
N THR C 99 -4.16 -32.39 -2.44
CA THR C 99 -4.47 -32.37 -1.02
C THR C 99 -5.24 -33.56 -0.45
N THR C 100 -5.89 -34.35 -1.29
CA THR C 100 -6.65 -35.52 -0.82
C THR C 100 -5.76 -36.77 -0.70
N ILE C 101 -6.16 -37.71 0.15
CA ILE C 101 -5.39 -38.93 0.36
C ILE C 101 -5.13 -39.63 -0.97
N GLU C 102 -6.11 -39.55 -1.86
CA GLU C 102 -5.99 -40.18 -3.16
C GLU C 102 -4.86 -39.52 -3.96
N LYS C 103 -5.11 -38.28 -4.38
CA LYS C 103 -4.15 -37.52 -5.16
C LYS C 103 -2.73 -37.52 -4.59
N ALA C 104 -2.62 -37.40 -3.27
CA ALA C 104 -1.31 -37.37 -2.64
C ALA C 104 -0.59 -38.71 -2.62
N SER C 105 -1.36 -39.78 -2.78
CA SER C 105 -0.78 -41.12 -2.78
C SER C 105 0.06 -41.39 -4.03
N ALA C 106 -0.09 -40.51 -5.02
CA ALA C 106 0.65 -40.62 -6.26
C ALA C 106 2.15 -40.78 -5.96
N HIS C 107 2.66 -39.92 -5.08
CA HIS C 107 4.07 -39.92 -4.67
C HIS C 107 4.58 -41.29 -4.24
N PHE C 108 3.65 -42.21 -3.98
CA PHE C 108 4.04 -43.54 -3.55
C PHE C 108 4.69 -44.34 -4.68
N LYS C 109 4.24 -44.10 -5.91
CA LYS C 109 4.82 -44.79 -7.06
C LYS C 109 6.32 -44.49 -7.07
N GLY C 110 6.65 -43.19 -7.00
CA GLY C 110 8.05 -42.79 -6.99
C GLY C 110 8.89 -43.43 -5.91
N GLY C 111 8.24 -44.09 -4.95
CA GLY C 111 8.99 -44.74 -3.89
C GLY C 111 9.02 -43.92 -2.61
N ALA C 112 7.98 -43.14 -2.38
CA ALA C 112 7.89 -42.31 -1.18
C ALA C 112 7.19 -43.07 -0.04
N LYS C 113 7.80 -43.06 1.15
CA LYS C 113 7.24 -43.73 2.33
C LYS C 113 6.03 -42.96 2.89
N LYS C 114 6.22 -41.69 3.22
CA LYS C 114 5.16 -40.86 3.76
C LYS C 114 4.99 -39.51 3.05
N VAL C 115 3.79 -38.96 3.13
CA VAL C 115 3.47 -37.67 2.52
C VAL C 115 2.82 -36.74 3.55
N ILE C 116 3.28 -35.49 3.58
CA ILE C 116 2.72 -34.49 4.49
C ILE C 116 2.11 -33.37 3.65
N ILE C 117 0.78 -33.24 3.65
CA ILE C 117 0.13 -32.18 2.89
C ILE C 117 0.27 -30.87 3.63
N SER C 118 0.97 -29.91 3.03
CA SER C 118 1.19 -28.61 3.65
C SER C 118 -0.03 -27.73 3.47
N ALA C 119 -1.20 -28.34 3.59
CA ALA C 119 -2.45 -27.61 3.44
C ALA C 119 -3.56 -28.47 4.01
N PRO C 120 -4.75 -27.91 4.22
CA PRO C 120 -5.81 -28.73 4.78
C PRO C 120 -6.15 -29.86 3.80
N SER C 121 -6.58 -31.01 4.32
CA SER C 121 -6.97 -32.12 3.46
C SER C 121 -8.45 -32.41 3.72
N ALA C 122 -9.13 -32.92 2.71
CA ALA C 122 -10.54 -33.23 2.88
C ALA C 122 -10.69 -34.57 3.59
N ASP C 123 -9.65 -35.40 3.52
CA ASP C 123 -9.74 -36.70 4.15
C ASP C 123 -8.48 -37.23 4.83
N ALA C 124 -7.36 -36.54 4.69
CA ALA C 124 -6.14 -37.01 5.35
C ALA C 124 -6.16 -36.48 6.78
N PRO C 125 -5.78 -37.32 7.75
CA PRO C 125 -5.78 -36.86 9.15
C PRO C 125 -4.99 -35.57 9.36
N MET C 126 -5.62 -34.57 9.98
CA MET C 126 -4.96 -33.29 10.22
C MET C 126 -4.33 -33.17 11.60
N PHE C 127 -3.11 -32.62 11.61
CA PHE C 127 -2.40 -32.44 12.87
C PHE C 127 -1.98 -31.01 13.12
N VAL C 128 -1.86 -30.66 14.40
CA VAL C 128 -1.40 -29.35 14.81
C VAL C 128 -0.43 -29.60 15.95
N CYS C 129 0.84 -29.31 15.71
CA CYS C 129 1.87 -29.50 16.73
C CYS C 129 1.44 -28.88 18.06
N GLY C 130 1.59 -29.64 19.13
CA GLY C 130 1.23 -29.15 20.44
C GLY C 130 -0.23 -29.38 20.79
N VAL C 131 -1.04 -29.77 19.81
CA VAL C 131 -2.45 -29.98 20.07
C VAL C 131 -2.90 -31.44 20.01
N ASN C 132 -2.53 -32.16 18.95
CA ASN C 132 -2.95 -33.54 18.82
C ASN C 132 -1.94 -34.50 18.21
N LEU C 133 -0.65 -34.22 18.33
CA LEU C 133 0.37 -35.12 17.74
C LEU C 133 0.32 -36.51 18.35
N GLU C 134 -0.19 -36.59 19.58
CA GLU C 134 -0.29 -37.85 20.29
C GLU C 134 -1.23 -38.81 19.58
N LYS C 135 -1.94 -38.33 18.58
CA LYS C 135 -2.89 -39.17 17.85
C LYS C 135 -2.29 -39.72 16.56
N TYR C 136 -1.05 -39.38 16.27
CA TYR C 136 -0.39 -39.87 15.08
C TYR C 136 0.21 -41.26 15.33
N SER C 137 -0.04 -42.17 14.39
CA SER C 137 0.49 -43.54 14.48
C SER C 137 1.25 -43.83 13.17
N LYS C 138 2.32 -44.63 13.28
CA LYS C 138 3.13 -44.97 12.12
C LYS C 138 2.39 -45.52 10.93
N ASP C 139 1.31 -46.25 11.15
CA ASP C 139 0.55 -46.82 10.04
C ASP C 139 -0.05 -45.76 9.10
N MET C 140 0.08 -44.48 9.43
CA MET C 140 -0.47 -43.41 8.60
C MET C 140 0.53 -43.06 7.51
N LYS C 141 0.10 -43.16 6.26
CA LYS C 141 0.94 -42.88 5.10
C LYS C 141 0.84 -41.44 4.56
N VAL C 142 -0.35 -40.84 4.67
CA VAL C 142 -0.57 -39.47 4.20
C VAL C 142 -1.21 -38.64 5.30
N VAL C 143 -0.56 -37.54 5.67
CA VAL C 143 -1.08 -36.66 6.71
C VAL C 143 -1.09 -35.20 6.27
N SER C 144 -1.95 -34.41 6.91
CA SER C 144 -2.08 -32.99 6.62
C SER C 144 -1.55 -32.19 7.82
N ASN C 145 -1.07 -30.98 7.57
CA ASN C 145 -0.56 -30.13 8.65
C ASN C 145 -1.55 -28.98 8.84
N ALA C 146 -2.76 -29.15 8.34
CA ALA C 146 -3.80 -28.12 8.44
C ALA C 146 -3.33 -26.83 7.74
N SER C 147 -3.97 -25.71 8.05
CA SER C 147 -3.59 -24.44 7.44
C SER C 147 -2.85 -23.54 8.42
N CYS C 148 -2.36 -22.41 7.90
CA CYS C 148 -1.66 -21.43 8.71
C CYS C 148 -2.58 -20.97 9.83
N THR C 149 -3.81 -20.61 9.47
CA THR C 149 -4.77 -20.13 10.47
C THR C 149 -5.16 -21.19 11.51
N THR C 150 -5.39 -22.43 11.11
CA THR C 150 -5.76 -23.46 12.07
C THR C 150 -4.63 -23.66 13.09
N ASN C 151 -3.40 -23.50 12.63
CA ASN C 151 -2.24 -23.66 13.49
C ASN C 151 -2.13 -22.55 14.55
N CYS C 152 -2.69 -21.38 14.25
CA CYS C 152 -2.69 -20.27 15.20
C CYS C 152 -3.85 -20.42 16.20
N LEU C 153 -5.03 -20.77 15.68
CA LEU C 153 -6.23 -20.91 16.49
C LEU C 153 -6.23 -22.09 17.46
N ALA C 154 -5.95 -23.30 16.95
CA ALA C 154 -5.97 -24.50 17.78
C ALA C 154 -5.25 -24.35 19.13
N PRO C 155 -3.99 -23.88 19.12
CA PRO C 155 -3.26 -23.72 20.39
C PRO C 155 -4.07 -22.88 21.39
N VAL C 156 -4.51 -21.70 20.93
CA VAL C 156 -5.31 -20.78 21.74
C VAL C 156 -6.63 -21.40 22.22
N ALA C 157 -7.31 -22.11 21.33
CA ALA C 157 -8.57 -22.77 21.65
C ALA C 157 -8.38 -23.90 22.68
N LYS C 158 -7.27 -24.64 22.58
CA LYS C 158 -6.99 -25.73 23.50
C LYS C 158 -6.89 -25.15 24.91
N VAL C 159 -6.06 -24.12 25.06
CA VAL C 159 -5.87 -23.47 26.36
C VAL C 159 -7.18 -22.92 26.92
N LEU C 160 -7.95 -22.18 26.12
CA LEU C 160 -9.21 -21.63 26.62
C LEU C 160 -10.19 -22.74 26.99
N HIS C 161 -10.28 -23.75 26.16
CA HIS C 161 -11.20 -24.85 26.43
C HIS C 161 -10.82 -25.68 27.66
N GLU C 162 -9.54 -26.03 27.77
CA GLU C 162 -9.07 -26.83 28.90
C GLU C 162 -9.23 -26.13 30.23
N ASN C 163 -9.10 -24.81 30.23
CA ASN C 163 -9.22 -24.04 31.46
C ASN C 163 -10.61 -23.51 31.82
N PHE C 164 -11.34 -23.00 30.84
CA PHE C 164 -12.65 -22.41 31.11
C PHE C 164 -13.78 -23.00 30.31
N GLU C 165 -13.46 -23.91 29.40
CA GLU C 165 -14.47 -24.56 28.57
C GLU C 165 -15.10 -23.62 27.55
N ILE C 166 -14.90 -23.91 26.27
CA ILE C 166 -15.48 -23.08 25.22
C ILE C 166 -16.90 -23.58 24.91
N VAL C 167 -17.88 -22.71 25.12
CA VAL C 167 -19.29 -23.03 24.86
C VAL C 167 -19.56 -22.82 23.37
N GLU C 168 -19.15 -21.66 22.88
CA GLU C 168 -19.28 -21.32 21.46
C GLU C 168 -18.40 -20.11 21.15
N GLY C 169 -17.87 -20.09 19.92
CA GLY C 169 -17.00 -19.00 19.52
C GLY C 169 -17.12 -18.67 18.04
N LEU C 170 -16.80 -17.43 17.72
CA LEU C 170 -16.82 -16.95 16.36
C LEU C 170 -15.47 -16.28 16.11
N MET C 171 -14.83 -16.66 15.00
CA MET C 171 -13.52 -16.15 14.68
C MET C 171 -13.42 -15.27 13.44
N THR C 172 -12.60 -14.24 13.53
CA THR C 172 -12.35 -13.41 12.36
C THR C 172 -10.85 -13.36 12.22
N THR C 173 -10.34 -13.59 11.03
CA THR C 173 -8.92 -13.51 10.83
C THR C 173 -8.65 -12.35 9.88
N VAL C 174 -7.84 -11.39 10.33
CA VAL C 174 -7.47 -10.26 9.49
C VAL C 174 -6.17 -10.78 8.88
N HIS C 175 -6.31 -11.27 7.65
CA HIS C 175 -5.27 -11.95 6.91
C HIS C 175 -4.49 -11.12 5.89
N ALA C 176 -3.21 -11.43 5.74
CA ALA C 176 -2.34 -10.74 4.76
C ALA C 176 -2.65 -11.28 3.35
N VAL C 177 -2.30 -10.56 2.29
CA VAL C 177 -2.58 -11.05 0.93
C VAL C 177 -1.86 -12.37 0.63
N THR C 178 -2.47 -13.18 -0.23
CA THR C 178 -1.88 -14.46 -0.62
C THR C 178 -1.61 -14.48 -2.12
N ALA C 179 -0.94 -15.53 -2.57
CA ALA C 179 -0.60 -15.70 -3.97
C ALA C 179 -1.80 -15.83 -4.89
N THR C 180 -2.95 -16.22 -4.33
CA THR C 180 -4.16 -16.41 -5.13
C THR C 180 -4.96 -15.13 -5.37
N GLN C 181 -4.56 -14.01 -4.78
CA GLN C 181 -5.28 -12.76 -5.00
C GLN C 181 -4.75 -12.05 -6.25
N LYS C 182 -5.34 -10.91 -6.58
CA LYS C 182 -4.93 -10.15 -7.78
C LYS C 182 -4.44 -8.75 -7.40
N THR C 183 -3.47 -8.24 -8.13
CA THR C 183 -2.94 -6.91 -7.84
C THR C 183 -3.96 -5.83 -8.20
N VAL C 184 -4.76 -6.09 -9.22
CA VAL C 184 -5.79 -5.16 -9.68
C VAL C 184 -7.03 -5.99 -10.01
N ASP C 185 -8.19 -5.35 -10.18
CA ASP C 185 -9.43 -6.08 -10.49
C ASP C 185 -9.24 -7.03 -11.66
N GLY C 186 -9.44 -8.31 -11.41
CA GLY C 186 -9.30 -9.33 -12.42
C GLY C 186 -10.30 -10.46 -12.20
N PRO C 187 -10.40 -11.41 -13.15
CA PRO C 187 -11.34 -12.53 -13.04
C PRO C 187 -10.95 -13.60 -12.02
N SER C 188 -11.97 -14.05 -11.30
CA SER C 188 -11.85 -15.07 -10.26
C SER C 188 -13.27 -15.65 -10.13
N ALA C 189 -13.63 -16.48 -11.10
CA ALA C 189 -14.96 -17.09 -11.17
C ALA C 189 -15.47 -17.83 -9.94
N LYS C 190 -14.57 -18.42 -9.17
CA LYS C 190 -14.97 -19.16 -7.97
C LYS C 190 -15.03 -18.28 -6.72
N ASP C 191 -14.42 -17.10 -6.79
CA ASP C 191 -14.43 -16.19 -5.65
C ASP C 191 -14.38 -14.77 -6.18
N TRP C 192 -15.55 -14.22 -6.48
CA TRP C 192 -15.65 -12.87 -7.02
C TRP C 192 -14.96 -11.77 -6.22
N ARG C 193 -15.12 -11.78 -4.90
CA ARG C 193 -14.46 -10.78 -4.08
C ARG C 193 -12.95 -10.99 -4.23
N GLY C 194 -12.55 -12.26 -4.29
CA GLY C 194 -11.15 -12.63 -4.42
C GLY C 194 -10.41 -12.04 -5.61
N GLY C 195 -11.15 -11.69 -6.66
CA GLY C 195 -10.50 -11.13 -7.83
C GLY C 195 -10.33 -9.64 -7.79
N ARG C 196 -10.82 -8.98 -6.75
CA ARG C 196 -10.71 -7.53 -6.64
C ARG C 196 -9.30 -7.07 -6.23
N GLY C 197 -8.87 -5.91 -6.73
CA GLY C 197 -7.55 -5.40 -6.43
C GLY C 197 -7.17 -5.58 -4.98
N ALA C 198 -6.11 -6.35 -4.72
CA ALA C 198 -5.68 -6.63 -3.35
C ALA C 198 -4.97 -5.49 -2.64
N ALA C 199 -4.47 -4.52 -3.40
CA ALA C 199 -3.74 -3.41 -2.79
C ALA C 199 -4.62 -2.23 -2.36
N GLN C 200 -5.90 -2.26 -2.70
CA GLN C 200 -6.78 -1.17 -2.37
C GLN C 200 -7.93 -1.55 -1.47
N ASN C 201 -8.16 -2.85 -1.33
CA ASN C 201 -9.32 -3.27 -0.61
C ASN C 201 -9.16 -4.13 0.61
N ILE C 202 -10.23 -4.11 1.40
CA ILE C 202 -10.38 -4.97 2.55
C ILE C 202 -11.34 -5.94 1.87
N ILE C 203 -10.93 -7.21 1.75
CA ILE C 203 -11.72 -8.20 1.04
C ILE C 203 -12.27 -9.32 1.93
N PRO C 204 -13.60 -9.30 2.18
CA PRO C 204 -14.18 -10.36 2.99
C PRO C 204 -13.84 -11.69 2.31
N SER C 205 -13.60 -12.73 3.09
CA SER C 205 -13.25 -14.02 2.53
C SER C 205 -13.65 -15.13 3.46
N SER C 206 -13.57 -16.35 2.97
CA SER C 206 -13.94 -17.49 3.78
C SER C 206 -12.72 -18.13 4.38
N THR C 207 -12.96 -19.07 5.28
CA THR C 207 -11.89 -19.83 5.92
C THR C 207 -12.49 -21.06 6.53
N GLY C 208 -11.72 -22.16 6.52
CA GLY C 208 -12.23 -23.40 7.10
C GLY C 208 -11.57 -23.66 8.43
N ALA C 209 -10.58 -22.82 8.74
CA ALA C 209 -9.81 -22.93 9.96
C ALA C 209 -10.60 -23.22 11.23
N ALA C 210 -11.62 -22.42 11.50
CA ALA C 210 -12.42 -22.61 12.71
C ALA C 210 -13.08 -23.99 12.80
N LYS C 211 -13.54 -24.50 11.66
CA LYS C 211 -14.17 -25.82 11.63
C LYS C 211 -13.11 -26.90 11.74
N ALA C 212 -11.96 -26.67 11.12
CA ALA C 212 -10.86 -27.63 11.17
C ALA C 212 -10.45 -27.84 12.63
N VAL C 213 -10.60 -26.81 13.45
CA VAL C 213 -10.26 -26.92 14.86
C VAL C 213 -11.21 -27.93 15.49
N GLY C 214 -12.33 -28.15 14.82
CA GLY C 214 -13.33 -29.10 15.30
C GLY C 214 -12.86 -30.51 15.02
N LYS C 215 -11.94 -30.65 14.08
CA LYS C 215 -11.40 -31.94 13.73
C LYS C 215 -10.16 -32.26 14.54
N VAL C 216 -9.40 -31.23 14.90
CA VAL C 216 -8.19 -31.39 15.70
C VAL C 216 -8.54 -31.54 17.18
N ILE C 217 -9.57 -30.83 17.61
CA ILE C 217 -10.03 -30.88 18.99
C ILE C 217 -11.48 -31.31 18.87
N PRO C 218 -11.72 -32.63 18.80
CA PRO C 218 -13.06 -33.22 18.67
C PRO C 218 -14.18 -32.58 19.51
N GLU C 219 -13.88 -32.20 20.75
CA GLU C 219 -14.89 -31.62 21.62
C GLU C 219 -15.44 -30.30 21.12
N LEU C 220 -14.61 -29.55 20.40
CA LEU C 220 -15.05 -28.25 19.89
C LEU C 220 -15.77 -28.38 18.56
N ASP C 221 -15.86 -29.61 18.05
CA ASP C 221 -16.54 -29.83 16.79
C ASP C 221 -17.94 -29.21 16.77
N GLY C 222 -18.16 -28.30 15.82
CA GLY C 222 -19.44 -27.65 15.71
C GLY C 222 -19.72 -26.49 16.65
N LYS C 223 -18.74 -26.12 17.48
CA LYS C 223 -18.93 -25.02 18.41
C LYS C 223 -18.11 -23.81 17.98
N LEU C 224 -17.46 -23.92 16.84
CA LEU C 224 -16.61 -22.84 16.34
C LEU C 224 -16.85 -22.64 14.85
N THR C 225 -16.73 -21.38 14.43
CA THR C 225 -16.90 -21.02 13.02
C THR C 225 -16.38 -19.61 12.86
N GLY C 226 -16.09 -19.20 11.63
CA GLY C 226 -15.56 -17.87 11.43
C GLY C 226 -15.46 -17.46 9.98
N MET C 227 -14.77 -16.35 9.75
CA MET C 227 -14.61 -15.81 8.40
C MET C 227 -13.32 -15.00 8.34
N ALA C 228 -13.04 -14.41 7.17
CA ALA C 228 -11.80 -13.65 7.06
C ALA C 228 -11.89 -12.32 6.33
N PHE C 229 -10.87 -11.49 6.53
CA PHE C 229 -10.77 -10.20 5.87
C PHE C 229 -9.36 -10.16 5.33
N ARG C 230 -9.23 -10.04 4.01
CA ARG C 230 -7.92 -9.98 3.40
C ARG C 230 -7.53 -8.52 3.35
N VAL C 231 -6.37 -8.17 3.90
CA VAL C 231 -5.92 -6.79 3.88
C VAL C 231 -4.58 -6.64 3.14
N PRO C 232 -4.26 -5.44 2.68
CA PRO C 232 -3.05 -5.11 1.94
C PRO C 232 -1.69 -5.22 2.66
N THR C 233 -1.43 -6.30 3.38
CA THR C 233 -0.12 -6.45 4.00
C THR C 233 0.51 -7.70 3.39
N PRO C 234 1.83 -7.68 3.16
CA PRO C 234 2.56 -8.80 2.56
C PRO C 234 2.61 -10.09 3.36
N ASN C 235 2.75 -9.98 4.68
CA ASN C 235 2.82 -11.17 5.51
C ASN C 235 2.40 -10.86 6.95
N VAL C 236 2.11 -11.92 7.72
CA VAL C 236 1.68 -11.83 9.13
C VAL C 236 0.20 -11.49 9.25
N SER C 237 -0.53 -12.36 9.92
CA SER C 237 -1.97 -12.21 10.11
C SER C 237 -2.33 -12.26 11.59
N VAL C 238 -3.60 -12.02 11.89
CA VAL C 238 -4.03 -12.05 13.29
C VAL C 238 -5.41 -12.67 13.45
N VAL C 239 -5.57 -13.47 14.50
CA VAL C 239 -6.83 -14.11 14.78
C VAL C 239 -7.56 -13.31 15.86
N ASP C 240 -8.83 -13.04 15.61
CA ASP C 240 -9.69 -12.29 16.50
C ASP C 240 -10.78 -13.26 16.86
N LEU C 241 -10.64 -13.89 18.02
CA LEU C 241 -11.58 -14.89 18.50
C LEU C 241 -12.52 -14.37 19.59
N THR C 242 -13.82 -14.34 19.27
CA THR C 242 -14.81 -13.89 20.24
C THR C 242 -15.40 -15.18 20.76
N VAL C 243 -15.17 -15.47 22.03
CA VAL C 243 -15.65 -16.71 22.59
C VAL C 243 -16.49 -16.57 23.86
N ARG C 244 -17.42 -17.50 24.03
CA ARG C 244 -18.28 -17.53 25.20
C ARG C 244 -17.81 -18.74 26.02
N LEU C 245 -17.27 -18.47 27.22
CA LEU C 245 -16.74 -19.52 28.09
C LEU C 245 -17.80 -20.09 29.03
N GLY C 246 -17.56 -21.32 29.46
CA GLY C 246 -18.48 -21.99 30.37
C GLY C 246 -18.26 -21.69 31.85
N LYS C 247 -17.09 -21.18 32.20
CA LYS C 247 -16.78 -20.87 33.59
C LYS C 247 -16.43 -19.42 33.73
N GLU C 248 -17.04 -18.75 34.70
CA GLU C 248 -16.76 -17.34 34.92
C GLU C 248 -15.28 -17.18 35.23
N CYS C 249 -14.66 -16.18 34.65
CA CYS C 249 -13.25 -15.93 34.88
C CYS C 249 -12.94 -14.47 34.60
N SER C 250 -11.79 -14.01 35.07
CA SER C 250 -11.37 -12.64 34.85
C SER C 250 -10.39 -12.69 33.70
N TYR C 251 -10.05 -11.54 33.13
CA TYR C 251 -9.12 -11.54 32.02
C TYR C 251 -7.73 -11.91 32.53
N ASP C 252 -7.44 -11.59 33.79
CA ASP C 252 -6.15 -11.94 34.35
C ASP C 252 -6.00 -13.45 34.34
N ASP C 253 -7.10 -14.16 34.62
CA ASP C 253 -7.08 -15.62 34.62
C ASP C 253 -6.74 -16.15 33.23
N ILE C 254 -7.23 -15.46 32.21
CA ILE C 254 -6.96 -15.90 30.84
C ILE C 254 -5.50 -15.64 30.49
N LYS C 255 -4.97 -14.49 30.88
CA LYS C 255 -3.56 -14.15 30.61
C LYS C 255 -2.65 -15.17 31.29
N ALA C 256 -3.03 -15.56 32.50
CA ALA C 256 -2.24 -16.50 33.27
C ALA C 256 -2.24 -17.89 32.66
N ALA C 257 -3.38 -18.33 32.13
CA ALA C 257 -3.45 -19.65 31.52
C ALA C 257 -2.59 -19.67 30.27
N MET C 258 -2.56 -18.53 29.58
CA MET C 258 -1.78 -18.41 28.36
C MET C 258 -0.28 -18.41 28.65
N LYS C 259 0.16 -17.54 29.54
CA LYS C 259 1.58 -17.44 29.89
C LYS C 259 2.13 -18.80 30.34
N THR C 260 1.34 -19.46 31.18
CA THR C 260 1.67 -20.78 31.72
C THR C 260 1.89 -21.79 30.59
N ALA C 261 0.91 -21.89 29.70
CA ALA C 261 0.98 -22.82 28.59
C ALA C 261 2.21 -22.57 27.71
N SER C 262 2.58 -21.31 27.54
CA SER C 262 3.71 -20.94 26.70
C SER C 262 5.06 -21.25 27.32
N GLU C 263 5.07 -21.68 28.58
CA GLU C 263 6.34 -21.99 29.26
C GLU C 263 6.51 -23.48 29.43
N GLY C 264 5.40 -24.20 29.28
CA GLY C 264 5.45 -25.63 29.46
C GLY C 264 5.06 -26.41 28.23
N PRO C 265 3.88 -27.04 28.24
CA PRO C 265 3.35 -27.87 27.14
C PRO C 265 3.35 -27.27 25.75
N LEU C 266 3.10 -25.97 25.63
CA LEU C 266 3.08 -25.39 24.29
C LEU C 266 4.24 -24.46 24.00
N GLN C 267 5.32 -24.55 24.78
CA GLN C 267 6.45 -23.64 24.53
C GLN C 267 7.06 -23.89 23.17
N GLY C 268 7.35 -22.80 22.47
CA GLY C 268 7.91 -22.89 21.14
C GLY C 268 6.80 -22.93 20.11
N VAL C 269 5.58 -23.25 20.56
CA VAL C 269 4.43 -23.30 19.68
C VAL C 269 3.52 -22.08 19.95
N LEU C 270 3.18 -21.84 21.22
CA LEU C 270 2.36 -20.68 21.60
C LEU C 270 3.20 -19.66 22.36
N GLY C 271 3.26 -18.44 21.84
CA GLY C 271 4.01 -17.38 22.49
C GLY C 271 3.07 -16.52 23.31
N TYR C 272 3.64 -15.68 24.16
CA TYR C 272 2.84 -14.79 25.01
C TYR C 272 3.55 -13.44 25.04
N THR C 273 2.80 -12.36 24.86
CA THR C 273 3.42 -11.05 24.91
C THR C 273 2.52 -10.01 25.55
N GLU C 274 3.12 -8.97 26.11
CA GLU C 274 2.39 -7.90 26.75
C GLU C 274 2.87 -6.57 26.20
N ASP C 275 3.67 -6.64 25.14
CA ASP C 275 4.19 -5.44 24.52
C ASP C 275 3.22 -4.85 23.52
N ASP C 276 3.43 -3.58 23.19
CA ASP C 276 2.59 -2.87 22.25
C ASP C 276 3.06 -3.22 20.84
N VAL C 277 2.84 -4.48 20.46
CA VAL C 277 3.29 -5.00 19.17
C VAL C 277 2.39 -4.74 17.97
N VAL C 278 2.96 -4.83 16.79
CA VAL C 278 2.22 -4.65 15.54
C VAL C 278 2.62 -5.81 14.60
N SER C 279 1.87 -6.01 13.52
CA SER C 279 2.15 -7.13 12.62
C SER C 279 3.61 -7.34 12.19
N CYS C 280 4.34 -6.29 11.83
CA CYS C 280 5.73 -6.42 11.42
C CYS C 280 6.66 -7.00 12.48
N ASP C 281 6.26 -6.92 13.75
CA ASP C 281 7.09 -7.44 14.83
C ASP C 281 7.07 -8.97 14.86
N PHE C 282 6.32 -9.59 13.95
CA PHE C 282 6.26 -11.04 13.93
C PHE C 282 6.79 -11.67 12.65
N THR C 283 7.40 -10.86 11.79
CA THR C 283 7.95 -11.39 10.55
C THR C 283 9.16 -12.23 10.92
N GLY C 284 9.14 -13.50 10.54
CA GLY C 284 10.25 -14.37 10.86
C GLY C 284 10.06 -15.08 12.19
N ASP C 285 8.90 -14.93 12.82
CA ASP C 285 8.66 -15.57 14.10
C ASP C 285 8.39 -17.06 13.93
N ASN C 286 9.00 -17.89 14.78
CA ASN C 286 8.87 -19.36 14.74
C ASN C 286 7.58 -19.93 15.29
N ARG C 287 6.96 -19.25 16.26
CA ARG C 287 5.75 -19.78 16.87
C ARG C 287 4.53 -19.84 15.95
N SER C 288 3.63 -20.77 16.24
CA SER C 288 2.41 -20.94 15.46
C SER C 288 1.37 -19.89 15.84
N SER C 289 1.45 -19.42 17.09
CA SER C 289 0.48 -18.48 17.64
C SER C 289 1.04 -17.65 18.80
N ILE C 290 1.02 -16.33 18.66
CA ILE C 290 1.52 -15.44 19.71
C ILE C 290 0.37 -14.61 20.33
N PHE C 291 -0.04 -15.00 21.53
CA PHE C 291 -1.09 -14.32 22.28
C PHE C 291 -0.72 -12.86 22.64
N ASP C 292 -1.54 -11.92 22.20
CA ASP C 292 -1.34 -10.49 22.45
C ASP C 292 -2.23 -10.09 23.64
N ALA C 293 -1.65 -10.09 24.84
CA ALA C 293 -2.39 -9.78 26.06
C ALA C 293 -3.09 -8.41 26.08
N LYS C 294 -2.36 -7.35 25.75
CA LYS C 294 -2.93 -6.02 25.76
C LYS C 294 -4.14 -5.83 24.82
N ALA C 295 -4.14 -6.52 23.68
CA ALA C 295 -5.22 -6.37 22.71
C ALA C 295 -6.56 -7.00 23.09
N GLY C 296 -6.52 -8.06 23.89
CA GLY C 296 -7.74 -8.72 24.29
C GLY C 296 -8.67 -7.81 25.09
N ILE C 297 -9.95 -8.14 25.11
CA ILE C 297 -10.94 -7.36 25.85
C ILE C 297 -11.99 -8.31 26.42
N GLN C 298 -12.56 -7.93 27.55
CA GLN C 298 -13.58 -8.78 28.16
C GLN C 298 -14.85 -8.01 28.43
N LEU C 299 -15.98 -8.56 28.00
CA LEU C 299 -17.25 -7.89 28.23
C LEU C 299 -17.79 -8.32 29.60
N SER C 300 -17.94 -9.63 29.78
CA SER C 300 -18.43 -10.18 31.02
C SER C 300 -17.52 -11.31 31.47
N LYS C 301 -17.88 -11.95 32.58
CA LYS C 301 -17.07 -13.04 33.12
C LYS C 301 -17.07 -14.29 32.24
N THR C 302 -17.93 -14.33 31.24
CA THR C 302 -17.97 -15.49 30.35
C THR C 302 -17.99 -15.13 28.86
N PHE C 303 -17.76 -13.85 28.56
CA PHE C 303 -17.74 -13.39 27.18
C PHE C 303 -16.50 -12.52 26.97
N VAL C 304 -15.52 -13.05 26.23
CA VAL C 304 -14.26 -12.35 26.00
C VAL C 304 -13.73 -12.46 24.56
N LYS C 305 -13.00 -11.44 24.12
CA LYS C 305 -12.42 -11.42 22.79
C LYS C 305 -10.91 -11.57 22.92
N VAL C 306 -10.37 -12.62 22.31
CA VAL C 306 -8.94 -12.90 22.35
C VAL C 306 -8.24 -12.63 21.02
N VAL C 307 -7.01 -12.11 21.10
CA VAL C 307 -6.24 -11.77 19.91
C VAL C 307 -4.88 -12.48 19.86
N SER C 308 -4.61 -13.19 18.76
CA SER C 308 -3.36 -13.91 18.60
C SER C 308 -2.74 -13.75 17.21
N TRP C 309 -1.44 -13.47 17.17
CA TRP C 309 -0.69 -13.26 15.93
C TRP C 309 -0.05 -14.52 15.38
N TYR C 310 0.35 -14.45 14.12
CA TYR C 310 1.04 -15.54 13.47
C TYR C 310 1.58 -15.12 12.11
N ASP C 311 2.84 -15.48 11.87
CA ASP C 311 3.50 -15.19 10.61
C ASP C 311 3.06 -16.36 9.72
N ASN C 312 1.95 -16.18 9.01
CA ASN C 312 1.37 -17.22 8.16
C ASN C 312 2.31 -18.01 7.25
N GLU C 313 3.42 -17.43 6.83
CA GLU C 313 4.33 -18.17 5.97
C GLU C 313 5.38 -18.93 6.80
N PHE C 314 6.18 -18.16 7.52
CA PHE C 314 7.27 -18.66 8.34
C PHE C 314 6.93 -19.66 9.45
N GLY C 315 6.03 -19.29 10.35
CA GLY C 315 5.67 -20.19 11.43
C GLY C 315 5.14 -21.53 10.96
N TYR C 316 4.32 -21.52 9.91
CA TYR C 316 3.77 -22.75 9.37
C TYR C 316 4.90 -23.67 8.87
N SER C 317 5.89 -23.09 8.20
CA SER C 317 7.04 -23.84 7.68
C SER C 317 7.75 -24.55 8.81
N GLN C 318 8.02 -23.82 9.88
CA GLN C 318 8.69 -24.38 11.04
C GLN C 318 7.87 -25.60 11.56
N ARG C 319 6.56 -25.44 11.60
CA ARG C 319 5.68 -26.53 12.05
C ARG C 319 5.72 -27.73 11.10
N VAL C 320 5.96 -27.49 9.82
CA VAL C 320 6.03 -28.59 8.87
C VAL C 320 7.24 -29.47 9.22
N ILE C 321 8.41 -28.87 9.45
CA ILE C 321 9.60 -29.64 9.82
C ILE C 321 9.35 -30.34 11.15
N ASP C 322 8.74 -29.63 12.09
CA ASP C 322 8.43 -30.18 13.39
C ASP C 322 7.57 -31.44 13.27
N LEU C 323 6.57 -31.40 12.39
CA LEU C 323 5.69 -32.55 12.21
C LEU C 323 6.45 -33.74 11.64
N ILE C 324 7.37 -33.47 10.71
CA ILE C 324 8.15 -34.54 10.11
C ILE C 324 9.06 -35.17 11.16
N LYS C 325 9.68 -34.36 12.00
CA LYS C 325 10.55 -34.88 13.06
C LYS C 325 9.80 -35.76 14.06
N HIS C 326 8.54 -35.44 14.32
CA HIS C 326 7.74 -36.23 15.24
C HIS C 326 7.38 -37.54 14.56
N MET C 327 7.01 -37.46 13.28
CA MET C 327 6.63 -38.64 12.50
C MET C 327 7.77 -39.63 12.41
N GLN C 328 8.98 -39.14 12.15
CA GLN C 328 10.14 -40.00 12.03
C GLN C 328 10.57 -40.65 13.34
N LYS C 329 10.33 -39.97 14.47
CA LYS C 329 10.67 -40.53 15.76
C LYS C 329 9.68 -41.65 16.09
N VAL C 330 8.45 -41.53 15.58
CA VAL C 330 7.43 -42.54 15.82
C VAL C 330 7.52 -43.64 14.77
N ASP C 331 7.81 -43.25 13.52
CA ASP C 331 7.93 -44.20 12.42
C ASP C 331 9.13 -45.10 12.65
N SER C 332 10.20 -44.52 13.19
CA SER C 332 11.39 -45.28 13.49
C SER C 332 11.42 -45.38 15.02
N ALA C 333 10.60 -46.29 15.54
CA ALA C 333 10.49 -46.52 16.98
C ALA C 333 9.94 -47.93 17.25
N SER D 1 35.73 5.57 20.79
CA SER D 1 34.92 6.44 19.90
C SER D 1 34.21 7.55 20.66
N LYS D 2 33.66 7.22 21.84
CA LYS D 2 32.96 8.21 22.67
C LYS D 2 31.95 9.02 21.86
N ILE D 3 31.00 8.33 21.25
CA ILE D 3 30.00 8.99 20.43
C ILE D 3 28.73 9.34 21.19
N GLY D 4 28.17 10.49 20.83
CA GLY D 4 26.94 10.93 21.46
C GLY D 4 25.97 11.20 20.32
N ILE D 5 24.68 10.98 20.56
CA ILE D 5 23.69 11.21 19.52
C ILE D 5 22.60 12.16 19.99
N ASN D 6 22.24 13.12 19.16
CA ASN D 6 21.19 14.05 19.50
C ASN D 6 20.04 13.82 18.49
N GLY D 7 18.96 13.20 18.96
CA GLY D 7 17.83 12.93 18.08
C GLY D 7 17.71 11.44 17.82
N PHE D 8 16.96 10.77 18.69
CA PHE D 8 16.77 9.32 18.59
C PHE D 8 15.69 8.91 17.58
N GLY D 9 15.72 9.52 16.41
CA GLY D 9 14.75 9.20 15.38
C GLY D 9 15.14 8.01 14.52
N ARG D 10 14.69 7.97 13.26
CA ARG D 10 15.02 6.86 12.35
C ARG D 10 16.54 6.71 12.24
N ILE D 11 17.24 7.81 11.97
CA ILE D 11 18.69 7.79 11.84
C ILE D 11 19.36 7.63 13.20
N GLY D 12 19.00 8.48 14.16
CA GLY D 12 19.58 8.37 15.47
C GLY D 12 19.55 6.93 15.94
N ARG D 13 18.38 6.31 15.86
CA ARG D 13 18.24 4.93 16.31
C ARG D 13 19.04 3.92 15.49
N LEU D 14 19.12 4.11 14.17
CA LEU D 14 19.87 3.18 13.34
C LEU D 14 21.37 3.36 13.45
N VAL D 15 21.80 4.58 13.77
CA VAL D 15 23.21 4.85 13.94
C VAL D 15 23.65 4.06 15.18
N LEU D 16 22.77 3.99 16.19
CA LEU D 16 23.08 3.26 17.41
C LEU D 16 23.20 1.77 17.08
N ARG D 17 22.24 1.26 16.31
CA ARG D 17 22.24 -0.15 15.92
C ARG D 17 23.51 -0.49 15.14
N THR D 18 23.84 0.38 14.19
CA THR D 18 25.02 0.19 13.37
C THR D 18 26.27 0.24 14.24
N ALA D 19 26.30 1.20 15.16
CA ALA D 19 27.45 1.35 16.06
C ALA D 19 27.69 0.05 16.83
N LEU D 20 26.61 -0.56 17.31
CA LEU D 20 26.72 -1.80 18.06
C LEU D 20 27.28 -2.94 17.23
N GLU D 21 27.29 -2.79 15.91
CA GLU D 21 27.82 -3.85 15.07
C GLU D 21 29.23 -3.54 14.59
N MET D 22 29.45 -2.32 14.11
CA MET D 22 30.78 -1.96 13.66
C MET D 22 31.69 -1.73 14.87
N GLY D 23 31.18 -2.13 16.03
CA GLY D 23 31.95 -1.98 17.26
C GLY D 23 32.19 -0.57 17.78
N ALA D 24 31.52 0.42 17.21
CA ALA D 24 31.71 1.80 17.66
C ALA D 24 31.15 1.92 19.08
N GLN D 25 31.41 3.06 19.72
CA GLN D 25 30.96 3.27 21.09
C GLN D 25 30.06 4.49 21.27
N VAL D 26 28.81 4.24 21.63
CA VAL D 26 27.87 5.33 21.88
C VAL D 26 27.75 5.40 23.40
N VAL D 27 27.93 6.59 23.95
CA VAL D 27 27.86 6.74 25.41
C VAL D 27 26.75 7.66 25.88
N ALA D 28 26.01 8.26 24.95
CA ALA D 28 24.94 9.14 25.35
C ALA D 28 23.95 9.47 24.23
N VAL D 29 22.69 9.60 24.61
CA VAL D 29 21.63 9.92 23.68
C VAL D 29 20.85 11.08 24.26
N ASN D 30 20.16 11.83 23.42
CA ASN D 30 19.38 12.98 23.90
C ASN D 30 18.16 13.23 23.03
N ASP D 31 16.98 13.08 23.60
CA ASP D 31 15.74 13.32 22.86
C ASP D 31 14.63 13.70 23.85
N PRO D 32 14.06 14.91 23.72
CA PRO D 32 12.99 15.38 24.61
C PRO D 32 11.62 14.77 24.35
N PHE D 33 11.31 14.48 23.09
CA PHE D 33 10.01 13.90 22.73
C PHE D 33 9.91 12.39 22.99
N ILE D 34 10.93 11.79 23.60
CA ILE D 34 10.93 10.36 23.86
C ILE D 34 11.43 10.02 25.27
N ALA D 35 10.52 9.46 26.08
CA ALA D 35 10.83 9.08 27.46
C ALA D 35 11.76 7.88 27.47
N LEU D 36 12.40 7.66 28.61
CA LEU D 36 13.35 6.56 28.76
C LEU D 36 12.79 5.18 28.47
N GLU D 37 11.62 4.86 29.02
CA GLU D 37 11.05 3.53 28.79
C GLU D 37 10.52 3.42 27.35
N TYR D 38 10.26 4.56 26.72
CA TYR D 38 9.77 4.60 25.35
C TYR D 38 10.93 4.37 24.36
N MET D 39 12.14 4.76 24.75
CA MET D 39 13.33 4.56 23.91
C MET D 39 13.59 3.06 23.81
N VAL D 40 13.39 2.35 24.91
CA VAL D 40 13.62 0.92 24.90
C VAL D 40 12.76 0.30 23.82
N TYR D 41 11.51 0.77 23.75
CA TYR D 41 10.56 0.27 22.77
C TYR D 41 10.88 0.63 21.33
N MET D 42 11.14 1.90 21.07
CA MET D 42 11.43 2.33 19.71
C MET D 42 12.72 1.77 19.14
N PHE D 43 13.62 1.38 20.03
CA PHE D 43 14.89 0.84 19.59
C PHE D 43 14.78 -0.67 19.37
N LYS D 44 14.05 -1.34 20.25
CA LYS D 44 13.87 -2.79 20.17
C LYS D 44 13.08 -3.21 18.94
N TYR D 45 11.89 -2.64 18.76
CA TYR D 45 11.04 -2.96 17.63
C TYR D 45 11.20 -1.96 16.49
N ASP D 46 11.29 -2.47 15.26
CA ASP D 46 11.44 -1.63 14.09
C ASP D 46 10.67 -2.32 12.98
N SER D 47 9.69 -1.63 12.41
CA SER D 47 8.86 -2.21 11.35
C SER D 47 9.67 -2.65 10.12
N THR D 48 10.63 -1.83 9.73
CA THR D 48 11.46 -2.08 8.56
C THR D 48 12.66 -3.00 8.74
N HIS D 49 13.46 -2.74 9.77
CA HIS D 49 14.67 -3.51 9.97
C HIS D 49 14.63 -4.64 10.98
N GLY D 50 13.44 -5.03 11.41
CA GLY D 50 13.32 -6.12 12.35
C GLY D 50 13.50 -5.81 13.81
N MET D 51 13.12 -6.80 14.62
CA MET D 51 13.21 -6.71 16.06
C MET D 51 14.71 -6.84 16.44
N PHE D 52 15.19 -5.97 17.32
CA PHE D 52 16.59 -6.02 17.73
C PHE D 52 16.91 -7.29 18.53
N LYS D 53 17.89 -8.06 18.06
CA LYS D 53 18.27 -9.29 18.76
C LYS D 53 19.39 -8.97 19.73
N GLY D 54 19.05 -8.85 21.00
CA GLY D 54 20.02 -8.52 22.01
C GLY D 54 19.24 -7.98 23.17
N GLU D 55 19.90 -7.67 24.27
CA GLU D 55 19.20 -7.17 25.44
C GLU D 55 19.16 -5.65 25.48
N VAL D 56 17.97 -5.12 25.65
CA VAL D 56 17.76 -3.67 25.74
C VAL D 56 16.90 -3.48 26.98
N LYS D 57 17.37 -2.69 27.93
CA LYS D 57 16.57 -2.45 29.12
C LYS D 57 16.98 -1.18 29.82
N VAL D 58 16.05 -0.63 30.60
CA VAL D 58 16.33 0.57 31.36
C VAL D 58 16.97 0.15 32.67
N GLU D 59 17.89 0.96 33.17
CA GLU D 59 18.58 0.63 34.41
C GLU D 59 19.33 1.82 34.98
N ASP D 60 18.84 2.33 36.10
CA ASP D 60 19.47 3.49 36.73
C ASP D 60 19.29 4.71 35.85
N GLY D 61 18.07 4.96 35.41
CA GLY D 61 17.84 6.11 34.55
C GLY D 61 18.75 6.09 33.33
N ALA D 62 19.25 4.92 32.99
CA ALA D 62 20.13 4.77 31.85
C ALA D 62 19.63 3.66 30.95
N LEU D 63 20.01 3.73 29.67
CA LEU D 63 19.64 2.73 28.69
C LEU D 63 20.80 1.72 28.66
N VAL D 64 20.47 0.43 28.77
CA VAL D 64 21.50 -0.62 28.75
C VAL D 64 21.26 -1.59 27.59
N VAL D 65 22.14 -1.54 26.59
CA VAL D 65 22.01 -2.40 25.41
C VAL D 65 23.16 -3.40 25.37
N ASP D 66 22.87 -4.67 25.67
CA ASP D 66 23.90 -5.71 25.67
C ASP D 66 25.03 -5.30 26.60
N GLY D 67 24.69 -4.90 27.81
CA GLY D 67 25.72 -4.47 28.74
C GLY D 67 26.05 -2.99 28.60
N LYS D 68 26.23 -2.50 27.38
CA LYS D 68 26.55 -1.08 27.17
C LYS D 68 25.61 -0.16 27.95
N LYS D 69 26.18 0.72 28.76
CA LYS D 69 25.38 1.66 29.53
C LYS D 69 25.38 2.95 28.71
N ILE D 70 24.19 3.48 28.43
CA ILE D 70 24.09 4.69 27.64
C ILE D 70 23.34 5.77 28.41
N THR D 71 24.03 6.85 28.73
CA THR D 71 23.45 7.96 29.47
C THR D 71 22.39 8.65 28.61
N VAL D 72 21.25 8.95 29.21
CA VAL D 72 20.16 9.58 28.49
C VAL D 72 19.81 10.97 29.04
N PHE D 73 19.66 11.94 28.13
CA PHE D 73 19.28 13.30 28.49
C PHE D 73 18.01 13.60 27.71
N ASN D 74 17.24 14.59 28.13
CA ASN D 74 16.00 14.92 27.43
C ASN D 74 15.84 16.38 27.07
N GLU D 75 16.94 17.14 27.15
CA GLU D 75 16.94 18.57 26.83
C GLU D 75 16.19 18.90 25.55
N MET D 76 15.69 20.13 25.48
CA MET D 76 14.94 20.59 24.32
C MET D 76 15.82 21.51 23.47
N LYS D 77 16.92 21.99 24.06
CA LYS D 77 17.84 22.87 23.34
C LYS D 77 19.29 22.42 23.50
N PRO D 78 20.01 22.30 22.37
CA PRO D 78 21.42 21.89 22.25
C PRO D 78 22.45 22.32 23.29
N GLU D 79 22.71 23.63 23.42
CA GLU D 79 23.70 24.12 24.38
C GLU D 79 23.53 23.60 25.81
N ASN D 80 22.39 23.00 26.08
CA ASN D 80 22.09 22.46 27.41
C ASN D 80 22.72 21.10 27.67
N ILE D 81 22.53 20.16 26.74
CA ILE D 81 23.06 18.81 26.86
C ILE D 81 24.49 18.73 27.44
N PRO D 82 24.62 18.13 28.62
CA PRO D 82 25.87 17.95 29.35
C PRO D 82 26.75 16.85 28.76
N TRP D 83 26.98 16.88 27.45
CA TRP D 83 27.80 15.86 26.81
C TRP D 83 29.02 15.47 27.63
N SER D 84 29.75 16.49 28.11
CA SER D 84 30.95 16.27 28.90
C SER D 84 30.71 15.30 30.07
N LYS D 85 29.53 15.38 30.68
CA LYS D 85 29.15 14.51 31.81
C LYS D 85 29.19 13.04 31.42
N ALA D 86 28.69 12.73 30.23
CA ALA D 86 28.68 11.35 29.76
C ALA D 86 30.01 10.93 29.13
N GLY D 87 30.78 11.92 28.68
CA GLY D 87 32.07 11.63 28.07
C GLY D 87 31.97 11.57 26.57
N ALA D 88 30.93 12.23 26.05
CA ALA D 88 30.65 12.27 24.63
C ALA D 88 31.44 13.36 23.93
N GLU D 89 32.40 12.96 23.10
CA GLU D 89 33.20 13.93 22.37
C GLU D 89 32.67 14.17 20.96
N TYR D 90 32.39 13.10 20.22
CA TYR D 90 31.86 13.23 18.86
C TYR D 90 30.35 13.09 18.85
N ILE D 91 29.67 14.14 18.42
CA ILE D 91 28.21 14.16 18.42
C ILE D 91 27.55 14.00 17.07
N VAL D 92 26.60 13.07 16.99
CA VAL D 92 25.86 12.83 15.75
C VAL D 92 24.60 13.67 15.86
N GLU D 93 24.56 14.78 15.15
CA GLU D 93 23.42 15.67 15.16
C GLU D 93 22.37 15.15 14.18
N SER D 94 21.44 14.35 14.68
CA SER D 94 20.41 13.78 13.81
C SER D 94 18.97 14.15 14.18
N THR D 95 18.72 15.43 14.43
CA THR D 95 17.38 15.92 14.75
C THR D 95 16.86 16.57 13.49
N GLY D 96 17.78 17.07 12.68
CA GLY D 96 17.42 17.71 11.44
C GLY D 96 16.96 19.13 11.66
N VAL D 97 17.30 19.69 12.82
CA VAL D 97 16.89 21.04 13.13
C VAL D 97 18.07 22.00 13.34
N PHE D 98 19.24 21.46 13.61
CA PHE D 98 20.42 22.29 13.83
C PHE D 98 21.49 21.89 12.81
N THR D 99 21.16 22.09 11.54
CA THR D 99 22.01 21.73 10.42
C THR D 99 23.10 22.73 10.01
N THR D 100 23.00 23.97 10.47
CA THR D 100 24.00 24.97 10.09
C THR D 100 25.17 24.99 11.09
N ILE D 101 26.34 25.46 10.64
CA ILE D 101 27.52 25.50 11.52
C ILE D 101 27.21 26.24 12.81
N GLU D 102 26.37 27.27 12.69
CA GLU D 102 26.00 28.04 13.85
C GLU D 102 25.23 27.19 14.85
N LYS D 103 24.01 26.85 14.48
CA LYS D 103 23.12 26.04 15.31
C LYS D 103 23.78 24.78 15.88
N ALA D 104 24.58 24.10 15.08
CA ALA D 104 25.23 22.87 15.51
C ALA D 104 26.37 23.10 16.51
N SER D 105 26.90 24.31 16.52
CA SER D 105 27.99 24.65 17.42
C SER D 105 27.52 24.69 18.87
N ALA D 106 26.21 24.70 19.06
CA ALA D 106 25.63 24.72 20.40
C ALA D 106 26.24 23.61 21.25
N HIS D 107 26.29 22.40 20.68
CA HIS D 107 26.84 21.23 21.36
C HIS D 107 28.23 21.47 21.95
N PHE D 108 28.89 22.54 21.53
CA PHE D 108 30.22 22.84 22.05
C PHE D 108 30.14 23.26 23.50
N LYS D 109 29.03 23.90 23.86
CA LYS D 109 28.77 24.35 25.22
C LYS D 109 28.93 23.16 26.14
N GLY D 110 28.18 22.09 25.83
CA GLY D 110 28.23 20.87 26.61
C GLY D 110 29.58 20.19 26.71
N GLY D 111 30.55 20.65 25.93
CA GLY D 111 31.87 20.05 26.00
C GLY D 111 32.12 19.04 24.88
N ALA D 112 31.50 19.26 23.72
CA ALA D 112 31.65 18.38 22.58
C ALA D 112 32.79 18.86 21.68
N LYS D 113 33.69 17.95 21.33
CA LYS D 113 34.84 18.26 20.46
C LYS D 113 34.41 18.49 19.01
N LYS D 114 33.72 17.51 18.43
CA LYS D 114 33.26 17.59 17.04
C LYS D 114 31.79 17.24 16.85
N VAL D 115 31.20 17.77 15.79
CA VAL D 115 29.79 17.53 15.46
C VAL D 115 29.64 17.06 14.01
N ILE D 116 28.84 16.03 13.81
CA ILE D 116 28.61 15.50 12.47
C ILE D 116 27.11 15.65 12.16
N ILE D 117 26.77 16.53 11.23
CA ILE D 117 25.35 16.71 10.87
C ILE D 117 24.91 15.57 9.96
N SER D 118 23.96 14.77 10.44
CA SER D 118 23.47 13.62 9.67
C SER D 118 22.46 14.10 8.65
N ALA D 119 22.75 15.23 8.03
CA ALA D 119 21.87 15.80 7.02
C ALA D 119 22.65 16.85 6.26
N PRO D 120 22.12 17.31 5.12
CA PRO D 120 22.87 18.32 4.39
C PRO D 120 22.97 19.61 5.23
N SER D 121 24.04 20.36 5.07
CA SER D 121 24.21 21.61 5.80
C SER D 121 24.32 22.72 4.78
N ALA D 122 23.91 23.92 5.17
CA ALA D 122 23.97 25.03 4.25
C ALA D 122 25.38 25.61 4.23
N ASP D 123 26.15 25.35 5.29
CA ASP D 123 27.50 25.89 5.34
C ASP D 123 28.57 24.99 5.94
N ALA D 124 28.20 23.85 6.48
CA ALA D 124 29.21 22.96 7.04
C ALA D 124 29.77 22.13 5.89
N PRO D 125 31.09 21.91 5.86
CA PRO D 125 31.66 21.11 4.78
C PRO D 125 31.04 19.72 4.67
N MET D 126 30.57 19.38 3.47
CA MET D 126 29.94 18.08 3.24
C MET D 126 30.87 16.99 2.73
N PHE D 127 30.73 15.80 3.30
CA PHE D 127 31.56 14.68 2.90
C PHE D 127 30.77 13.45 2.45
N VAL D 128 31.39 12.67 1.58
CA VAL D 128 30.79 11.44 1.10
C VAL D 128 31.92 10.41 1.12
N CYS D 129 31.79 9.42 1.99
CA CYS D 129 32.80 8.39 2.11
C CYS D 129 33.12 7.82 0.74
N GLY D 130 34.42 7.71 0.46
CA GLY D 130 34.86 7.18 -0.82
C GLY D 130 34.97 8.22 -1.92
N VAL D 131 34.44 9.41 -1.67
CA VAL D 131 34.49 10.43 -2.69
C VAL D 131 35.41 11.62 -2.37
N ASN D 132 35.31 12.16 -1.16
CA ASN D 132 36.13 13.31 -0.81
C ASN D 132 36.63 13.36 0.62
N LEU D 133 36.78 12.21 1.29
CA LEU D 133 37.25 12.23 2.68
C LEU D 133 38.66 12.80 2.83
N GLU D 134 39.47 12.75 1.78
CA GLU D 134 40.82 13.27 1.86
C GLU D 134 40.82 14.78 2.10
N LYS D 135 39.69 15.43 1.87
CA LYS D 135 39.61 16.88 2.06
C LYS D 135 39.37 17.26 3.51
N TYR D 136 39.07 16.26 4.34
CA TYR D 136 38.82 16.51 5.75
C TYR D 136 40.10 16.76 6.53
N SER D 137 40.12 17.83 7.32
CA SER D 137 41.27 18.15 8.16
C SER D 137 40.79 18.31 9.60
N LYS D 138 41.64 17.91 10.55
CA LYS D 138 41.30 17.97 11.97
C LYS D 138 40.78 19.32 12.47
N ASP D 139 41.24 20.41 11.89
CA ASP D 139 40.80 21.73 12.32
C ASP D 139 39.30 21.96 12.11
N MET D 140 38.61 21.01 11.49
CA MET D 140 37.17 21.14 11.24
C MET D 140 36.38 20.65 12.46
N LYS D 141 35.55 21.53 13.00
CA LYS D 141 34.76 21.24 14.20
C LYS D 141 33.35 20.73 13.92
N VAL D 142 32.74 21.22 12.83
CA VAL D 142 31.39 20.80 12.44
C VAL D 142 31.35 20.35 10.98
N VAL D 143 30.93 19.12 10.75
CA VAL D 143 30.86 18.57 9.40
C VAL D 143 29.51 17.93 9.10
N SER D 144 29.18 17.86 7.82
CA SER D 144 27.94 17.28 7.35
C SER D 144 28.24 15.96 6.60
N ASN D 145 27.29 15.03 6.61
CA ASN D 145 27.47 13.76 5.92
C ASN D 145 26.57 13.73 4.70
N ALA D 146 26.13 14.91 4.28
CA ALA D 146 25.23 15.04 3.14
C ALA D 146 23.93 14.26 3.38
N SER D 147 23.20 13.97 2.32
CA SER D 147 21.95 13.24 2.44
C SER D 147 22.07 11.81 1.93
N CYS D 148 21.02 11.03 2.18
CA CYS D 148 20.96 9.65 1.74
C CYS D 148 21.19 9.60 0.23
N THR D 149 20.44 10.42 -0.52
CA THR D 149 20.56 10.45 -1.96
C THR D 149 21.93 10.93 -2.48
N THR D 150 22.52 11.93 -1.86
CA THR D 150 23.84 12.40 -2.31
C THR D 150 24.87 11.29 -2.12
N ASN D 151 24.70 10.49 -1.08
CA ASN D 151 25.61 9.39 -0.82
C ASN D 151 25.52 8.27 -1.86
N CYS D 152 24.35 8.14 -2.51
CA CYS D 152 24.15 7.13 -3.55
C CYS D 152 24.67 7.64 -4.90
N LEU D 153 24.39 8.91 -5.20
CA LEU D 153 24.76 9.53 -6.46
C LEU D 153 26.25 9.80 -6.63
N ALA D 154 26.85 10.47 -5.64
CA ALA D 154 28.27 10.83 -5.70
C ALA D 154 29.19 9.68 -6.16
N PRO D 155 29.10 8.51 -5.51
CA PRO D 155 29.96 7.39 -5.91
C PRO D 155 29.83 7.10 -7.40
N VAL D 156 28.59 6.95 -7.86
CA VAL D 156 28.29 6.67 -9.27
C VAL D 156 28.78 7.79 -10.19
N ALA D 157 28.60 9.04 -9.78
CA ALA D 157 29.04 10.19 -10.56
C ALA D 157 30.57 10.25 -10.67
N LYS D 158 31.25 9.93 -9.56
CA LYS D 158 32.70 9.94 -9.54
C LYS D 158 33.21 8.99 -10.60
N VAL D 159 32.72 7.75 -10.56
CA VAL D 159 33.14 6.74 -11.52
C VAL D 159 32.85 7.14 -12.96
N LEU D 160 31.64 7.61 -13.26
CA LEU D 160 31.31 8.00 -14.63
C LEU D 160 32.17 9.18 -15.08
N HIS D 161 32.36 10.16 -14.21
CA HIS D 161 33.15 11.32 -14.57
C HIS D 161 34.63 11.01 -14.76
N GLU D 162 35.21 10.24 -13.85
CA GLU D 162 36.62 9.88 -13.95
C GLU D 162 36.96 9.07 -15.18
N ASN D 163 36.00 8.27 -15.64
CA ASN D 163 36.21 7.42 -16.80
C ASN D 163 35.78 7.97 -18.14
N PHE D 164 34.62 8.62 -18.19
CA PHE D 164 34.14 9.14 -19.46
C PHE D 164 33.82 10.61 -19.47
N GLU D 165 33.96 11.26 -18.32
CA GLU D 165 33.68 12.67 -18.20
C GLU D 165 32.19 13.01 -18.34
N ILE D 166 31.59 13.55 -17.28
CA ILE D 166 30.18 13.93 -17.32
C ILE D 166 30.07 15.35 -17.85
N VAL D 167 29.39 15.50 -18.98
CA VAL D 167 29.16 16.80 -19.61
C VAL D 167 27.98 17.48 -18.89
N GLU D 168 26.89 16.74 -18.77
CA GLU D 168 25.70 17.21 -18.08
C GLU D 168 24.80 16.02 -17.78
N GLY D 169 24.08 16.11 -16.65
CA GLY D 169 23.19 15.04 -16.25
C GLY D 169 21.97 15.55 -15.50
N LEU D 170 20.91 14.76 -15.57
CA LEU D 170 19.67 15.06 -14.90
C LEU D 170 19.30 13.80 -14.10
N MET D 171 18.96 13.99 -12.84
CA MET D 171 18.63 12.87 -11.97
C MET D 171 17.21 12.83 -11.46
N THR D 172 16.67 11.62 -11.36
CA THR D 172 15.35 11.44 -10.78
C THR D 172 15.52 10.38 -9.73
N THR D 173 15.01 10.64 -8.54
CA THR D 173 15.12 9.64 -7.49
C THR D 173 13.71 9.17 -7.12
N VAL D 174 13.45 7.87 -7.30
CA VAL D 174 12.15 7.30 -6.96
C VAL D 174 12.40 6.90 -5.53
N HIS D 175 11.94 7.77 -4.63
CA HIS D 175 12.16 7.68 -3.21
C HIS D 175 11.05 7.09 -2.35
N ALA D 176 11.42 6.36 -1.29
CA ALA D 176 10.46 5.74 -0.35
C ALA D 176 9.89 6.84 0.57
N VAL D 177 8.73 6.60 1.20
CA VAL D 177 8.14 7.63 2.07
C VAL D 177 9.06 7.97 3.24
N THR D 178 8.95 9.20 3.73
CA THR D 178 9.76 9.64 4.86
C THR D 178 8.84 10.05 6.00
N ALA D 179 9.44 10.37 7.13
CA ALA D 179 8.72 10.78 8.33
C ALA D 179 8.00 12.11 8.19
N THR D 180 8.40 12.92 7.21
CA THR D 180 7.77 14.21 7.00
C THR D 180 6.50 14.17 6.14
N GLN D 181 6.16 13.00 5.60
CA GLN D 181 4.96 12.90 4.77
C GLN D 181 3.75 12.63 5.63
N LYS D 182 2.56 12.57 5.02
CA LYS D 182 1.32 12.32 5.76
C LYS D 182 0.66 11.03 5.28
N THR D 183 0.00 10.33 6.19
CA THR D 183 -0.70 9.10 5.84
C THR D 183 -1.94 9.38 4.97
N VAL D 184 -2.58 10.53 5.19
CA VAL D 184 -3.76 10.93 4.45
C VAL D 184 -3.62 12.42 4.17
N ASP D 185 -4.44 12.96 3.27
CA ASP D 185 -4.35 14.38 2.93
C ASP D 185 -4.38 15.25 4.18
N GLY D 186 -3.32 16.01 4.37
CA GLY D 186 -3.20 16.89 5.52
C GLY D 186 -2.42 18.16 5.18
N PRO D 187 -2.38 19.14 6.09
CA PRO D 187 -1.67 20.40 5.85
C PRO D 187 -0.13 20.33 5.86
N SER D 188 0.47 21.01 4.90
CA SER D 188 1.91 21.10 4.71
C SER D 188 2.12 22.39 3.93
N ALA D 189 2.03 23.52 4.63
CA ALA D 189 2.14 24.85 4.04
C ALA D 189 3.39 25.12 3.20
N LYS D 190 4.50 24.49 3.54
CA LYS D 190 5.74 24.71 2.79
C LYS D 190 5.89 23.77 1.61
N ASP D 191 5.13 22.68 1.58
CA ASP D 191 5.20 21.73 0.49
C ASP D 191 3.83 21.11 0.30
N TRP D 192 2.99 21.79 -0.49
CA TRP D 192 1.64 21.31 -0.72
C TRP D 192 1.52 19.86 -1.21
N ARG D 193 2.37 19.47 -2.16
CA ARG D 193 2.31 18.10 -2.66
C ARG D 193 2.65 17.17 -1.50
N GLY D 194 3.61 17.61 -0.71
CA GLY D 194 4.08 16.85 0.45
C GLY D 194 3.02 16.49 1.48
N GLY D 195 1.94 17.26 1.54
CA GLY D 195 0.89 16.96 2.49
C GLY D 195 -0.14 15.96 1.99
N ARG D 196 -0.05 15.55 0.73
CA ARG D 196 -1.02 14.61 0.19
C ARG D 196 -0.81 13.18 0.71
N GLY D 197 -1.89 12.41 0.84
CA GLY D 197 -1.78 11.05 1.34
C GLY D 197 -0.65 10.26 0.71
N ALA D 198 0.31 9.84 1.52
CA ALA D 198 1.49 9.13 1.03
C ALA D 198 1.27 7.68 0.60
N ALA D 199 0.16 7.08 1.01
CA ALA D 199 -0.09 5.70 0.67
C ALA D 199 -0.83 5.50 -0.65
N GLN D 200 -1.31 6.59 -1.24
CA GLN D 200 -2.08 6.48 -2.47
C GLN D 200 -1.45 7.16 -3.66
N ASN D 201 -0.48 8.01 -3.39
CA ASN D 201 0.10 8.81 -4.44
C ASN D 201 1.55 8.68 -4.78
N ILE D 202 1.84 9.11 -6.00
CA ILE D 202 3.20 9.22 -6.50
C ILE D 202 3.26 10.74 -6.31
N ILE D 203 4.18 11.19 -5.45
CA ILE D 203 4.29 12.62 -5.15
C ILE D 203 5.55 13.29 -5.64
N PRO D 204 5.43 14.15 -6.67
CA PRO D 204 6.62 14.84 -7.17
C PRO D 204 7.23 15.60 -6.00
N SER D 205 8.55 15.67 -5.94
CA SER D 205 9.19 16.37 -4.85
C SER D 205 10.53 16.94 -5.28
N SER D 206 11.12 17.76 -4.43
CA SER D 206 12.42 18.34 -4.75
C SER D 206 13.53 17.57 -4.07
N THR D 207 14.75 17.91 -4.44
CA THR D 207 15.92 17.29 -3.85
C THR D 207 17.11 18.17 -4.16
N GLY D 208 18.06 18.25 -3.22
CA GLY D 208 19.23 19.06 -3.44
C GLY D 208 20.42 18.19 -3.75
N ALA D 209 20.22 16.88 -3.60
CA ALA D 209 21.24 15.88 -3.82
C ALA D 209 22.13 16.10 -5.05
N ALA D 210 21.52 16.27 -6.22
CA ALA D 210 22.29 16.47 -7.45
C ALA D 210 23.21 17.69 -7.39
N LYS D 211 22.73 18.79 -6.78
CA LYS D 211 23.56 19.99 -6.67
C LYS D 211 24.65 19.77 -5.62
N ALA D 212 24.30 19.07 -4.54
CA ALA D 212 25.25 18.78 -3.47
C ALA D 212 26.45 18.04 -4.05
N VAL D 213 26.21 17.23 -5.07
CA VAL D 213 27.28 16.48 -5.71
C VAL D 213 28.23 17.47 -6.34
N GLY D 214 27.74 18.68 -6.57
CA GLY D 214 28.54 19.73 -7.17
C GLY D 214 29.48 20.30 -6.13
N LYS D 215 29.16 20.08 -4.87
CA LYS D 215 29.98 20.57 -3.79
C LYS D 215 31.02 19.50 -3.36
N VAL D 216 30.64 18.24 -3.50
CA VAL D 216 31.52 17.13 -3.12
C VAL D 216 32.52 16.86 -4.25
N ILE D 217 32.09 17.06 -5.48
CA ILE D 217 32.94 16.87 -6.64
C ILE D 217 32.88 18.21 -7.36
N PRO D 218 33.75 19.14 -6.98
CA PRO D 218 33.84 20.49 -7.54
C PRO D 218 33.69 20.62 -9.06
N GLU D 219 34.27 19.69 -9.81
CA GLU D 219 34.20 19.75 -11.26
C GLU D 219 32.80 19.61 -11.82
N LEU D 220 31.95 18.88 -11.12
CA LEU D 220 30.60 18.68 -11.57
C LEU D 220 29.67 19.80 -11.15
N ASP D 221 30.22 20.76 -10.42
CA ASP D 221 29.41 21.88 -9.95
C ASP D 221 28.65 22.56 -11.09
N GLY D 222 27.33 22.57 -11.00
CA GLY D 222 26.54 23.19 -12.04
C GLY D 222 26.25 22.36 -13.27
N LYS D 223 26.71 21.11 -13.29
CA LYS D 223 26.48 20.23 -14.44
C LYS D 223 25.48 19.14 -14.09
N LEU D 224 24.96 19.20 -12.88
CA LEU D 224 24.01 18.20 -12.43
C LEU D 224 22.82 18.85 -11.71
N THR D 225 21.66 18.24 -11.85
CA THR D 225 20.44 18.72 -11.19
C THR D 225 19.42 17.60 -11.30
N GLY D 226 18.37 17.67 -10.48
CA GLY D 226 17.37 16.63 -10.53
C GLY D 226 16.13 16.92 -9.72
N MET D 227 15.31 15.90 -9.54
CA MET D 227 14.06 16.01 -8.80
C MET D 227 13.69 14.64 -8.23
N ALA D 228 12.58 14.58 -7.52
CA ALA D 228 12.19 13.30 -6.92
C ALA D 228 10.72 12.92 -7.03
N PHE D 229 10.46 11.64 -6.83
CA PHE D 229 9.11 11.09 -6.84
C PHE D 229 9.01 10.28 -5.56
N ARG D 230 8.09 10.66 -4.68
CA ARG D 230 7.90 9.91 -3.45
C ARG D 230 6.88 8.83 -3.74
N VAL D 231 7.22 7.57 -3.47
CA VAL D 231 6.29 6.49 -3.71
C VAL D 231 5.97 5.74 -2.42
N PRO D 232 4.85 5.02 -2.39
CA PRO D 232 4.38 4.24 -1.23
C PRO D 232 5.19 3.03 -0.75
N THR D 233 6.51 3.17 -0.62
CA THR D 233 7.29 2.05 -0.09
C THR D 233 7.93 2.54 1.21
N PRO D 234 8.04 1.66 2.20
CA PRO D 234 8.60 1.98 3.51
C PRO D 234 10.07 2.35 3.54
N ASN D 235 10.88 1.67 2.73
CA ASN D 235 12.31 1.94 2.72
C ASN D 235 12.95 1.47 1.41
N VAL D 236 14.14 1.98 1.12
CA VAL D 236 14.92 1.68 -0.09
C VAL D 236 14.44 2.53 -1.28
N SER D 237 15.38 3.27 -1.85
CA SER D 237 15.11 4.14 -2.96
C SER D 237 16.05 3.84 -4.13
N VAL D 238 15.81 4.49 -5.26
CA VAL D 238 16.65 4.27 -6.43
C VAL D 238 16.92 5.56 -7.20
N VAL D 239 18.16 5.69 -7.67
CA VAL D 239 18.56 6.85 -8.42
C VAL D 239 18.53 6.50 -9.91
N ASP D 240 17.91 7.37 -10.68
CA ASP D 240 17.78 7.21 -12.12
C ASP D 240 18.52 8.42 -12.70
N LEU D 241 19.76 8.17 -13.11
CA LEU D 241 20.61 9.22 -13.65
C LEU D 241 20.75 9.19 -15.16
N THR D 242 20.27 10.23 -15.83
CA THR D 242 20.37 10.31 -17.27
C THR D 242 21.53 11.26 -17.51
N VAL D 243 22.62 10.73 -18.06
CA VAL D 243 23.79 11.56 -18.25
C VAL D 243 24.36 11.56 -19.67
N ARG D 244 24.95 12.69 -20.02
CA ARG D 244 25.58 12.86 -21.30
C ARG D 244 27.10 12.88 -21.05
N LEU D 245 27.79 11.86 -21.56
CA LEU D 245 29.23 11.70 -21.37
C LEU D 245 30.05 12.39 -22.45
N GLY D 246 31.28 12.75 -22.08
CA GLY D 246 32.16 13.42 -23.01
C GLY D 246 32.96 12.50 -23.91
N LYS D 247 33.05 11.22 -23.57
CA LYS D 247 33.79 10.26 -24.38
C LYS D 247 32.89 9.15 -24.81
N GLU D 248 32.91 8.83 -26.10
CA GLU D 248 32.08 7.75 -26.62
C GLU D 248 32.46 6.47 -25.91
N CYS D 249 31.46 5.69 -25.51
CA CYS D 249 31.72 4.43 -24.83
C CYS D 249 30.52 3.51 -25.00
N SER D 250 30.74 2.23 -24.75
CA SER D 250 29.67 1.24 -24.87
C SER D 250 29.16 1.03 -23.45
N TYR D 251 28.02 0.36 -23.32
CA TYR D 251 27.47 0.13 -21.99
C TYR D 251 28.32 -0.88 -21.25
N ASP D 252 28.97 -1.78 -22.00
CA ASP D 252 29.88 -2.74 -21.38
C ASP D 252 31.02 -2.00 -20.69
N ASP D 253 31.51 -0.93 -21.32
CA ASP D 253 32.57 -0.13 -20.72
C ASP D 253 32.10 0.47 -19.39
N ILE D 254 30.85 0.87 -19.32
CA ILE D 254 30.32 1.45 -18.11
C ILE D 254 30.19 0.40 -17.01
N LYS D 255 29.72 -0.79 -17.38
CA LYS D 255 29.58 -1.87 -16.40
C LYS D 255 30.94 -2.23 -15.84
N ALA D 256 31.94 -2.24 -16.70
CA ALA D 256 33.28 -2.60 -16.31
C ALA D 256 33.89 -1.57 -15.36
N ALA D 257 33.66 -0.28 -15.63
CA ALA D 257 34.19 0.77 -14.76
C ALA D 257 33.57 0.66 -13.38
N MET D 258 32.31 0.27 -13.36
CA MET D 258 31.57 0.13 -12.11
C MET D 258 32.06 -1.06 -11.30
N LYS D 259 32.07 -2.25 -11.92
CA LYS D 259 32.53 -3.46 -11.24
C LYS D 259 33.92 -3.27 -10.64
N THR D 260 34.82 -2.69 -11.45
CA THR D 260 36.19 -2.41 -11.06
C THR D 260 36.24 -1.54 -9.79
N ALA D 261 35.53 -0.42 -9.83
CA ALA D 261 35.49 0.51 -8.71
C ALA D 261 34.99 -0.17 -7.43
N SER D 262 34.03 -1.08 -7.58
CA SER D 262 33.44 -1.77 -6.44
C SER D 262 34.33 -2.84 -5.84
N GLU D 263 35.48 -3.11 -6.46
CA GLU D 263 36.40 -4.12 -5.94
C GLU D 263 37.63 -3.46 -5.36
N GLY D 264 37.86 -2.21 -5.73
CA GLY D 264 39.03 -1.52 -5.23
C GLY D 264 38.72 -0.30 -4.39
N PRO D 265 38.96 0.89 -4.93
CA PRO D 265 38.73 2.17 -4.26
C PRO D 265 37.37 2.40 -3.60
N LEU D 266 36.30 1.91 -4.21
CA LEU D 266 34.99 2.14 -3.60
C LEU D 266 34.35 0.88 -3.03
N GLN D 267 35.13 -0.15 -2.76
CA GLN D 267 34.55 -1.38 -2.21
C GLN D 267 33.97 -1.14 -0.82
N GLY D 268 32.77 -1.67 -0.60
CA GLY D 268 32.09 -1.49 0.66
C GLY D 268 31.23 -0.24 0.61
N VAL D 269 31.49 0.63 -0.37
CA VAL D 269 30.74 1.86 -0.55
C VAL D 269 29.83 1.72 -1.79
N LEU D 270 30.41 1.34 -2.92
CA LEU D 270 29.65 1.13 -4.15
C LEU D 270 29.57 -0.35 -4.48
N GLY D 271 28.35 -0.87 -4.61
CA GLY D 271 28.15 -2.26 -4.94
C GLY D 271 27.85 -2.40 -6.42
N TYR D 272 27.94 -3.63 -6.92
CA TYR D 272 27.67 -3.90 -8.33
C TYR D 272 26.86 -5.18 -8.41
N THR D 273 25.79 -5.18 -9.21
CA THR D 273 25.00 -6.39 -9.36
C THR D 273 24.46 -6.56 -10.76
N GLU D 274 24.21 -7.80 -11.13
CA GLU D 274 23.68 -8.12 -12.45
C GLU D 274 22.45 -9.00 -12.30
N ASP D 275 21.96 -9.12 -11.09
CA ASP D 275 20.79 -9.92 -10.83
C ASP D 275 19.53 -9.12 -11.07
N ASP D 276 18.41 -9.83 -11.20
CA ASP D 276 17.11 -9.23 -11.43
C ASP D 276 16.55 -8.84 -10.08
N VAL D 277 17.17 -7.84 -9.48
CA VAL D 277 16.80 -7.37 -8.15
C VAL D 277 15.64 -6.38 -8.08
N VAL D 278 15.05 -6.25 -6.90
CA VAL D 278 13.96 -5.31 -6.67
C VAL D 278 14.28 -4.59 -5.36
N SER D 279 13.58 -3.48 -5.08
CA SER D 279 13.85 -2.69 -3.87
C SER D 279 14.00 -3.47 -2.55
N CYS D 280 13.14 -4.44 -2.27
CA CYS D 280 13.26 -5.20 -1.02
C CYS D 280 14.56 -5.97 -0.85
N ASP D 281 15.26 -6.23 -1.95
CA ASP D 281 16.52 -6.98 -1.90
C ASP D 281 17.65 -6.13 -1.33
N PHE D 282 17.36 -4.88 -1.01
CA PHE D 282 18.39 -4.01 -0.47
C PHE D 282 18.12 -3.51 0.96
N THR D 283 17.09 -4.06 1.59
CA THR D 283 16.77 -3.69 2.97
C THR D 283 17.87 -4.23 3.85
N GLY D 284 18.55 -3.34 4.57
CA GLY D 284 19.61 -3.79 5.44
C GLY D 284 20.97 -3.80 4.76
N ASP D 285 21.04 -3.32 3.53
CA ASP D 285 22.29 -3.29 2.79
C ASP D 285 23.22 -2.19 3.32
N ASN D 286 24.51 -2.51 3.49
CA ASN D 286 25.52 -1.58 4.01
C ASN D 286 26.05 -0.54 3.02
N ARG D 287 26.02 -0.86 1.74
CA ARG D 287 26.56 0.06 0.74
C ARG D 287 25.77 1.35 0.56
N SER D 288 26.46 2.40 0.13
CA SER D 288 25.84 3.70 -0.10
C SER D 288 25.12 3.73 -1.44
N SER D 289 25.61 2.89 -2.36
CA SER D 289 25.09 2.85 -3.72
C SER D 289 25.35 1.49 -4.41
N ILE D 290 24.29 0.83 -4.88
CA ILE D 290 24.42 -0.45 -5.57
C ILE D 290 23.98 -0.33 -7.02
N PHE D 291 24.97 -0.32 -7.92
CA PHE D 291 24.74 -0.21 -9.37
C PHE D 291 24.00 -1.42 -9.94
N ASP D 292 22.85 -1.17 -10.57
CA ASP D 292 22.02 -2.23 -11.16
C ASP D 292 22.34 -2.29 -12.66
N ALA D 293 23.22 -3.21 -13.04
CA ALA D 293 23.64 -3.33 -14.43
C ALA D 293 22.52 -3.59 -15.44
N LYS D 294 21.68 -4.59 -15.16
CA LYS D 294 20.59 -4.91 -16.08
C LYS D 294 19.60 -3.77 -16.33
N ALA D 295 19.37 -2.93 -15.33
CA ALA D 295 18.41 -1.84 -15.48
C ALA D 295 18.85 -0.69 -16.35
N GLY D 296 20.15 -0.44 -16.42
CA GLY D 296 20.63 0.67 -17.24
C GLY D 296 20.31 0.52 -18.71
N ILE D 297 20.30 1.63 -19.44
CA ILE D 297 20.03 1.60 -20.88
C ILE D 297 20.87 2.66 -21.56
N GLN D 298 21.25 2.40 -22.81
CA GLN D 298 22.06 3.38 -23.53
C GLN D 298 21.40 3.77 -24.85
N LEU D 299 21.30 5.07 -25.10
CA LEU D 299 20.71 5.52 -26.36
C LEU D 299 21.81 5.61 -27.41
N SER D 300 22.85 6.37 -27.11
CA SER D 300 23.96 6.54 -28.02
C SER D 300 25.27 6.31 -27.28
N LYS D 301 26.40 6.49 -27.95
CA LYS D 301 27.70 6.28 -27.35
C LYS D 301 28.05 7.33 -26.30
N THR D 302 27.26 8.39 -26.22
CA THR D 302 27.53 9.42 -25.21
C THR D 302 26.28 9.81 -24.40
N PHE D 303 25.19 9.08 -24.55
CA PHE D 303 23.95 9.37 -23.85
C PHE D 303 23.45 8.06 -23.23
N VAL D 304 23.51 7.95 -21.91
CA VAL D 304 23.10 6.74 -21.22
C VAL D 304 22.34 6.99 -19.91
N LYS D 305 21.46 6.06 -19.52
CA LYS D 305 20.70 6.20 -18.28
C LYS D 305 21.18 5.12 -17.33
N VAL D 306 21.67 5.55 -16.17
CA VAL D 306 22.20 4.64 -15.15
C VAL D 306 21.27 4.52 -13.94
N VAL D 307 21.22 3.33 -13.37
CA VAL D 307 20.35 3.07 -12.23
C VAL D 307 21.10 2.49 -11.05
N SER D 308 20.96 3.14 -9.89
CA SER D 308 21.62 2.69 -8.67
C SER D 308 20.72 2.71 -7.42
N TRP D 309 20.75 1.61 -6.67
CA TRP D 309 19.93 1.46 -5.45
C TRP D 309 20.59 1.93 -4.18
N TYR D 310 19.79 2.07 -3.13
CA TYR D 310 20.30 2.46 -1.83
C TYR D 310 19.24 2.38 -0.77
N ASP D 311 19.60 1.79 0.37
CA ASP D 311 18.71 1.67 1.50
C ASP D 311 18.89 2.98 2.22
N ASN D 312 18.07 3.96 1.88
CA ASN D 312 18.16 5.30 2.44
C ASN D 312 18.34 5.44 3.95
N GLU D 313 17.86 4.48 4.73
CA GLU D 313 18.02 4.58 6.18
C GLU D 313 19.31 3.92 6.65
N PHE D 314 19.40 2.62 6.39
CA PHE D 314 20.51 1.78 6.79
C PHE D 314 21.91 2.13 6.26
N GLY D 315 22.04 2.21 4.94
CA GLY D 315 23.33 2.54 4.34
C GLY D 315 23.88 3.86 4.82
N TYR D 316 23.02 4.87 4.95
CA TYR D 316 23.47 6.17 5.41
C TYR D 316 24.03 6.07 6.85
N SER D 317 23.35 5.31 7.70
CA SER D 317 23.79 5.11 9.08
C SER D 317 25.20 4.53 9.10
N GLN D 318 25.42 3.49 8.31
CA GLN D 318 26.73 2.85 8.22
C GLN D 318 27.78 3.92 7.84
N ARG D 319 27.42 4.78 6.89
CA ARG D 319 28.34 5.83 6.46
C ARG D 319 28.61 6.85 7.56
N VAL D 320 27.64 7.07 8.44
CA VAL D 320 27.84 8.02 9.52
C VAL D 320 28.96 7.51 10.45
N ILE D 321 28.90 6.24 10.83
CA ILE D 321 29.94 5.66 11.69
C ILE D 321 31.27 5.70 10.94
N ASP D 322 31.25 5.35 9.66
CA ASP D 322 32.46 5.36 8.84
C ASP D 322 33.12 6.73 8.84
N LEU D 323 32.31 7.78 8.73
CA LEU D 323 32.84 9.14 8.72
C LEU D 323 33.48 9.49 10.04
N ILE D 324 32.90 9.03 11.14
CA ILE D 324 33.43 9.32 12.47
C ILE D 324 34.76 8.61 12.65
N LYS D 325 34.84 7.36 12.21
CA LYS D 325 36.08 6.59 12.31
C LYS D 325 37.21 7.24 11.52
N HIS D 326 36.89 7.87 10.40
CA HIS D 326 37.90 8.52 9.58
C HIS D 326 38.35 9.79 10.29
N MET D 327 37.38 10.52 10.83
CA MET D 327 37.66 11.76 11.54
C MET D 327 38.57 11.52 12.74
N GLN D 328 38.27 10.48 13.53
CA GLN D 328 39.05 10.17 14.71
C GLN D 328 40.48 9.71 14.39
N LYS D 329 40.66 9.04 13.26
CA LYS D 329 41.99 8.58 12.85
C LYS D 329 42.81 9.80 12.44
N VAL D 330 42.15 10.82 11.91
CA VAL D 330 42.83 12.03 11.49
C VAL D 330 42.96 13.00 12.65
N ASP D 331 41.93 13.07 13.48
CA ASP D 331 41.93 13.96 14.64
C ASP D 331 42.98 13.50 15.64
N SER D 332 43.11 12.19 15.78
CA SER D 332 44.11 11.63 16.68
C SER D 332 45.19 11.05 15.75
N ALA D 333 46.04 11.94 15.23
CA ALA D 333 47.12 11.56 14.32
C ALA D 333 48.21 12.63 14.34
#